data_2EQN
#
_entry.id   2EQN
#
_entity_poly.entity_id   1
_entity_poly.type   'polypeptide(L)'
_entity_poly.pdbx_seq_one_letter_code
;GSSGSSGELPSVEELTIILPEDIELKPLGMVSSIIEQLVIIESMTNLPPVNEETVIFKSDRQAAGKIFEIFGPVAHPFYV
LRFNSSDHIESKGIKIKETMYFA
;
_entity_poly.pdbx_strand_id   A
#
# COMPACT_ATOMS: atom_id res chain seq x y z
N GLY A 1 -21.82 -4.13 -12.61
CA GLY A 1 -20.80 -4.96 -13.22
C GLY A 1 -20.77 -6.36 -12.64
N SER A 2 -19.75 -7.12 -13.00
CA SER A 2 -19.61 -8.50 -12.51
C SER A 2 -18.28 -9.10 -12.97
N SER A 3 -17.89 -10.21 -12.33
CA SER A 3 -16.64 -10.88 -12.67
C SER A 3 -16.72 -12.36 -12.30
N GLY A 4 -16.30 -13.21 -13.23
CA GLY A 4 -16.32 -14.65 -12.99
C GLY A 4 -15.46 -15.41 -13.97
N SER A 5 -14.21 -15.65 -13.60
CA SER A 5 -13.27 -16.38 -14.46
C SER A 5 -12.43 -17.36 -13.65
N SER A 6 -11.90 -18.36 -14.32
CA SER A 6 -11.07 -19.37 -13.66
C SER A 6 -9.64 -19.32 -14.19
N GLY A 7 -8.83 -18.43 -13.62
CA GLY A 7 -7.46 -18.29 -14.04
C GLY A 7 -6.75 -17.12 -13.38
N GLU A 8 -5.93 -17.41 -12.39
CA GLU A 8 -5.19 -16.37 -11.68
C GLU A 8 -3.94 -15.96 -12.45
N LEU A 9 -3.46 -14.75 -12.19
CA LEU A 9 -2.27 -14.24 -12.85
C LEU A 9 -1.12 -14.07 -11.86
N PRO A 10 0.12 -14.16 -12.38
CA PRO A 10 1.33 -14.02 -11.55
C PRO A 10 1.52 -12.59 -11.05
N SER A 11 1.23 -11.62 -11.91
CA SER A 11 1.38 -10.21 -11.56
C SER A 11 0.16 -9.72 -10.79
N VAL A 12 0.39 -8.81 -9.84
CA VAL A 12 -0.68 -8.25 -9.04
C VAL A 12 -1.63 -7.42 -9.89
N GLU A 13 -2.90 -7.39 -9.50
CA GLU A 13 -3.91 -6.63 -10.24
C GLU A 13 -3.82 -5.14 -9.90
N GLU A 14 -3.39 -4.34 -10.86
CA GLU A 14 -3.26 -2.90 -10.66
C GLU A 14 -4.43 -2.37 -9.83
N LEU A 15 -4.19 -2.23 -8.53
CA LEU A 15 -5.21 -1.73 -7.62
C LEU A 15 -5.37 -0.22 -7.76
N THR A 16 -6.45 0.19 -8.44
CA THR A 16 -6.72 1.61 -8.65
C THR A 16 -8.07 2.00 -8.08
N ILE A 17 -8.06 2.59 -6.88
CA ILE A 17 -9.28 3.01 -6.23
C ILE A 17 -9.16 4.44 -5.69
N ILE A 18 -10.07 5.31 -6.13
CA ILE A 18 -10.07 6.70 -5.71
C ILE A 18 -11.00 6.91 -4.52
N LEU A 19 -10.49 7.54 -3.48
CA LEU A 19 -11.28 7.81 -2.28
C LEU A 19 -11.92 9.19 -2.35
N PRO A 20 -13.21 9.26 -1.97
CA PRO A 20 -13.97 10.51 -1.99
C PRO A 20 -13.50 11.49 -0.91
N GLU A 21 -14.18 12.62 -0.80
CA GLU A 21 -13.83 13.63 0.19
C GLU A 21 -14.67 13.46 1.46
N ASP A 22 -15.20 12.25 1.65
CA ASP A 22 -16.01 11.96 2.82
C ASP A 22 -15.27 11.02 3.78
N ILE A 23 -14.17 10.45 3.31
CA ILE A 23 -13.37 9.55 4.13
C ILE A 23 -12.21 10.28 4.79
N GLU A 24 -11.83 9.82 5.98
CA GLU A 24 -10.73 10.42 6.72
C GLU A 24 -9.46 9.58 6.61
N LEU A 25 -8.49 10.08 5.86
CA LEU A 25 -7.23 9.37 5.67
C LEU A 25 -6.29 9.61 6.85
N LYS A 26 -5.98 8.53 7.57
CA LYS A 26 -5.08 8.62 8.72
C LYS A 26 -3.65 8.25 8.33
N PRO A 27 -2.67 8.94 8.93
CA PRO A 27 -1.25 8.70 8.67
C PRO A 27 -0.77 7.36 9.22
N LEU A 28 -0.67 6.36 8.35
CA LEU A 28 -0.23 5.03 8.76
C LEU A 28 1.26 5.04 9.10
N GLY A 29 2.05 5.71 8.27
CA GLY A 29 3.47 5.77 8.49
C GLY A 29 4.20 6.50 7.38
N MET A 30 5.34 5.95 6.97
CA MET A 30 6.14 6.56 5.92
C MET A 30 7.15 5.56 5.35
N VAL A 31 7.29 5.54 4.03
CA VAL A 31 8.22 4.63 3.37
C VAL A 31 9.60 4.71 4.00
N SER A 32 9.99 3.63 4.68
CA SER A 32 11.30 3.58 5.33
C SER A 32 12.32 2.85 4.47
N SER A 33 11.83 1.94 3.63
CA SER A 33 12.69 1.17 2.74
C SER A 33 11.90 0.59 1.58
N ILE A 34 12.61 0.02 0.61
CA ILE A 34 11.97 -0.57 -0.56
C ILE A 34 12.58 -1.93 -0.88
N ILE A 35 11.72 -2.91 -1.11
CA ILE A 35 12.17 -4.26 -1.44
C ILE A 35 12.40 -4.42 -2.93
N GLU A 36 13.23 -5.39 -3.30
CA GLU A 36 13.54 -5.65 -4.70
C GLU A 36 12.33 -5.38 -5.58
N GLN A 37 11.15 -5.74 -5.08
CA GLN A 37 9.91 -5.55 -5.82
C GLN A 37 8.86 -4.87 -4.96
N LEU A 38 8.81 -5.24 -3.68
CA LEU A 38 7.86 -4.67 -2.75
C LEU A 38 8.41 -3.39 -2.12
N VAL A 39 7.58 -2.74 -1.31
CA VAL A 39 7.99 -1.50 -0.64
C VAL A 39 7.77 -1.60 0.86
N ILE A 40 8.74 -1.12 1.64
CA ILE A 40 8.64 -1.15 3.09
C ILE A 40 8.18 0.19 3.64
N ILE A 41 7.15 0.17 4.47
CA ILE A 41 6.61 1.38 5.07
C ILE A 41 6.62 1.29 6.59
N GLU A 42 7.39 2.17 7.22
CA GLU A 42 7.49 2.20 8.68
C GLU A 42 6.32 2.96 9.29
N SER A 43 5.77 2.44 10.38
CA SER A 43 4.65 3.06 11.05
C SER A 43 5.12 4.10 12.06
N MET A 44 4.18 4.73 12.74
CA MET A 44 4.50 5.74 13.74
C MET A 44 3.87 5.41 15.09
N THR A 45 2.55 5.57 15.17
CA THR A 45 1.82 5.29 16.39
C THR A 45 0.32 5.46 16.20
N ASN A 46 -0.46 5.03 17.18
CA ASN A 46 -1.91 5.14 17.12
C ASN A 46 -2.45 4.43 15.88
N LEU A 47 -1.76 3.38 15.45
CA LEU A 47 -2.17 2.62 14.28
C LEU A 47 -3.23 1.57 14.65
N PRO A 48 -4.34 1.57 13.92
CA PRO A 48 -5.43 0.62 14.15
C PRO A 48 -5.06 -0.81 13.76
N PRO A 49 -5.77 -1.78 14.35
CA PRO A 49 -5.53 -3.20 14.09
C PRO A 49 -5.96 -3.61 12.69
N VAL A 50 -5.10 -3.32 11.71
CA VAL A 50 -5.39 -3.66 10.32
C VAL A 50 -4.60 -4.88 9.88
N ASN A 51 -5.25 -5.76 9.11
CA ASN A 51 -4.61 -6.97 8.62
C ASN A 51 -4.07 -6.77 7.21
N GLU A 52 -3.43 -7.81 6.67
CA GLU A 52 -2.87 -7.74 5.32
C GLU A 52 -3.92 -7.26 4.32
N GLU A 53 -5.07 -7.93 4.30
CA GLU A 53 -6.15 -7.57 3.39
C GLU A 53 -6.34 -6.06 3.34
N THR A 54 -5.91 -5.38 4.40
CA THR A 54 -6.04 -3.93 4.50
C THR A 54 -5.31 -3.25 3.34
N VAL A 55 -6.03 -2.38 2.63
CA VAL A 55 -5.46 -1.66 1.50
C VAL A 55 -4.87 -0.32 1.94
N ILE A 56 -3.67 -0.02 1.43
CA ILE A 56 -3.00 1.22 1.77
C ILE A 56 -3.21 2.28 0.70
N PHE A 57 -3.81 3.40 1.08
CA PHE A 57 -4.08 4.49 0.15
C PHE A 57 -2.93 5.50 0.15
N LYS A 58 -2.64 6.06 -1.02
CA LYS A 58 -1.57 7.03 -1.16
C LYS A 58 -2.03 8.41 -0.68
N SER A 59 -1.11 9.37 -0.72
CA SER A 59 -1.41 10.73 -0.28
C SER A 59 -2.37 11.42 -1.26
N ASP A 60 -2.34 10.95 -2.51
CA ASP A 60 -3.21 11.52 -3.54
C ASP A 60 -4.54 10.77 -3.61
N ARG A 61 -4.87 10.08 -2.52
CA ARG A 61 -6.12 9.31 -2.47
C ARG A 61 -6.16 8.25 -3.55
N GLN A 62 -5.06 7.51 -3.70
CA GLN A 62 -4.98 6.46 -4.71
C GLN A 62 -4.47 5.16 -4.10
N ALA A 63 -5.32 4.14 -4.11
CA ALA A 63 -4.95 2.83 -3.55
C ALA A 63 -3.64 2.35 -4.15
N ALA A 64 -2.55 2.58 -3.43
CA ALA A 64 -1.23 2.16 -3.88
C ALA A 64 -1.14 0.64 -3.97
N GLY A 65 -1.85 -0.04 -3.08
CA GLY A 65 -1.84 -1.49 -3.08
C GLY A 65 -2.15 -2.07 -1.70
N LYS A 66 -2.39 -3.38 -1.65
CA LYS A 66 -2.70 -4.05 -0.40
C LYS A 66 -1.42 -4.50 0.31
N ILE A 67 -1.49 -4.63 1.62
CA ILE A 67 -0.34 -5.05 2.42
C ILE A 67 0.17 -6.41 1.96
N PHE A 68 1.37 -6.42 1.40
CA PHE A 68 1.98 -7.66 0.92
C PHE A 68 2.50 -8.50 2.08
N GLU A 69 2.93 -7.83 3.14
CA GLU A 69 3.45 -8.51 4.32
C GLU A 69 3.76 -7.52 5.43
N ILE A 70 3.65 -7.98 6.68
CA ILE A 70 3.92 -7.13 7.84
C ILE A 70 4.92 -7.78 8.77
N PHE A 71 5.89 -6.99 9.24
CA PHE A 71 6.91 -7.49 10.15
C PHE A 71 7.31 -6.42 11.16
N GLY A 72 8.04 -6.83 12.19
CA GLY A 72 8.47 -5.91 13.22
C GLY A 72 7.72 -6.09 14.53
N PRO A 73 7.86 -5.11 15.43
CA PRO A 73 7.19 -5.15 16.74
C PRO A 73 5.68 -4.97 16.63
N VAL A 74 5.04 -4.65 17.75
CA VAL A 74 3.60 -4.45 17.78
C VAL A 74 3.25 -2.97 17.91
N ALA A 75 4.26 -2.16 18.21
CA ALA A 75 4.06 -0.73 18.36
C ALA A 75 4.72 0.05 17.21
N HIS A 76 5.81 -0.49 16.70
CA HIS A 76 6.53 0.14 15.60
C HIS A 76 6.77 -0.85 14.46
N PRO A 77 5.71 -1.56 14.06
CA PRO A 77 5.78 -2.55 12.98
C PRO A 77 5.99 -1.90 11.62
N PHE A 78 6.15 -2.74 10.59
CA PHE A 78 6.36 -2.24 9.23
C PHE A 78 5.48 -2.99 8.24
N TYR A 79 4.76 -2.23 7.42
CA TYR A 79 3.88 -2.82 6.42
C TYR A 79 4.53 -2.82 5.03
N VAL A 80 4.34 -3.90 4.30
CA VAL A 80 4.91 -4.03 2.97
C VAL A 80 3.83 -3.86 1.90
N LEU A 81 4.25 -3.38 0.72
CA LEU A 81 3.31 -3.16 -0.38
C LEU A 81 3.67 -4.06 -1.56
N ARG A 82 2.64 -4.61 -2.21
CA ARG A 82 2.84 -5.48 -3.36
C ARG A 82 2.99 -4.66 -4.64
N PHE A 83 3.92 -5.07 -5.50
CA PHE A 83 4.17 -4.39 -6.76
C PHE A 83 4.88 -5.30 -7.75
N ASN A 84 4.39 -5.30 -8.99
CA ASN A 84 4.98 -6.13 -10.04
C ASN A 84 6.50 -5.98 -10.06
N SER A 85 6.97 -4.74 -10.06
CA SER A 85 8.40 -4.46 -10.08
C SER A 85 8.68 -3.04 -9.61
N SER A 86 9.96 -2.66 -9.63
CA SER A 86 10.37 -1.32 -9.21
C SER A 86 9.55 -0.25 -9.92
N ASP A 87 9.46 -0.37 -11.24
CA ASP A 87 8.71 0.58 -12.05
C ASP A 87 7.33 0.82 -11.45
N HIS A 88 6.56 -0.25 -11.27
CA HIS A 88 5.23 -0.16 -10.70
C HIS A 88 5.18 0.88 -9.59
N ILE A 89 6.27 1.00 -8.85
CA ILE A 89 6.35 1.95 -7.75
C ILE A 89 6.59 3.37 -8.27
N GLU A 90 7.67 3.55 -9.02
CA GLU A 90 8.01 4.85 -9.58
C GLU A 90 6.75 5.56 -10.09
N SER A 91 5.91 4.82 -10.80
CA SER A 91 4.68 5.38 -11.35
C SER A 91 3.77 5.89 -10.23
N LYS A 92 3.40 5.00 -9.33
CA LYS A 92 2.53 5.35 -8.21
C LYS A 92 3.03 6.61 -7.52
N GLY A 93 4.33 6.85 -7.60
CA GLY A 93 4.91 8.03 -6.97
C GLY A 93 5.41 7.76 -5.56
N ILE A 94 5.37 6.49 -5.17
CA ILE A 94 5.84 6.11 -3.84
C ILE A 94 7.36 6.10 -3.76
N LYS A 95 7.88 6.53 -2.61
CA LYS A 95 9.33 6.58 -2.40
C LYS A 95 9.66 6.85 -0.94
N ILE A 96 10.94 6.85 -0.62
CA ILE A 96 11.40 7.10 0.74
C ILE A 96 10.91 8.47 1.24
N LYS A 97 10.54 8.53 2.51
CA LYS A 97 10.05 9.77 3.11
C LYS A 97 8.68 10.13 2.57
N GLU A 98 7.87 9.10 2.31
CA GLU A 98 6.51 9.31 1.80
C GLU A 98 5.47 8.79 2.78
N THR A 99 4.73 9.72 3.38
CA THR A 99 3.70 9.35 4.35
C THR A 99 2.46 8.79 3.64
N MET A 100 2.05 7.60 4.06
CA MET A 100 0.88 6.95 3.47
C MET A 100 -0.30 6.99 4.42
N TYR A 101 -1.47 6.56 3.95
CA TYR A 101 -2.68 6.55 4.76
C TYR A 101 -3.58 5.38 4.39
N PHE A 102 -4.61 5.16 5.19
CA PHE A 102 -5.56 4.07 4.94
C PHE A 102 -6.99 4.54 5.13
N ALA A 103 -7.94 3.69 4.76
CA ALA A 103 -9.36 4.02 4.88
C ALA A 103 -10.09 2.95 5.69
N GLY A 1 -17.02 -4.33 -25.90
CA GLY A 1 -17.31 -5.05 -24.68
C GLY A 1 -16.31 -6.16 -24.41
N SER A 2 -16.24 -6.60 -23.16
CA SER A 2 -15.32 -7.66 -22.78
C SER A 2 -15.21 -8.71 -23.87
N SER A 3 -14.03 -9.32 -23.99
CA SER A 3 -13.79 -10.34 -25.00
C SER A 3 -13.84 -11.74 -24.39
N GLY A 4 -14.66 -12.61 -24.97
CA GLY A 4 -14.78 -13.96 -24.48
C GLY A 4 -15.44 -14.02 -23.12
N SER A 5 -14.91 -14.86 -22.23
CA SER A 5 -15.46 -15.01 -20.90
C SER A 5 -14.36 -14.93 -19.84
N SER A 6 -13.31 -15.73 -20.03
CA SER A 6 -12.19 -15.76 -19.10
C SER A 6 -11.00 -14.96 -19.65
N GLY A 7 -10.03 -14.69 -18.78
CA GLY A 7 -8.87 -13.94 -19.20
C GLY A 7 -8.07 -13.39 -18.03
N GLU A 8 -6.77 -13.66 -18.00
CA GLU A 8 -5.91 -13.20 -16.93
C GLU A 8 -4.58 -12.67 -17.48
N LEU A 9 -3.88 -11.90 -16.67
CA LEU A 9 -2.60 -11.33 -17.07
C LEU A 9 -1.49 -11.72 -16.09
N PRO A 10 -0.25 -11.70 -16.56
CA PRO A 10 0.92 -12.04 -15.73
C PRO A 10 1.20 -10.99 -14.67
N SER A 11 1.09 -9.71 -15.06
CA SER A 11 1.34 -8.60 -14.15
C SER A 11 0.26 -8.55 -13.06
N VAL A 12 0.70 -8.42 -11.81
CA VAL A 12 -0.22 -8.34 -10.69
C VAL A 12 -1.39 -7.42 -10.99
N GLU A 13 -2.59 -7.84 -10.59
CA GLU A 13 -3.79 -7.05 -10.82
C GLU A 13 -3.65 -5.65 -10.21
N GLU A 14 -3.09 -4.73 -10.98
CA GLU A 14 -2.89 -3.36 -10.51
C GLU A 14 -4.10 -2.87 -9.72
N LEU A 15 -3.85 -2.36 -8.52
CA LEU A 15 -4.93 -1.85 -7.67
C LEU A 15 -5.09 -0.35 -7.83
N THR A 16 -6.14 0.05 -8.54
CA THR A 16 -6.42 1.47 -8.78
C THR A 16 -7.78 1.85 -8.22
N ILE A 17 -7.79 2.44 -7.03
CA ILE A 17 -9.03 2.86 -6.40
C ILE A 17 -8.92 4.29 -5.87
N ILE A 18 -9.86 5.14 -6.28
CA ILE A 18 -9.86 6.53 -5.85
C ILE A 18 -10.85 6.75 -4.70
N LEU A 19 -10.40 7.45 -3.67
CA LEU A 19 -11.24 7.73 -2.52
C LEU A 19 -11.82 9.14 -2.59
N PRO A 20 -13.13 9.26 -2.29
CA PRO A 20 -13.83 10.54 -2.30
C PRO A 20 -13.38 11.47 -1.18
N GLU A 21 -14.02 12.63 -1.09
CA GLU A 21 -13.68 13.61 -0.06
C GLU A 21 -14.55 13.42 1.18
N ASP A 22 -15.22 12.27 1.25
CA ASP A 22 -16.08 11.96 2.38
C ASP A 22 -15.39 11.02 3.36
N ILE A 23 -14.25 10.48 2.94
CA ILE A 23 -13.48 9.57 3.78
C ILE A 23 -12.32 10.30 4.45
N GLU A 24 -11.98 9.85 5.66
CA GLU A 24 -10.87 10.46 6.40
C GLU A 24 -9.63 9.57 6.35
N LEU A 25 -8.58 10.06 5.70
CA LEU A 25 -7.34 9.32 5.58
C LEU A 25 -6.43 9.58 6.77
N LYS A 26 -6.07 8.51 7.48
CA LYS A 26 -5.21 8.61 8.65
C LYS A 26 -3.77 8.26 8.29
N PRO A 27 -2.81 8.97 8.90
CA PRO A 27 -1.38 8.75 8.66
C PRO A 27 -0.89 7.42 9.24
N LEU A 28 -0.79 6.42 8.38
CA LEU A 28 -0.33 5.09 8.81
C LEU A 28 1.14 5.12 9.20
N GLY A 29 1.96 5.76 8.36
CA GLY A 29 3.38 5.85 8.63
C GLY A 29 4.14 6.59 7.55
N MET A 30 5.27 6.04 7.13
CA MET A 30 6.10 6.67 6.09
C MET A 30 7.10 5.67 5.53
N VAL A 31 7.29 5.70 4.21
CA VAL A 31 8.22 4.80 3.56
C VAL A 31 9.60 4.87 4.21
N SER A 32 10.16 3.70 4.53
CA SER A 32 11.46 3.62 5.15
C SER A 32 12.45 2.84 4.29
N SER A 33 11.92 1.90 3.51
CA SER A 33 12.75 1.09 2.62
C SER A 33 11.92 0.54 1.46
N ILE A 34 12.61 -0.02 0.47
CA ILE A 34 11.95 -0.58 -0.70
C ILE A 34 12.55 -1.93 -1.06
N ILE A 35 11.67 -2.91 -1.31
CA ILE A 35 12.11 -4.25 -1.68
C ILE A 35 12.32 -4.37 -3.18
N GLU A 36 13.13 -5.33 -3.59
CA GLU A 36 13.41 -5.56 -5.00
C GLU A 36 12.18 -5.25 -5.85
N GLN A 37 11.02 -5.65 -5.36
CA GLN A 37 9.77 -5.41 -6.08
C GLN A 37 8.73 -4.76 -5.18
N LEU A 38 8.71 -5.17 -3.91
CA LEU A 38 7.77 -4.63 -2.94
C LEU A 38 8.34 -3.38 -2.27
N VAL A 39 7.53 -2.73 -1.44
CA VAL A 39 7.95 -1.53 -0.74
C VAL A 39 7.78 -1.67 0.76
N ILE A 40 8.70 -1.09 1.52
CA ILE A 40 8.65 -1.15 2.97
C ILE A 40 8.22 0.18 3.57
N ILE A 41 7.15 0.14 4.37
CA ILE A 41 6.63 1.33 5.01
C ILE A 41 6.69 1.22 6.53
N GLU A 42 7.36 2.18 7.16
CA GLU A 42 7.49 2.19 8.61
C GLU A 42 6.30 2.90 9.27
N SER A 43 5.94 2.46 10.46
CA SER A 43 4.83 3.06 11.19
C SER A 43 5.33 4.05 12.24
N MET A 44 4.38 4.71 12.91
CA MET A 44 4.73 5.68 13.94
C MET A 44 4.07 5.32 15.26
N THR A 45 2.75 5.49 15.33
CA THR A 45 2.00 5.18 16.54
C THR A 45 0.50 5.37 16.33
N ASN A 46 -0.29 4.94 17.31
CA ASN A 46 -1.74 5.06 17.23
C ASN A 46 -2.27 4.36 15.98
N LEU A 47 -1.55 3.35 15.52
CA LEU A 47 -1.95 2.60 14.33
C LEU A 47 -2.99 1.54 14.68
N PRO A 48 -4.11 1.54 13.93
CA PRO A 48 -5.20 0.58 14.13
C PRO A 48 -4.81 -0.84 13.75
N PRO A 49 -5.51 -1.82 14.32
CA PRO A 49 -5.27 -3.25 14.05
C PRO A 49 -5.67 -3.65 12.64
N VAL A 50 -4.81 -3.33 11.67
CA VAL A 50 -5.08 -3.67 10.28
C VAL A 50 -4.31 -4.91 9.85
N ASN A 51 -4.93 -5.74 9.02
CA ASN A 51 -4.30 -6.96 8.53
C ASN A 51 -3.81 -6.78 7.10
N GLU A 52 -3.25 -7.85 6.54
CA GLU A 52 -2.74 -7.81 5.17
C GLU A 52 -3.81 -7.34 4.20
N GLU A 53 -4.96 -8.01 4.23
CA GLU A 53 -6.07 -7.66 3.34
C GLU A 53 -6.28 -6.15 3.31
N THR A 54 -5.83 -5.47 4.37
CA THR A 54 -5.97 -4.03 4.47
C THR A 54 -5.32 -3.33 3.29
N VAL A 55 -6.02 -2.37 2.70
CA VAL A 55 -5.50 -1.62 1.57
C VAL A 55 -4.80 -0.34 2.02
N ILE A 56 -3.78 0.07 1.27
CA ILE A 56 -3.03 1.27 1.60
C ILE A 56 -3.26 2.36 0.56
N PHE A 57 -3.76 3.50 1.01
CA PHE A 57 -4.03 4.63 0.11
C PHE A 57 -2.86 5.61 0.12
N LYS A 58 -2.59 6.21 -1.04
CA LYS A 58 -1.51 7.17 -1.17
C LYS A 58 -1.96 8.56 -0.73
N SER A 59 -1.01 9.47 -0.60
CA SER A 59 -1.32 10.84 -0.19
C SER A 59 -2.17 11.54 -1.24
N ASP A 60 -2.20 10.99 -2.44
CA ASP A 60 -2.98 11.55 -3.53
C ASP A 60 -4.35 10.87 -3.65
N ARG A 61 -4.77 10.21 -2.56
CA ARG A 61 -6.04 9.52 -2.54
C ARG A 61 -6.09 8.44 -3.62
N GLN A 62 -5.00 7.68 -3.74
CA GLN A 62 -4.92 6.62 -4.73
C GLN A 62 -4.45 5.32 -4.09
N ALA A 63 -5.28 4.29 -4.16
CA ALA A 63 -4.95 2.99 -3.59
C ALA A 63 -3.64 2.46 -4.15
N ALA A 64 -2.56 2.68 -3.43
CA ALA A 64 -1.24 2.22 -3.87
C ALA A 64 -1.20 0.70 -3.98
N GLY A 65 -1.89 0.02 -3.07
CA GLY A 65 -1.92 -1.43 -3.10
C GLY A 65 -2.20 -2.02 -1.73
N LYS A 66 -2.53 -3.30 -1.70
CA LYS A 66 -2.81 -4.00 -0.45
C LYS A 66 -1.53 -4.52 0.19
N ILE A 67 -1.54 -4.65 1.51
CA ILE A 67 -0.38 -5.13 2.24
C ILE A 67 0.02 -6.53 1.78
N PHE A 68 1.28 -6.69 1.43
CA PHE A 68 1.79 -7.98 0.97
C PHE A 68 2.40 -8.77 2.11
N GLU A 69 2.86 -8.05 3.14
CA GLU A 69 3.47 -8.69 4.30
C GLU A 69 3.73 -7.67 5.40
N ILE A 70 3.72 -8.12 6.65
CA ILE A 70 3.96 -7.25 7.79
C ILE A 70 4.96 -7.86 8.75
N PHE A 71 5.90 -7.05 9.22
CA PHE A 71 6.92 -7.52 10.15
C PHE A 71 7.30 -6.41 11.14
N GLY A 72 8.13 -6.76 12.12
CA GLY A 72 8.56 -5.80 13.11
C GLY A 72 7.86 -5.99 14.45
N PRO A 73 7.96 -4.98 15.32
CA PRO A 73 7.34 -5.01 16.65
C PRO A 73 5.82 -4.95 16.58
N VAL A 74 5.19 -4.64 17.71
CA VAL A 74 3.74 -4.55 17.79
C VAL A 74 3.29 -3.09 17.92
N ALA A 75 4.26 -2.19 18.09
CA ALA A 75 3.96 -0.77 18.23
C ALA A 75 4.52 0.03 17.05
N HIS A 76 5.65 -0.43 16.52
CA HIS A 76 6.28 0.24 15.38
C HIS A 76 6.56 -0.76 14.25
N PRO A 77 5.56 -1.58 13.93
CA PRO A 77 5.67 -2.58 12.87
C PRO A 77 5.73 -1.95 11.48
N PHE A 78 6.37 -2.66 10.54
CA PHE A 78 6.50 -2.16 9.18
C PHE A 78 5.63 -2.99 8.22
N TYR A 79 4.88 -2.30 7.38
CA TYR A 79 4.01 -2.96 6.41
C TYR A 79 4.62 -2.95 5.03
N VAL A 80 4.41 -4.02 4.27
CA VAL A 80 4.94 -4.12 2.92
C VAL A 80 3.83 -3.98 1.87
N LEU A 81 4.18 -3.40 0.73
CA LEU A 81 3.22 -3.20 -0.35
C LEU A 81 3.53 -4.10 -1.54
N ARG A 82 2.49 -4.59 -2.21
CA ARG A 82 2.66 -5.46 -3.36
C ARG A 82 2.96 -4.64 -4.62
N PHE A 83 3.82 -5.17 -5.48
CA PHE A 83 4.18 -4.49 -6.71
C PHE A 83 4.94 -5.43 -7.65
N ASN A 84 4.74 -5.25 -8.95
CA ASN A 84 5.39 -6.08 -9.95
C ASN A 84 6.91 -5.88 -9.92
N SER A 85 7.33 -4.62 -10.03
CA SER A 85 8.75 -4.28 -10.02
C SER A 85 8.95 -2.82 -9.65
N SER A 86 10.21 -2.47 -9.35
CA SER A 86 10.55 -1.10 -8.97
C SER A 86 9.72 -0.10 -9.78
N ASP A 87 9.44 -0.43 -11.03
CA ASP A 87 8.67 0.43 -11.91
C ASP A 87 7.27 0.68 -11.33
N HIS A 88 6.53 -0.41 -11.13
CA HIS A 88 5.17 -0.31 -10.58
C HIS A 88 5.12 0.72 -9.46
N ILE A 89 6.23 0.88 -8.74
CA ILE A 89 6.31 1.83 -7.65
C ILE A 89 6.48 3.26 -8.16
N GLU A 90 7.57 3.49 -8.89
CA GLU A 90 7.85 4.82 -9.44
C GLU A 90 6.57 5.47 -9.96
N SER A 91 5.89 4.78 -10.88
CA SER A 91 4.65 5.30 -11.46
C SER A 91 3.73 5.84 -10.37
N LYS A 92 3.52 5.04 -9.33
CA LYS A 92 2.66 5.42 -8.23
C LYS A 92 3.18 6.69 -7.54
N GLY A 93 4.50 6.86 -7.57
CA GLY A 93 5.11 8.03 -6.95
C GLY A 93 5.59 7.75 -5.54
N ILE A 94 5.50 6.49 -5.11
CA ILE A 94 5.92 6.10 -3.78
C ILE A 94 7.44 6.10 -3.68
N LYS A 95 7.95 6.49 -2.51
CA LYS A 95 9.38 6.53 -2.27
C LYS A 95 9.69 6.81 -0.80
N ILE A 96 10.97 6.75 -0.45
CA ILE A 96 11.39 7.00 0.93
C ILE A 96 10.91 8.37 1.42
N LYS A 97 10.54 8.44 2.69
CA LYS A 97 10.07 9.69 3.28
C LYS A 97 8.72 10.09 2.68
N GLU A 98 7.82 9.12 2.56
CA GLU A 98 6.49 9.38 2.01
C GLU A 98 5.40 8.87 2.95
N THR A 99 4.71 9.81 3.58
CA THR A 99 3.63 9.46 4.52
C THR A 99 2.42 8.92 3.77
N MET A 100 2.02 7.69 4.10
CA MET A 100 0.87 7.07 3.47
C MET A 100 -0.34 7.07 4.40
N TYR A 101 -1.48 6.66 3.88
CA TYR A 101 -2.72 6.63 4.67
C TYR A 101 -3.58 5.44 4.27
N PHE A 102 -4.60 5.16 5.07
CA PHE A 102 -5.51 4.05 4.81
C PHE A 102 -6.96 4.47 5.01
N ALA A 103 -7.88 3.56 4.69
CA ALA A 103 -9.30 3.83 4.84
C ALA A 103 -10.02 2.68 5.54
N GLY A 1 -25.43 -4.78 -20.23
CA GLY A 1 -25.46 -6.01 -20.99
C GLY A 1 -24.85 -7.18 -20.24
N SER A 2 -23.53 -7.27 -20.28
CA SER A 2 -22.82 -8.35 -19.60
C SER A 2 -21.30 -8.15 -19.69
N SER A 3 -20.55 -9.06 -19.07
CA SER A 3 -19.11 -8.97 -19.06
C SER A 3 -18.48 -10.35 -18.87
N GLY A 4 -17.19 -10.45 -19.17
CA GLY A 4 -16.49 -11.73 -19.03
C GLY A 4 -14.99 -11.57 -19.09
N SER A 5 -14.27 -12.62 -18.71
CA SER A 5 -12.81 -12.59 -18.71
C SER A 5 -12.25 -13.96 -19.13
N SER A 6 -10.94 -14.01 -19.34
CA SER A 6 -10.28 -15.24 -19.74
C SER A 6 -9.08 -15.53 -18.84
N GLY A 7 -9.25 -16.46 -17.90
CA GLY A 7 -8.17 -16.81 -17.00
C GLY A 7 -7.70 -15.63 -16.17
N GLU A 8 -6.39 -15.48 -16.04
CA GLU A 8 -5.83 -14.38 -15.26
C GLU A 8 -4.35 -14.20 -15.57
N LEU A 9 -3.84 -12.99 -15.38
CA LEU A 9 -2.44 -12.68 -15.64
C LEU A 9 -1.61 -12.84 -14.37
N PRO A 10 -0.30 -13.09 -14.54
CA PRO A 10 0.62 -13.26 -13.43
C PRO A 10 0.88 -11.95 -12.68
N SER A 11 0.95 -10.86 -13.42
CA SER A 11 1.19 -9.54 -12.82
C SER A 11 0.04 -9.16 -11.89
N VAL A 12 0.40 -8.66 -10.70
CA VAL A 12 -0.59 -8.26 -9.72
C VAL A 12 -1.62 -7.32 -10.34
N GLU A 13 -2.85 -7.39 -9.83
CA GLU A 13 -3.93 -6.55 -10.33
C GLU A 13 -3.76 -5.11 -9.86
N GLU A 14 -3.15 -4.28 -10.72
CA GLU A 14 -2.92 -2.88 -10.39
C GLU A 14 -4.11 -2.30 -9.62
N LEU A 15 -3.97 -2.23 -8.31
CA LEU A 15 -5.03 -1.69 -7.46
C LEU A 15 -5.13 -0.17 -7.59
N THR A 16 -6.15 0.29 -8.28
CA THR A 16 -6.36 1.72 -8.49
C THR A 16 -7.74 2.15 -8.01
N ILE A 17 -7.79 2.77 -6.84
CA ILE A 17 -9.04 3.23 -6.27
C ILE A 17 -8.91 4.64 -5.72
N ILE A 18 -9.77 5.54 -6.20
CA ILE A 18 -9.76 6.93 -5.76
C ILE A 18 -10.74 7.16 -4.61
N LEU A 19 -10.29 7.88 -3.59
CA LEU A 19 -11.13 8.17 -2.43
C LEU A 19 -11.62 9.61 -2.47
N PRO A 20 -12.92 9.80 -2.18
CA PRO A 20 -13.54 11.12 -2.16
C PRO A 20 -13.06 11.98 -1.00
N GLU A 21 -13.64 13.17 -0.87
CA GLU A 21 -13.26 14.08 0.21
C GLU A 21 -14.16 13.89 1.43
N ASP A 22 -14.90 12.78 1.43
CA ASP A 22 -15.79 12.47 2.54
C ASP A 22 -15.16 11.47 3.49
N ILE A 23 -14.05 10.87 3.05
CA ILE A 23 -13.35 9.88 3.86
C ILE A 23 -12.17 10.52 4.59
N GLU A 24 -11.87 10.00 5.78
CA GLU A 24 -10.75 10.51 6.58
C GLU A 24 -9.55 9.59 6.47
N LEU A 25 -8.46 10.12 5.90
CA LEU A 25 -7.23 9.35 5.75
C LEU A 25 -6.30 9.56 6.93
N LYS A 26 -6.05 8.48 7.68
CA LYS A 26 -5.17 8.55 8.84
C LYS A 26 -3.74 8.20 8.45
N PRO A 27 -2.77 8.91 9.05
CA PRO A 27 -1.34 8.69 8.79
C PRO A 27 -0.85 7.36 9.36
N LEU A 28 -0.79 6.34 8.49
CA LEU A 28 -0.32 5.02 8.91
C LEU A 28 1.17 5.03 9.21
N GLY A 29 1.93 5.72 8.36
CA GLY A 29 3.37 5.81 8.55
C GLY A 29 4.07 6.44 7.37
N MET A 30 5.39 6.27 7.31
CA MET A 30 6.18 6.84 6.22
C MET A 30 7.14 5.81 5.65
N VAL A 31 7.31 5.81 4.33
CA VAL A 31 8.21 4.88 3.67
C VAL A 31 9.58 4.88 4.32
N SER A 32 10.04 3.70 4.73
CA SER A 32 11.34 3.56 5.37
C SER A 32 12.32 2.84 4.46
N SER A 33 11.83 1.85 3.73
CA SER A 33 12.68 1.08 2.82
C SER A 33 11.85 0.55 1.64
N ILE A 34 12.55 -0.01 0.65
CA ILE A 34 11.88 -0.55 -0.53
C ILE A 34 12.49 -1.88 -0.93
N ILE A 35 11.65 -2.87 -1.18
CA ILE A 35 12.11 -4.19 -1.59
C ILE A 35 12.30 -4.27 -3.10
N GLU A 36 13.15 -5.19 -3.53
CA GLU A 36 13.41 -5.38 -4.96
C GLU A 36 12.15 -5.15 -5.78
N GLN A 37 11.03 -5.68 -5.29
CA GLN A 37 9.75 -5.54 -5.99
C GLN A 37 8.71 -4.87 -5.09
N LEU A 38 8.75 -5.21 -3.80
CA LEU A 38 7.81 -4.65 -2.84
C LEU A 38 8.38 -3.39 -2.20
N VAL A 39 7.58 -2.73 -1.36
CA VAL A 39 8.00 -1.52 -0.68
C VAL A 39 7.79 -1.64 0.82
N ILE A 40 8.74 -1.09 1.59
CA ILE A 40 8.66 -1.14 3.04
C ILE A 40 8.20 0.20 3.60
N ILE A 41 7.14 0.17 4.42
CA ILE A 41 6.61 1.38 5.03
C ILE A 41 6.69 1.31 6.55
N GLU A 42 7.47 2.22 7.13
CA GLU A 42 7.63 2.27 8.58
C GLU A 42 6.47 3.02 9.23
N SER A 43 5.82 2.36 10.20
CA SER A 43 4.69 2.97 10.90
C SER A 43 5.17 3.92 11.99
N MET A 44 4.27 4.77 12.47
CA MET A 44 4.60 5.72 13.51
C MET A 44 4.02 5.29 14.85
N THR A 45 2.70 5.41 14.98
CA THR A 45 2.02 5.03 16.22
C THR A 45 0.51 5.16 16.08
N ASN A 46 -0.22 4.84 17.15
CA ASN A 46 -1.67 4.93 17.14
C ASN A 46 -2.25 4.28 15.89
N LEU A 47 -1.62 3.21 15.44
CA LEU A 47 -2.06 2.49 14.26
C LEU A 47 -3.17 1.50 14.61
N PRO A 48 -4.29 1.56 13.87
CA PRO A 48 -5.43 0.67 14.09
C PRO A 48 -5.13 -0.77 13.68
N PRO A 49 -5.97 -1.70 14.17
CA PRO A 49 -5.81 -3.13 13.87
C PRO A 49 -6.14 -3.46 12.42
N VAL A 50 -5.18 -3.20 11.53
CA VAL A 50 -5.37 -3.47 10.11
C VAL A 50 -4.62 -4.74 9.69
N ASN A 51 -5.31 -5.59 8.94
CA ASN A 51 -4.71 -6.84 8.47
C ASN A 51 -4.16 -6.68 7.05
N GLU A 52 -3.49 -7.72 6.57
CA GLU A 52 -2.91 -7.69 5.23
C GLU A 52 -3.94 -7.25 4.20
N GLU A 53 -5.11 -7.88 4.24
CA GLU A 53 -6.18 -7.55 3.30
C GLU A 53 -6.41 -6.05 3.25
N THR A 54 -5.98 -5.35 4.30
CA THR A 54 -6.15 -3.90 4.37
C THR A 54 -5.44 -3.21 3.21
N VAL A 55 -6.15 -2.31 2.53
CA VAL A 55 -5.59 -1.58 1.41
C VAL A 55 -4.89 -0.30 1.87
N ILE A 56 -3.75 0.00 1.26
CA ILE A 56 -2.99 1.20 1.61
C ILE A 56 -3.20 2.30 0.58
N PHE A 57 -3.71 3.44 1.04
CA PHE A 57 -3.95 4.58 0.16
C PHE A 57 -2.78 5.54 0.16
N LYS A 58 -2.58 6.23 -0.95
CA LYS A 58 -1.49 7.19 -1.07
C LYS A 58 -1.93 8.59 -0.62
N SER A 59 -0.98 9.52 -0.60
CA SER A 59 -1.27 10.89 -0.18
C SER A 59 -2.19 11.57 -1.18
N ASP A 60 -2.20 11.08 -2.41
CA ASP A 60 -3.03 11.65 -3.46
C ASP A 60 -4.39 10.94 -3.53
N ARG A 61 -4.71 10.22 -2.46
CA ARG A 61 -5.98 9.49 -2.40
C ARG A 61 -6.01 8.38 -3.44
N GLN A 62 -4.86 7.78 -3.71
CA GLN A 62 -4.77 6.71 -4.69
C GLN A 62 -4.34 5.40 -4.03
N ALA A 63 -5.20 4.39 -4.11
CA ALA A 63 -4.92 3.09 -3.53
C ALA A 63 -3.58 2.55 -4.01
N ALA A 64 -2.52 2.78 -3.23
CA ALA A 64 -1.19 2.31 -3.58
C ALA A 64 -1.17 0.80 -3.77
N GLY A 65 -1.91 0.09 -2.93
CA GLY A 65 -1.97 -1.35 -3.01
C GLY A 65 -2.24 -2.01 -1.68
N LYS A 66 -2.58 -3.30 -1.71
CA LYS A 66 -2.87 -4.03 -0.48
C LYS A 66 -1.59 -4.56 0.15
N ILE A 67 -1.58 -4.64 1.47
CA ILE A 67 -0.41 -5.13 2.20
C ILE A 67 0.00 -6.52 1.71
N PHE A 68 1.30 -6.74 1.60
CA PHE A 68 1.83 -8.02 1.14
C PHE A 68 2.45 -8.80 2.29
N GLU A 69 2.94 -8.07 3.30
CA GLU A 69 3.56 -8.70 4.46
C GLU A 69 3.77 -7.68 5.57
N ILE A 70 3.71 -8.16 6.81
CA ILE A 70 3.91 -7.29 7.97
C ILE A 70 4.94 -7.86 8.93
N PHE A 71 5.93 -7.04 9.30
CA PHE A 71 6.98 -7.48 10.21
C PHE A 71 7.33 -6.37 11.19
N GLY A 72 8.17 -6.70 12.17
CA GLY A 72 8.58 -5.72 13.16
C GLY A 72 7.88 -5.94 14.49
N PRO A 73 7.94 -4.92 15.36
CA PRO A 73 7.32 -4.97 16.70
C PRO A 73 5.80 -4.95 16.62
N VAL A 74 5.16 -4.66 17.75
CA VAL A 74 3.70 -4.60 17.81
C VAL A 74 3.21 -3.15 17.94
N ALA A 75 4.16 -2.24 18.12
CA ALA A 75 3.82 -0.82 18.25
C ALA A 75 4.37 -0.01 17.08
N HIS A 76 5.50 -0.45 16.54
CA HIS A 76 6.13 0.24 15.42
C HIS A 76 6.44 -0.74 14.30
N PRO A 77 5.46 -1.60 13.96
CA PRO A 77 5.60 -2.60 12.91
C PRO A 77 5.65 -1.96 11.51
N PHE A 78 6.32 -2.64 10.58
CA PHE A 78 6.44 -2.15 9.22
C PHE A 78 5.61 -3.00 8.25
N TYR A 79 4.86 -2.33 7.39
CA TYR A 79 4.01 -3.02 6.42
C TYR A 79 4.64 -2.98 5.03
N VAL A 80 4.44 -4.06 4.27
CA VAL A 80 4.99 -4.15 2.92
C VAL A 80 3.88 -4.01 1.87
N LEU A 81 4.24 -3.44 0.72
CA LEU A 81 3.29 -3.24 -0.36
C LEU A 81 3.64 -4.13 -1.55
N ARG A 82 2.61 -4.60 -2.25
CA ARG A 82 2.80 -5.45 -3.42
C ARG A 82 3.01 -4.62 -4.69
N PHE A 83 3.92 -5.05 -5.53
CA PHE A 83 4.21 -4.35 -6.77
C PHE A 83 4.96 -5.25 -7.76
N ASN A 84 4.47 -5.31 -8.99
CA ASN A 84 5.09 -6.13 -10.02
C ASN A 84 6.60 -5.95 -10.03
N SER A 85 7.04 -4.70 -10.10
CA SER A 85 8.47 -4.39 -10.12
C SER A 85 8.71 -2.92 -9.78
N SER A 86 9.97 -2.52 -9.80
CA SER A 86 10.34 -1.14 -9.49
C SER A 86 9.47 -0.16 -10.27
N ASP A 87 9.40 -0.37 -11.59
CA ASP A 87 8.61 0.50 -12.45
C ASP A 87 7.25 0.80 -11.82
N HIS A 88 6.58 -0.26 -11.37
CA HIS A 88 5.26 -0.11 -10.75
C HIS A 88 5.30 0.95 -9.64
N ILE A 89 6.32 0.88 -8.80
CA ILE A 89 6.45 1.83 -7.70
C ILE A 89 6.69 3.23 -8.22
N GLU A 90 7.73 3.40 -9.04
CA GLU A 90 8.05 4.70 -9.60
C GLU A 90 6.80 5.39 -10.17
N SER A 91 5.95 4.59 -10.81
CA SER A 91 4.71 5.13 -11.39
C SER A 91 3.82 5.73 -10.31
N LYS A 92 3.49 4.93 -9.30
CA LYS A 92 2.65 5.40 -8.20
C LYS A 92 3.24 6.63 -7.55
N GLY A 93 4.56 6.74 -7.56
CA GLY A 93 5.22 7.88 -6.95
C GLY A 93 5.69 7.61 -5.54
N ILE A 94 5.52 6.37 -5.09
CA ILE A 94 5.93 5.98 -3.75
C ILE A 94 7.45 5.94 -3.62
N LYS A 95 7.96 6.54 -2.55
CA LYS A 95 9.40 6.58 -2.31
C LYS A 95 9.69 6.86 -0.84
N ILE A 96 10.98 6.86 -0.49
CA ILE A 96 11.40 7.12 0.88
C ILE A 96 10.91 8.48 1.36
N LYS A 97 10.51 8.57 2.62
CA LYS A 97 10.03 9.81 3.20
C LYS A 97 8.66 10.19 2.63
N GLU A 98 7.82 9.17 2.42
CA GLU A 98 6.49 9.40 1.88
C GLU A 98 5.42 8.88 2.84
N THR A 99 4.69 9.80 3.46
CA THR A 99 3.64 9.43 4.40
C THR A 99 2.42 8.88 3.68
N MET A 100 1.96 7.71 4.11
CA MET A 100 0.80 7.07 3.50
C MET A 100 -0.39 7.10 4.45
N TYR A 101 -1.55 6.70 3.95
CA TYR A 101 -2.77 6.68 4.75
C TYR A 101 -3.68 5.53 4.33
N PHE A 102 -4.66 5.23 5.16
CA PHE A 102 -5.61 4.16 4.87
C PHE A 102 -7.04 4.61 5.12
N ALA A 103 -8.00 3.82 4.64
CA ALA A 103 -9.42 4.14 4.80
C ALA A 103 -10.16 3.03 5.53
N GLY A 1 -17.40 -7.73 -19.83
CA GLY A 1 -17.83 -9.10 -20.06
C GLY A 1 -16.83 -9.88 -20.89
N SER A 2 -16.49 -11.08 -20.41
CA SER A 2 -15.54 -11.93 -21.12
C SER A 2 -16.06 -13.36 -21.23
N SER A 3 -15.56 -14.09 -22.22
CA SER A 3 -15.99 -15.46 -22.44
C SER A 3 -15.23 -16.43 -21.54
N GLY A 4 -15.09 -16.05 -20.27
CA GLY A 4 -14.38 -16.88 -19.32
C GLY A 4 -14.12 -16.18 -18.00
N SER A 5 -14.09 -16.95 -16.91
CA SER A 5 -13.86 -16.39 -15.59
C SER A 5 -12.60 -16.97 -14.97
N SER A 6 -12.04 -17.98 -15.63
CA SER A 6 -10.83 -18.64 -15.13
C SER A 6 -9.60 -18.17 -15.91
N GLY A 7 -8.46 -18.13 -15.23
CA GLY A 7 -7.23 -17.69 -15.87
C GLY A 7 -6.59 -16.52 -15.15
N GLU A 8 -5.41 -16.76 -14.58
CA GLU A 8 -4.68 -15.72 -13.87
C GLU A 8 -3.72 -14.99 -14.79
N LEU A 9 -3.34 -13.78 -14.40
CA LEU A 9 -2.42 -12.96 -15.19
C LEU A 9 -1.01 -13.01 -14.60
N PRO A 10 -0.01 -12.73 -15.45
CA PRO A 10 1.40 -12.72 -15.04
C PRO A 10 1.72 -11.55 -14.11
N SER A 11 1.24 -10.37 -14.48
CA SER A 11 1.48 -9.17 -13.68
C SER A 11 0.39 -8.98 -12.64
N VAL A 12 0.79 -8.70 -11.40
CA VAL A 12 -0.16 -8.49 -10.31
C VAL A 12 -1.26 -7.54 -10.73
N GLU A 13 -2.52 -7.94 -10.49
CA GLU A 13 -3.66 -7.11 -10.84
C GLU A 13 -3.62 -5.77 -10.11
N GLU A 14 -2.92 -4.81 -10.70
CA GLU A 14 -2.79 -3.48 -10.10
C GLU A 14 -4.10 -3.05 -9.48
N LEU A 15 -4.03 -2.50 -8.26
CA LEU A 15 -5.21 -2.04 -7.55
C LEU A 15 -5.35 -0.52 -7.65
N THR A 16 -6.29 -0.08 -8.48
CA THR A 16 -6.53 1.35 -8.67
C THR A 16 -7.89 1.75 -8.11
N ILE A 17 -7.87 2.48 -6.99
CA ILE A 17 -9.09 2.93 -6.35
C ILE A 17 -8.97 4.38 -5.88
N ILE A 18 -9.89 5.23 -6.32
CA ILE A 18 -9.88 6.63 -5.95
C ILE A 18 -10.80 6.89 -4.74
N LEU A 19 -10.32 7.67 -3.79
CA LEU A 19 -11.09 7.99 -2.60
C LEU A 19 -11.65 9.41 -2.68
N PRO A 20 -12.94 9.56 -2.34
CA PRO A 20 -13.62 10.86 -2.36
C PRO A 20 -13.11 11.79 -1.26
N GLU A 21 -13.71 12.98 -1.18
CA GLU A 21 -13.32 13.96 -0.18
C GLU A 21 -14.20 13.85 1.07
N ASP A 22 -14.81 12.68 1.24
CA ASP A 22 -15.69 12.44 2.39
C ASP A 22 -15.04 11.46 3.36
N ILE A 23 -13.96 10.83 2.93
CA ILE A 23 -13.25 9.88 3.77
C ILE A 23 -12.07 10.52 4.48
N GLU A 24 -11.78 10.06 5.69
CA GLU A 24 -10.68 10.60 6.47
C GLU A 24 -9.47 9.69 6.41
N LEU A 25 -8.40 10.16 5.78
CA LEU A 25 -7.17 9.40 5.64
C LEU A 25 -6.27 9.57 6.86
N LYS A 26 -6.05 8.49 7.60
CA LYS A 26 -5.20 8.53 8.78
C LYS A 26 -3.77 8.14 8.44
N PRO A 27 -2.81 8.82 9.08
CA PRO A 27 -1.38 8.57 8.87
C PRO A 27 -0.94 7.22 9.43
N LEU A 28 -0.61 6.28 8.55
CA LEU A 28 -0.18 4.96 8.96
C LEU A 28 1.33 4.92 9.15
N GLY A 29 2.06 5.60 8.27
CA GLY A 29 3.51 5.63 8.35
C GLY A 29 4.14 6.27 7.14
N MET A 30 5.46 6.14 7.02
CA MET A 30 6.19 6.71 5.91
C MET A 30 7.18 5.71 5.32
N VAL A 31 7.34 5.73 4.00
CA VAL A 31 8.25 4.81 3.32
C VAL A 31 9.64 4.85 3.96
N SER A 32 10.02 3.73 4.59
CA SER A 32 11.32 3.64 5.25
C SER A 32 12.32 2.92 4.36
N SER A 33 11.85 1.91 3.63
CA SER A 33 12.70 1.15 2.74
C SER A 33 11.90 0.58 1.57
N ILE A 34 12.60 0.05 0.58
CA ILE A 34 11.97 -0.53 -0.60
C ILE A 34 12.58 -1.88 -0.96
N ILE A 35 11.72 -2.87 -1.16
CA ILE A 35 12.18 -4.21 -1.51
C ILE A 35 12.36 -4.36 -3.01
N GLU A 36 13.19 -5.32 -3.41
CA GLU A 36 13.46 -5.56 -4.83
C GLU A 36 12.21 -5.29 -5.66
N GLN A 37 11.07 -5.80 -5.20
CA GLN A 37 9.80 -5.61 -5.90
C GLN A 37 8.77 -4.96 -5.00
N LEU A 38 8.80 -5.30 -3.72
CA LEU A 38 7.86 -4.75 -2.74
C LEU A 38 8.43 -3.48 -2.12
N VAL A 39 7.60 -2.82 -1.29
CA VAL A 39 8.01 -1.60 -0.63
C VAL A 39 7.80 -1.69 0.88
N ILE A 40 8.73 -1.12 1.65
CA ILE A 40 8.64 -1.15 3.10
C ILE A 40 8.19 0.20 3.65
N ILE A 41 7.15 0.18 4.48
CA ILE A 41 6.62 1.40 5.07
C ILE A 41 6.69 1.35 6.60
N GLU A 42 7.41 2.30 7.18
CA GLU A 42 7.55 2.36 8.63
C GLU A 42 6.39 3.12 9.26
N SER A 43 5.82 2.54 10.32
CA SER A 43 4.70 3.15 11.02
C SER A 43 5.18 4.18 12.03
N MET A 44 4.23 4.88 12.65
CA MET A 44 4.56 5.89 13.64
C MET A 44 4.01 5.51 15.02
N THR A 45 2.70 5.59 15.17
CA THR A 45 2.05 5.25 16.43
C THR A 45 0.53 5.35 16.31
N ASN A 46 -0.17 4.91 17.35
CA ASN A 46 -1.63 4.95 17.36
C ASN A 46 -2.20 4.29 16.11
N LEU A 47 -1.51 3.26 15.63
CA LEU A 47 -1.96 2.54 14.43
C LEU A 47 -3.02 1.51 14.78
N PRO A 48 -4.15 1.56 14.06
CA PRO A 48 -5.26 0.62 14.28
C PRO A 48 -4.92 -0.79 13.84
N PRO A 49 -5.69 -1.77 14.36
CA PRO A 49 -5.49 -3.19 14.03
C PRO A 49 -5.88 -3.51 12.59
N VAL A 50 -4.98 -3.22 11.66
CA VAL A 50 -5.23 -3.48 10.25
C VAL A 50 -4.54 -4.76 9.80
N ASN A 51 -5.26 -5.57 9.04
CA ASN A 51 -4.71 -6.83 8.53
C ASN A 51 -4.15 -6.66 7.12
N GLU A 52 -3.54 -7.72 6.61
CA GLU A 52 -2.97 -7.69 5.27
C GLU A 52 -4.01 -7.23 4.23
N GLU A 53 -5.16 -7.89 4.23
CA GLU A 53 -6.23 -7.55 3.29
C GLU A 53 -6.43 -6.04 3.24
N THR A 54 -5.99 -5.35 4.28
CA THR A 54 -6.13 -3.89 4.35
C THR A 54 -5.44 -3.22 3.16
N VAL A 55 -6.08 -2.19 2.61
CA VAL A 55 -5.53 -1.47 1.48
C VAL A 55 -4.83 -0.19 1.94
N ILE A 56 -3.72 0.12 1.29
CA ILE A 56 -2.94 1.31 1.63
C ILE A 56 -3.18 2.43 0.61
N PHE A 57 -3.72 3.55 1.08
CA PHE A 57 -4.00 4.68 0.21
C PHE A 57 -2.83 5.66 0.22
N LYS A 58 -2.53 6.22 -0.95
CA LYS A 58 -1.44 7.17 -1.10
C LYS A 58 -1.87 8.56 -0.65
N SER A 59 -0.90 9.46 -0.52
CA SER A 59 -1.17 10.83 -0.10
C SER A 59 -1.98 11.57 -1.16
N ASP A 60 -2.14 10.94 -2.32
CA ASP A 60 -2.89 11.53 -3.42
C ASP A 60 -4.27 10.91 -3.53
N ARG A 61 -4.67 10.15 -2.52
CA ARG A 61 -5.97 9.50 -2.50
C ARG A 61 -6.03 8.40 -3.54
N GLN A 62 -4.93 7.68 -3.71
CA GLN A 62 -4.85 6.59 -4.68
C GLN A 62 -4.35 5.31 -4.03
N ALA A 63 -5.23 4.30 -3.97
CA ALA A 63 -4.87 3.02 -3.37
C ALA A 63 -3.56 2.49 -3.93
N ALA A 64 -2.47 2.76 -3.23
CA ALA A 64 -1.15 2.31 -3.66
C ALA A 64 -1.11 0.79 -3.80
N GLY A 65 -1.91 0.10 -2.99
CA GLY A 65 -1.96 -1.36 -3.05
C GLY A 65 -2.29 -1.96 -1.70
N LYS A 66 -2.49 -3.28 -1.69
CA LYS A 66 -2.82 -3.99 -0.46
C LYS A 66 -1.56 -4.56 0.19
N ILE A 67 -1.56 -4.62 1.52
CA ILE A 67 -0.42 -5.15 2.25
C ILE A 67 -0.04 -6.55 1.76
N PHE A 68 1.25 -6.75 1.52
CA PHE A 68 1.73 -8.04 1.04
C PHE A 68 2.44 -8.80 2.17
N GLU A 69 2.85 -8.08 3.20
CA GLU A 69 3.52 -8.69 4.34
C GLU A 69 3.72 -7.68 5.46
N ILE A 70 3.75 -8.17 6.70
CA ILE A 70 3.94 -7.31 7.86
C ILE A 70 4.95 -7.90 8.82
N PHE A 71 5.91 -7.08 9.25
CA PHE A 71 6.94 -7.52 10.18
C PHE A 71 7.27 -6.43 11.18
N GLY A 72 8.11 -6.76 12.17
CA GLY A 72 8.50 -5.80 13.18
C GLY A 72 7.78 -6.02 14.50
N PRO A 73 7.83 -5.02 15.38
CA PRO A 73 7.19 -5.08 16.69
C PRO A 73 5.67 -5.05 16.61
N VAL A 74 5.02 -4.77 17.73
CA VAL A 74 3.56 -4.70 17.77
C VAL A 74 3.08 -3.26 17.89
N ALA A 75 4.03 -2.34 18.09
CA ALA A 75 3.70 -0.92 18.21
C ALA A 75 4.27 -0.12 17.05
N HIS A 76 5.45 -0.53 16.57
CA HIS A 76 6.11 0.14 15.46
C HIS A 76 6.40 -0.83 14.32
N PRO A 77 5.40 -1.66 13.98
CA PRO A 77 5.53 -2.66 12.92
C PRO A 77 5.60 -2.01 11.53
N PHE A 78 6.25 -2.69 10.60
CA PHE A 78 6.39 -2.20 9.24
C PHE A 78 5.54 -3.01 8.27
N TYR A 79 4.80 -2.32 7.42
CA TYR A 79 3.95 -2.99 6.43
C TYR A 79 4.60 -2.98 5.06
N VAL A 80 4.35 -4.04 4.29
CA VAL A 80 4.90 -4.17 2.95
C VAL A 80 3.82 -4.03 1.88
N LEU A 81 4.19 -3.41 0.76
CA LEU A 81 3.24 -3.21 -0.34
C LEU A 81 3.55 -4.16 -1.49
N ARG A 82 2.51 -4.53 -2.23
CA ARG A 82 2.67 -5.42 -3.38
C ARG A 82 2.97 -4.64 -4.65
N PHE A 83 3.89 -5.15 -5.46
CA PHE A 83 4.27 -4.51 -6.70
C PHE A 83 5.06 -5.46 -7.60
N ASN A 84 4.82 -5.37 -8.90
CA ASN A 84 5.51 -6.23 -9.86
C ASN A 84 7.01 -5.96 -9.85
N SER A 85 7.38 -4.69 -9.98
CA SER A 85 8.78 -4.29 -9.99
C SER A 85 8.94 -2.81 -9.67
N SER A 86 10.19 -2.36 -9.57
CA SER A 86 10.47 -0.96 -9.26
C SER A 86 9.54 -0.04 -10.03
N ASP A 87 9.43 -0.28 -11.34
CA ASP A 87 8.57 0.54 -12.19
C ASP A 87 7.21 0.77 -11.55
N HIS A 88 6.49 -0.32 -11.29
CA HIS A 88 5.17 -0.24 -10.67
C HIS A 88 5.17 0.79 -9.55
N ILE A 89 6.28 0.86 -8.81
CA ILE A 89 6.39 1.80 -7.70
C ILE A 89 6.64 3.21 -8.20
N GLU A 90 7.74 3.40 -8.93
CA GLU A 90 8.08 4.70 -9.47
C GLU A 90 6.84 5.42 -9.99
N SER A 91 6.03 4.72 -10.77
CA SER A 91 4.81 5.29 -11.33
C SER A 91 3.89 5.80 -10.23
N LYS A 92 3.50 4.90 -9.33
CA LYS A 92 2.63 5.26 -8.22
C LYS A 92 3.12 6.52 -7.52
N GLY A 93 4.42 6.77 -7.59
CA GLY A 93 4.99 7.93 -6.97
C GLY A 93 5.49 7.65 -5.56
N ILE A 94 5.40 6.40 -5.14
CA ILE A 94 5.84 6.00 -3.81
C ILE A 94 7.35 5.99 -3.71
N LYS A 95 7.89 6.57 -2.64
CA LYS A 95 9.33 6.62 -2.43
C LYS A 95 9.65 6.93 -0.97
N ILE A 96 10.93 6.84 -0.62
CA ILE A 96 11.37 7.11 0.75
C ILE A 96 10.86 8.46 1.23
N LYS A 97 10.51 8.53 2.51
CA LYS A 97 10.00 9.77 3.10
C LYS A 97 8.63 10.13 2.54
N GLU A 98 7.78 9.11 2.37
CA GLU A 98 6.44 9.32 1.83
C GLU A 98 5.38 8.84 2.82
N THR A 99 4.65 9.78 3.40
CA THR A 99 3.60 9.43 4.37
C THR A 99 2.38 8.86 3.66
N MET A 100 1.98 7.66 4.07
CA MET A 100 0.81 7.00 3.48
C MET A 100 -0.36 7.00 4.45
N TYR A 101 -1.53 6.61 3.96
CA TYR A 101 -2.73 6.57 4.79
C TYR A 101 -3.63 5.40 4.38
N PHE A 102 -4.67 5.16 5.18
CA PHE A 102 -5.60 4.08 4.91
C PHE A 102 -7.04 4.54 5.11
N ALA A 103 -7.98 3.70 4.67
CA ALA A 103 -9.40 4.03 4.80
C ALA A 103 -10.23 2.77 5.08
N GLY A 1 -19.89 -12.46 -17.80
CA GLY A 1 -18.76 -12.92 -18.57
C GLY A 1 -17.52 -13.12 -17.71
N SER A 2 -17.65 -13.92 -16.65
CA SER A 2 -16.54 -14.19 -15.76
C SER A 2 -16.64 -15.60 -15.17
N SER A 3 -15.53 -16.32 -15.19
CA SER A 3 -15.50 -17.67 -14.66
C SER A 3 -14.62 -17.76 -13.41
N GLY A 4 -14.59 -18.93 -12.80
CA GLY A 4 -13.78 -19.13 -11.60
C GLY A 4 -12.32 -18.80 -11.84
N SER A 5 -11.64 -18.38 -10.78
CA SER A 5 -10.22 -18.03 -10.86
C SER A 5 -9.36 -19.28 -10.91
N SER A 6 -8.49 -19.37 -11.92
CA SER A 6 -7.61 -20.51 -12.07
C SER A 6 -6.26 -20.26 -11.42
N GLY A 7 -6.15 -20.62 -10.15
CA GLY A 7 -4.90 -20.42 -9.43
C GLY A 7 -4.54 -18.95 -9.29
N GLU A 8 -3.24 -18.66 -9.33
CA GLU A 8 -2.77 -17.28 -9.20
C GLU A 8 -2.17 -16.80 -10.51
N LEU A 9 -2.19 -15.48 -10.70
CA LEU A 9 -1.64 -14.88 -11.92
C LEU A 9 -0.26 -14.29 -11.66
N PRO A 10 0.55 -14.18 -12.73
CA PRO A 10 1.91 -13.64 -12.65
C PRO A 10 1.92 -12.14 -12.36
N SER A 11 1.02 -11.42 -13.03
CA SER A 11 0.93 -9.97 -12.85
C SER A 11 -0.18 -9.62 -11.85
N VAL A 12 0.00 -8.50 -11.16
CA VAL A 12 -0.97 -8.04 -10.18
C VAL A 12 -1.86 -6.94 -10.75
N GLU A 13 -3.17 -7.14 -10.66
CA GLU A 13 -4.13 -6.17 -11.17
C GLU A 13 -3.90 -4.80 -10.54
N GLU A 14 -3.22 -3.93 -11.28
CA GLU A 14 -2.93 -2.58 -10.80
C GLU A 14 -4.10 -2.03 -9.98
N LEU A 15 -3.96 -2.10 -8.66
CA LEU A 15 -5.00 -1.61 -7.76
C LEU A 15 -5.15 -0.09 -7.86
N THR A 16 -6.19 0.35 -8.54
CA THR A 16 -6.45 1.78 -8.71
C THR A 16 -7.82 2.16 -8.18
N ILE A 17 -7.85 2.72 -6.97
CA ILE A 17 -9.10 3.14 -6.34
C ILE A 17 -9.01 4.57 -5.85
N ILE A 18 -9.88 5.43 -6.39
CA ILE A 18 -9.90 6.83 -6.00
C ILE A 18 -10.89 7.07 -4.86
N LEU A 19 -10.45 7.84 -3.87
CA LEU A 19 -11.30 8.15 -2.71
C LEU A 19 -11.82 9.58 -2.78
N PRO A 20 -13.12 9.74 -2.49
CA PRO A 20 -13.78 11.05 -2.51
C PRO A 20 -13.32 11.95 -1.38
N GLU A 21 -13.87 13.16 -1.33
CA GLU A 21 -13.50 14.12 -0.29
C GLU A 21 -14.42 13.98 0.92
N ASP A 22 -15.04 12.83 1.06
CA ASP A 22 -15.94 12.56 2.18
C ASP A 22 -15.31 11.57 3.16
N ILE A 23 -14.22 10.95 2.74
CA ILE A 23 -13.53 9.97 3.56
C ILE A 23 -12.35 10.60 4.29
N GLU A 24 -12.06 10.10 5.50
CA GLU A 24 -10.95 10.62 6.29
C GLU A 24 -9.73 9.72 6.17
N LEU A 25 -8.62 10.30 5.76
CA LEU A 25 -7.37 9.54 5.62
C LEU A 25 -6.47 9.73 6.83
N LYS A 26 -6.12 8.62 7.47
CA LYS A 26 -5.25 8.66 8.65
C LYS A 26 -3.81 8.29 8.28
N PRO A 27 -2.85 8.93 8.95
CA PRO A 27 -1.43 8.68 8.71
C PRO A 27 -0.99 7.31 9.21
N LEU A 28 -0.84 6.36 8.29
CA LEU A 28 -0.42 5.01 8.64
C LEU A 28 1.06 4.96 8.98
N GLY A 29 1.85 5.74 8.26
CA GLY A 29 3.29 5.78 8.50
C GLY A 29 4.05 6.48 7.39
N MET A 30 5.26 5.99 7.13
CA MET A 30 6.09 6.58 6.08
C MET A 30 7.05 5.55 5.51
N VAL A 31 7.34 5.66 4.22
CA VAL A 31 8.24 4.74 3.55
C VAL A 31 9.59 4.67 4.25
N SER A 32 9.94 3.50 4.76
CA SER A 32 11.20 3.31 5.46
C SER A 32 12.23 2.63 4.55
N SER A 33 11.77 1.70 3.74
CA SER A 33 12.64 0.96 2.83
C SER A 33 11.87 0.48 1.61
N ILE A 34 12.60 -0.06 0.63
CA ILE A 34 11.98 -0.57 -0.58
C ILE A 34 12.58 -1.91 -0.99
N ILE A 35 11.72 -2.90 -1.21
CA ILE A 35 12.16 -4.23 -1.60
C ILE A 35 12.32 -4.34 -3.11
N GLU A 36 13.18 -5.26 -3.55
CA GLU A 36 13.42 -5.46 -4.97
C GLU A 36 12.16 -5.20 -5.78
N GLN A 37 11.05 -5.76 -5.32
CA GLN A 37 9.76 -5.58 -6.01
C GLN A 37 8.75 -4.91 -5.10
N LEU A 38 8.77 -5.27 -3.82
CA LEU A 38 7.84 -4.70 -2.84
C LEU A 38 8.43 -3.43 -2.22
N VAL A 39 7.64 -2.76 -1.39
CA VAL A 39 8.08 -1.54 -0.72
C VAL A 39 7.85 -1.62 0.78
N ILE A 40 8.85 -1.22 1.55
CA ILE A 40 8.77 -1.25 3.01
C ILE A 40 8.27 0.08 3.55
N ILE A 41 7.35 0.02 4.50
CA ILE A 41 6.79 1.22 5.11
C ILE A 41 6.78 1.11 6.63
N GLU A 42 7.36 2.11 7.30
CA GLU A 42 7.42 2.13 8.75
C GLU A 42 6.16 2.77 9.33
N SER A 43 5.87 2.43 10.59
CA SER A 43 4.69 2.96 11.26
C SER A 43 5.09 3.99 12.32
N MET A 44 4.14 4.86 12.68
CA MET A 44 4.39 5.89 13.68
C MET A 44 3.84 5.48 15.03
N THR A 45 2.51 5.54 15.16
CA THR A 45 1.84 5.18 16.41
C THR A 45 0.33 5.25 16.27
N ASN A 46 -0.38 4.71 17.25
CA ASN A 46 -1.83 4.72 17.24
C ASN A 46 -2.36 4.03 15.98
N LEU A 47 -1.60 3.08 15.45
CA LEU A 47 -1.99 2.35 14.26
C LEU A 47 -3.00 1.26 14.59
N PRO A 48 -4.12 1.23 13.86
CA PRO A 48 -5.18 0.24 14.06
C PRO A 48 -4.75 -1.16 13.62
N PRO A 49 -5.41 -2.18 14.17
CA PRO A 49 -5.12 -3.59 13.85
C PRO A 49 -5.53 -3.95 12.43
N VAL A 50 -4.68 -3.60 11.47
CA VAL A 50 -4.96 -3.90 10.06
C VAL A 50 -4.12 -5.07 9.57
N ASN A 51 -4.75 -6.01 8.89
CA ASN A 51 -4.06 -7.18 8.37
C ASN A 51 -3.65 -6.96 6.91
N GLU A 52 -2.97 -7.95 6.35
CA GLU A 52 -2.52 -7.87 4.96
C GLU A 52 -3.66 -7.43 4.05
N GLU A 53 -4.79 -8.10 4.14
CA GLU A 53 -5.95 -7.78 3.32
C GLU A 53 -6.22 -6.28 3.33
N THR A 54 -5.71 -5.60 4.35
CA THR A 54 -5.89 -4.16 4.48
C THR A 54 -5.24 -3.42 3.31
N VAL A 55 -6.00 -2.49 2.72
CA VAL A 55 -5.50 -1.70 1.60
C VAL A 55 -4.84 -0.42 2.07
N ILE A 56 -3.74 -0.06 1.42
CA ILE A 56 -3.01 1.16 1.78
C ILE A 56 -3.20 2.24 0.72
N PHE A 57 -3.65 3.42 1.16
CA PHE A 57 -3.88 4.54 0.25
C PHE A 57 -2.68 5.49 0.25
N LYS A 58 -2.47 6.16 -0.87
CA LYS A 58 -1.36 7.11 -1.01
C LYS A 58 -1.77 8.49 -0.53
N SER A 59 -0.79 9.38 -0.40
CA SER A 59 -1.04 10.74 0.06
C SER A 59 -1.88 11.50 -0.96
N ASP A 60 -1.89 11.02 -2.20
CA ASP A 60 -2.66 11.65 -3.26
C ASP A 60 -4.06 11.04 -3.35
N ARG A 61 -4.48 10.36 -2.30
CA ARG A 61 -5.79 9.74 -2.26
C ARG A 61 -5.91 8.68 -3.36
N GLN A 62 -4.87 7.87 -3.51
CA GLN A 62 -4.87 6.82 -4.51
C GLN A 62 -4.40 5.49 -3.92
N ALA A 63 -5.25 4.47 -4.01
CA ALA A 63 -4.92 3.16 -3.48
C ALA A 63 -3.63 2.62 -4.10
N ALA A 64 -2.55 2.64 -3.33
CA ALA A 64 -1.26 2.16 -3.80
C ALA A 64 -1.26 0.64 -3.93
N GLY A 65 -1.95 -0.03 -3.01
CA GLY A 65 -2.01 -1.48 -3.04
C GLY A 65 -2.32 -2.08 -1.69
N LYS A 66 -2.51 -3.39 -1.65
CA LYS A 66 -2.82 -4.09 -0.41
C LYS A 66 -1.54 -4.60 0.25
N ILE A 67 -1.52 -4.55 1.58
CA ILE A 67 -0.36 -5.01 2.34
C ILE A 67 0.05 -6.41 1.92
N PHE A 68 1.32 -6.58 1.59
CA PHE A 68 1.85 -7.88 1.16
C PHE A 68 2.40 -8.65 2.35
N GLU A 69 3.00 -7.94 3.29
CA GLU A 69 3.57 -8.56 4.49
C GLU A 69 3.78 -7.53 5.60
N ILE A 70 3.70 -7.99 6.84
CA ILE A 70 3.87 -7.11 7.99
C ILE A 70 4.88 -7.69 8.98
N PHE A 71 5.89 -6.92 9.31
CA PHE A 71 6.92 -7.35 10.26
C PHE A 71 7.26 -6.24 11.24
N GLY A 72 8.08 -6.57 12.23
CA GLY A 72 8.48 -5.59 13.23
C GLY A 72 7.72 -5.77 14.54
N PRO A 73 7.82 -4.75 15.42
CA PRO A 73 7.16 -4.77 16.72
C PRO A 73 5.64 -4.65 16.60
N VAL A 74 4.99 -4.32 17.71
CA VAL A 74 3.54 -4.16 17.73
C VAL A 74 3.14 -2.69 17.84
N ALA A 75 4.13 -1.84 18.04
CA ALA A 75 3.89 -0.41 18.17
C ALA A 75 4.46 0.35 16.98
N HIS A 76 5.56 -0.14 16.44
CA HIS A 76 6.20 0.48 15.29
C HIS A 76 6.49 -0.54 14.19
N PRO A 77 5.48 -1.35 13.85
CA PRO A 77 5.60 -2.37 12.82
C PRO A 77 5.72 -1.79 11.42
N PHE A 78 6.39 -2.52 10.53
CA PHE A 78 6.58 -2.06 9.16
C PHE A 78 5.73 -2.88 8.19
N TYR A 79 4.99 -2.19 7.33
CA TYR A 79 4.14 -2.85 6.36
C TYR A 79 4.81 -2.90 4.98
N VAL A 80 4.47 -3.93 4.20
CA VAL A 80 5.04 -4.09 2.88
C VAL A 80 3.97 -3.95 1.80
N LEU A 81 4.36 -3.45 0.64
CA LEU A 81 3.43 -3.26 -0.47
C LEU A 81 3.85 -4.11 -1.67
N ARG A 82 2.87 -4.78 -2.28
CA ARG A 82 3.13 -5.62 -3.44
C ARG A 82 3.22 -4.78 -4.72
N PHE A 83 4.06 -5.21 -5.65
CA PHE A 83 4.22 -4.50 -6.91
C PHE A 83 4.92 -5.39 -7.94
N ASN A 84 4.47 -5.31 -9.18
CA ASN A 84 5.04 -6.11 -10.27
C ASN A 84 6.56 -5.92 -10.32
N SER A 85 6.99 -4.67 -10.39
CA SER A 85 8.42 -4.35 -10.46
C SER A 85 8.68 -2.93 -10.00
N SER A 86 9.96 -2.57 -9.92
CA SER A 86 10.35 -1.22 -9.49
C SER A 86 9.53 -0.17 -10.21
N ASP A 87 9.32 -0.38 -11.51
CA ASP A 87 8.54 0.57 -12.31
C ASP A 87 7.20 0.85 -11.67
N HIS A 88 6.42 -0.20 -11.44
CA HIS A 88 5.10 -0.05 -10.82
C HIS A 88 5.14 0.97 -9.69
N ILE A 89 6.21 0.94 -8.91
CA ILE A 89 6.36 1.86 -7.79
C ILE A 89 6.62 3.28 -8.28
N GLU A 90 7.67 3.45 -9.07
CA GLU A 90 8.02 4.76 -9.60
C GLU A 90 6.78 5.48 -10.14
N SER A 91 5.92 4.74 -10.83
CA SER A 91 4.70 5.30 -11.39
C SER A 91 3.82 5.90 -10.29
N LYS A 92 3.53 5.08 -9.27
CA LYS A 92 2.70 5.53 -8.16
C LYS A 92 3.29 6.76 -7.49
N GLY A 93 4.63 6.85 -7.51
CA GLY A 93 5.30 7.98 -6.90
C GLY A 93 5.73 7.70 -5.47
N ILE A 94 5.63 6.44 -5.06
CA ILE A 94 6.02 6.05 -3.71
C ILE A 94 7.53 5.99 -3.56
N LYS A 95 8.04 6.56 -2.48
CA LYS A 95 9.47 6.58 -2.22
C LYS A 95 9.76 6.86 -0.75
N ILE A 96 11.03 6.77 -0.37
CA ILE A 96 11.43 7.01 1.01
C ILE A 96 10.93 8.38 1.49
N LYS A 97 10.54 8.45 2.76
CA LYS A 97 10.05 9.70 3.34
C LYS A 97 8.72 10.09 2.74
N GLU A 98 7.85 9.09 2.54
CA GLU A 98 6.52 9.34 1.96
C GLU A 98 5.44 8.87 2.92
N THR A 99 4.70 9.82 3.49
CA THR A 99 3.63 9.51 4.41
C THR A 99 2.41 8.95 3.68
N MET A 100 1.97 7.76 4.09
CA MET A 100 0.83 7.11 3.48
C MET A 100 -0.38 7.14 4.42
N TYR A 101 -1.53 6.76 3.89
CA TYR A 101 -2.77 6.74 4.68
C TYR A 101 -3.69 5.62 4.22
N PHE A 102 -4.70 5.32 5.04
CA PHE A 102 -5.65 4.26 4.73
C PHE A 102 -7.08 4.73 4.97
N ALA A 103 -8.04 3.88 4.62
CA ALA A 103 -9.45 4.21 4.81
C ALA A 103 -10.24 2.99 5.29
N GLY A 1 -23.28 -5.03 -21.60
CA GLY A 1 -22.36 -5.86 -22.35
C GLY A 1 -21.53 -6.76 -21.46
N SER A 2 -20.69 -7.58 -22.08
CA SER A 2 -19.84 -8.51 -21.33
C SER A 2 -18.57 -8.83 -22.12
N SER A 3 -17.42 -8.54 -21.53
CA SER A 3 -16.15 -8.80 -22.18
C SER A 3 -15.01 -8.88 -21.15
N GLY A 4 -14.25 -9.95 -21.19
CA GLY A 4 -13.15 -10.12 -20.26
C GLY A 4 -13.21 -11.45 -19.53
N SER A 5 -12.72 -11.48 -18.30
CA SER A 5 -12.71 -12.70 -17.50
C SER A 5 -12.28 -13.89 -18.34
N SER A 6 -11.31 -13.66 -19.22
CA SER A 6 -10.81 -14.72 -20.09
C SER A 6 -9.96 -15.71 -19.30
N GLY A 7 -8.94 -15.19 -18.63
CA GLY A 7 -8.05 -16.04 -17.84
C GLY A 7 -7.31 -15.27 -16.78
N GLU A 8 -6.04 -15.63 -16.57
CA GLU A 8 -5.22 -14.96 -15.56
C GLU A 8 -4.04 -14.25 -16.22
N LEU A 9 -3.47 -13.27 -15.51
CA LEU A 9 -2.34 -12.51 -16.02
C LEU A 9 -1.10 -12.73 -15.15
N PRO A 10 0.08 -12.59 -15.76
CA PRO A 10 1.36 -12.75 -15.05
C PRO A 10 1.62 -11.63 -14.06
N SER A 11 1.43 -10.39 -14.51
CA SER A 11 1.65 -9.22 -13.65
C SER A 11 0.49 -9.02 -12.70
N VAL A 12 0.80 -8.76 -11.43
CA VAL A 12 -0.23 -8.54 -10.42
C VAL A 12 -1.28 -7.55 -10.90
N GLU A 13 -2.52 -7.77 -10.49
CA GLU A 13 -3.62 -6.89 -10.88
C GLU A 13 -3.55 -5.56 -10.14
N GLU A 14 -2.75 -4.64 -10.66
CA GLU A 14 -2.60 -3.33 -10.03
C GLU A 14 -3.93 -2.83 -9.47
N LEU A 15 -3.91 -2.41 -8.22
CA LEU A 15 -5.11 -1.91 -7.56
C LEU A 15 -5.22 -0.40 -7.69
N THR A 16 -6.17 0.05 -8.52
CA THR A 16 -6.38 1.47 -8.73
C THR A 16 -7.75 1.91 -8.24
N ILE A 17 -7.79 2.56 -7.08
CA ILE A 17 -9.03 3.03 -6.50
C ILE A 17 -8.88 4.45 -5.94
N ILE A 18 -9.68 5.36 -6.45
CA ILE A 18 -9.64 6.76 -6.01
C ILE A 18 -10.62 7.00 -4.87
N LEU A 19 -10.17 7.69 -3.83
CA LEU A 19 -11.00 7.99 -2.68
C LEU A 19 -11.53 9.42 -2.76
N PRO A 20 -12.83 9.58 -2.45
CA PRO A 20 -13.49 10.90 -2.47
C PRO A 20 -13.01 11.80 -1.34
N GLU A 21 -13.57 13.00 -1.27
CA GLU A 21 -13.21 13.96 -0.24
C GLU A 21 -14.10 13.82 0.99
N ASP A 22 -14.80 12.69 1.06
CA ASP A 22 -15.70 12.43 2.18
C ASP A 22 -15.06 11.46 3.17
N ILE A 23 -13.93 10.87 2.77
CA ILE A 23 -13.23 9.92 3.63
C ILE A 23 -12.05 10.60 4.32
N GLU A 24 -11.75 10.13 5.53
CA GLU A 24 -10.63 10.68 6.30
C GLU A 24 -9.43 9.76 6.25
N LEU A 25 -8.35 10.23 5.62
CA LEU A 25 -7.13 9.45 5.50
C LEU A 25 -6.24 9.63 6.72
N LYS A 26 -6.06 8.57 7.49
CA LYS A 26 -5.23 8.62 8.67
C LYS A 26 -3.78 8.27 8.35
N PRO A 27 -2.84 8.97 8.99
CA PRO A 27 -1.40 8.75 8.78
C PRO A 27 -0.93 7.42 9.35
N LEU A 28 -0.81 6.42 8.48
CA LEU A 28 -0.36 5.10 8.90
C LEU A 28 1.14 5.08 9.16
N GLY A 29 1.89 5.76 8.29
CA GLY A 29 3.33 5.81 8.43
C GLY A 29 4.01 6.46 7.24
N MET A 30 5.30 6.17 7.08
CA MET A 30 6.06 6.74 5.97
C MET A 30 7.04 5.71 5.42
N VAL A 31 7.22 5.71 4.09
CA VAL A 31 8.12 4.77 3.44
C VAL A 31 9.49 4.77 4.11
N SER A 32 9.91 3.62 4.60
CA SER A 32 11.18 3.48 5.28
C SER A 32 12.21 2.78 4.38
N SER A 33 11.74 1.80 3.62
CA SER A 33 12.61 1.05 2.72
C SER A 33 11.81 0.49 1.54
N ILE A 34 12.52 -0.07 0.57
CA ILE A 34 11.89 -0.64 -0.61
C ILE A 34 12.50 -1.99 -0.97
N ILE A 35 11.65 -3.00 -1.13
CA ILE A 35 12.11 -4.34 -1.47
C ILE A 35 12.24 -4.50 -2.99
N GLU A 36 13.07 -5.46 -3.40
CA GLU A 36 13.27 -5.72 -4.82
C GLU A 36 12.00 -5.43 -5.62
N GLN A 37 10.89 -6.01 -5.18
CA GLN A 37 9.61 -5.82 -5.86
C GLN A 37 8.61 -5.12 -4.94
N LEU A 38 8.63 -5.50 -3.67
CA LEU A 38 7.73 -4.91 -2.68
C LEU A 38 8.33 -3.65 -2.07
N VAL A 39 7.54 -2.94 -1.27
CA VAL A 39 8.00 -1.71 -0.63
C VAL A 39 7.77 -1.77 0.87
N ILE A 40 8.73 -1.28 1.63
CA ILE A 40 8.64 -1.27 3.09
C ILE A 40 8.19 0.09 3.61
N ILE A 41 7.23 0.07 4.53
CA ILE A 41 6.70 1.31 5.10
C ILE A 41 6.77 1.27 6.63
N GLU A 42 7.41 2.28 7.21
CA GLU A 42 7.54 2.37 8.65
C GLU A 42 6.33 3.06 9.28
N SER A 43 5.97 2.63 10.49
CA SER A 43 4.83 3.21 11.19
C SER A 43 5.28 4.12 12.32
N MET A 44 4.39 5.00 12.76
CA MET A 44 4.70 5.92 13.84
C MET A 44 4.04 5.48 15.14
N THR A 45 2.72 5.62 15.21
CA THR A 45 1.96 5.23 16.40
C THR A 45 0.47 5.40 16.18
N ASN A 46 -0.33 4.96 17.16
CA ASN A 46 -1.77 5.06 17.08
C ASN A 46 -2.30 4.35 15.83
N LEU A 47 -1.59 3.31 15.41
CA LEU A 47 -1.99 2.54 14.23
C LEU A 47 -3.07 1.52 14.57
N PRO A 48 -4.17 1.56 13.82
CA PRO A 48 -5.31 0.65 14.04
C PRO A 48 -4.97 -0.79 13.63
N PRO A 49 -5.75 -1.74 14.16
CA PRO A 49 -5.55 -3.17 13.87
C PRO A 49 -5.91 -3.52 12.43
N VAL A 50 -5.00 -3.24 11.51
CA VAL A 50 -5.22 -3.52 10.10
C VAL A 50 -4.47 -4.78 9.67
N ASN A 51 -5.17 -5.67 8.96
CA ASN A 51 -4.57 -6.91 8.49
C ASN A 51 -4.07 -6.77 7.06
N GLU A 52 -3.42 -7.82 6.56
CA GLU A 52 -2.88 -7.80 5.20
C GLU A 52 -3.96 -7.36 4.20
N GLU A 53 -5.13 -7.96 4.30
CA GLU A 53 -6.24 -7.63 3.42
C GLU A 53 -6.47 -6.12 3.37
N THR A 54 -5.94 -5.42 4.37
CA THR A 54 -6.08 -3.96 4.46
C THR A 54 -5.43 -3.27 3.26
N VAL A 55 -6.17 -2.36 2.64
CA VAL A 55 -5.66 -1.62 1.49
C VAL A 55 -5.01 -0.32 1.92
N ILE A 56 -3.82 -0.04 1.39
CA ILE A 56 -3.10 1.18 1.71
C ILE A 56 -3.29 2.23 0.64
N PHE A 57 -3.74 3.41 1.05
CA PHE A 57 -3.98 4.51 0.12
C PHE A 57 -2.80 5.48 0.12
N LYS A 58 -2.56 6.11 -1.02
CA LYS A 58 -1.47 7.06 -1.15
C LYS A 58 -1.90 8.46 -0.71
N SER A 59 -0.95 9.39 -0.70
CA SER A 59 -1.23 10.76 -0.30
C SER A 59 -2.16 11.45 -1.30
N ASP A 60 -2.17 10.93 -2.53
CA ASP A 60 -3.01 11.49 -3.58
C ASP A 60 -4.36 10.76 -3.64
N ARG A 61 -4.74 10.14 -2.53
CA ARG A 61 -6.00 9.40 -2.47
C ARG A 61 -6.04 8.30 -3.52
N GLN A 62 -4.89 7.69 -3.78
CA GLN A 62 -4.80 6.62 -4.77
C GLN A 62 -4.31 5.33 -4.12
N ALA A 63 -5.14 4.29 -4.19
CA ALA A 63 -4.79 3.00 -3.62
C ALA A 63 -3.42 2.53 -4.10
N ALA A 64 -2.43 2.59 -3.22
CA ALA A 64 -1.08 2.17 -3.56
C ALA A 64 -1.00 0.66 -3.73
N GLY A 65 -1.73 -0.06 -2.89
CA GLY A 65 -1.74 -1.51 -2.96
C GLY A 65 -2.07 -2.15 -1.63
N LYS A 66 -2.51 -3.41 -1.68
CA LYS A 66 -2.86 -4.14 -0.47
C LYS A 66 -1.61 -4.72 0.20
N ILE A 67 -1.57 -4.64 1.52
CA ILE A 67 -0.43 -5.16 2.28
C ILE A 67 -0.02 -6.53 1.77
N PHE A 68 1.29 -6.77 1.70
CA PHE A 68 1.82 -8.04 1.23
C PHE A 68 2.48 -8.80 2.37
N GLU A 69 2.91 -8.08 3.39
CA GLU A 69 3.57 -8.68 4.54
C GLU A 69 3.80 -7.66 5.65
N ILE A 70 3.83 -8.12 6.89
CA ILE A 70 4.04 -7.25 8.03
C ILE A 70 5.08 -7.83 8.99
N PHE A 71 6.07 -7.03 9.33
CA PHE A 71 7.12 -7.46 10.25
C PHE A 71 7.47 -6.36 11.24
N GLY A 72 8.20 -6.73 12.29
CA GLY A 72 8.59 -5.75 13.29
C GLY A 72 7.83 -5.92 14.60
N PRO A 73 7.93 -4.93 15.49
CA PRO A 73 7.25 -4.96 16.79
C PRO A 73 5.73 -4.80 16.65
N VAL A 74 5.08 -4.48 17.75
CA VAL A 74 3.63 -4.30 17.77
C VAL A 74 3.26 -2.82 17.83
N ALA A 75 4.24 -1.99 18.17
CA ALA A 75 4.02 -0.56 18.26
C ALA A 75 4.68 0.19 17.10
N HIS A 76 5.80 -0.34 16.64
CA HIS A 76 6.53 0.27 15.53
C HIS A 76 6.78 -0.75 14.42
N PRO A 77 5.72 -1.47 14.03
CA PRO A 77 5.80 -2.50 12.97
C PRO A 77 6.02 -1.88 11.60
N PHE A 78 6.18 -2.74 10.60
CA PHE A 78 6.40 -2.29 9.22
C PHE A 78 5.53 -3.08 8.25
N TYR A 79 4.80 -2.37 7.41
CA TYR A 79 3.93 -3.00 6.42
C TYR A 79 4.59 -3.02 5.04
N VAL A 80 4.35 -4.09 4.29
CA VAL A 80 4.91 -4.24 2.96
C VAL A 80 3.84 -4.09 1.89
N LEU A 81 4.23 -3.55 0.73
CA LEU A 81 3.31 -3.34 -0.37
C LEU A 81 3.67 -4.22 -1.56
N ARG A 82 2.66 -4.74 -2.25
CA ARG A 82 2.88 -5.60 -3.40
C ARG A 82 3.08 -4.77 -4.66
N PHE A 83 4.00 -5.21 -5.51
CA PHE A 83 4.29 -4.51 -6.76
C PHE A 83 5.07 -5.40 -7.71
N ASN A 84 4.66 -5.41 -8.97
CA ASN A 84 5.32 -6.22 -9.99
C ASN A 84 6.82 -5.94 -10.02
N SER A 85 7.18 -4.70 -10.36
CA SER A 85 8.57 -4.30 -10.43
C SER A 85 8.75 -2.85 -9.97
N SER A 86 9.99 -2.42 -9.87
CA SER A 86 10.30 -1.07 -9.44
C SER A 86 9.47 -0.05 -10.22
N ASP A 87 9.42 -0.22 -11.54
CA ASP A 87 8.66 0.68 -12.40
C ASP A 87 7.27 0.93 -11.83
N HIS A 88 6.59 -0.15 -11.45
CA HIS A 88 5.25 -0.05 -10.89
C HIS A 88 5.19 1.02 -9.80
N ILE A 89 6.14 0.96 -8.88
CA ILE A 89 6.19 1.93 -7.79
C ILE A 89 6.54 3.32 -8.30
N GLU A 90 7.71 3.45 -8.92
CA GLU A 90 8.16 4.73 -9.46
C GLU A 90 6.99 5.50 -10.07
N SER A 91 6.08 4.77 -10.69
CA SER A 91 4.91 5.38 -11.32
C SER A 91 3.95 5.92 -10.27
N LYS A 92 3.61 5.07 -9.30
CA LYS A 92 2.69 5.46 -8.23
C LYS A 92 3.16 6.75 -7.56
N GLY A 93 4.47 6.91 -7.44
CA GLY A 93 5.02 8.09 -6.82
C GLY A 93 5.53 7.83 -5.41
N ILE A 94 5.46 6.57 -4.99
CA ILE A 94 5.91 6.20 -3.66
C ILE A 94 7.43 6.20 -3.57
N LYS A 95 7.96 6.72 -2.47
CA LYS A 95 9.41 6.77 -2.26
C LYS A 95 9.73 7.01 -0.79
N ILE A 96 11.01 6.88 -0.45
CA ILE A 96 11.45 7.08 0.92
C ILE A 96 10.97 8.42 1.46
N LYS A 97 10.63 8.44 2.75
CA LYS A 97 10.15 9.66 3.39
C LYS A 97 8.80 10.09 2.83
N GLU A 98 7.97 9.10 2.49
CA GLU A 98 6.64 9.37 1.94
C GLU A 98 5.56 8.89 2.89
N THR A 99 4.81 9.83 3.46
CA THR A 99 3.74 9.50 4.39
C THR A 99 2.55 8.91 3.65
N MET A 100 2.03 7.80 4.16
CA MET A 100 0.88 7.13 3.56
C MET A 100 -0.32 7.16 4.50
N TYR A 101 -1.47 6.71 3.99
CA TYR A 101 -2.69 6.69 4.78
C TYR A 101 -3.60 5.54 4.34
N PHE A 102 -4.64 5.29 5.13
CA PHE A 102 -5.59 4.23 4.82
C PHE A 102 -7.02 4.70 5.01
N ALA A 103 -7.98 3.85 4.63
CA ALA A 103 -9.39 4.18 4.75
C ALA A 103 -10.18 3.03 5.36
N GLY A 1 4.53 -20.02 -14.36
CA GLY A 1 3.18 -20.57 -14.33
C GLY A 1 3.07 -21.87 -15.11
N SER A 2 2.39 -21.81 -16.24
CA SER A 2 2.19 -22.99 -17.08
C SER A 2 2.08 -22.59 -18.55
N SER A 3 2.48 -23.50 -19.44
CA SER A 3 2.42 -23.25 -20.87
C SER A 3 0.99 -22.92 -21.31
N GLY A 4 0.67 -21.63 -21.32
CA GLY A 4 -0.67 -21.21 -21.72
C GLY A 4 -1.55 -20.90 -20.53
N SER A 5 -0.99 -20.24 -19.53
CA SER A 5 -1.74 -19.88 -18.33
C SER A 5 -3.19 -19.56 -18.68
N SER A 6 -4.12 -20.31 -18.08
CA SER A 6 -5.53 -20.11 -18.34
C SER A 6 -6.29 -19.91 -17.02
N GLY A 7 -6.26 -18.68 -16.51
CA GLY A 7 -6.94 -18.38 -15.26
C GLY A 7 -6.27 -17.27 -14.49
N GLU A 8 -4.97 -17.38 -14.30
CA GLU A 8 -4.21 -16.36 -13.57
C GLU A 8 -3.25 -15.63 -14.50
N LEU A 9 -2.86 -14.42 -14.10
CA LEU A 9 -1.95 -13.62 -14.89
C LEU A 9 -0.60 -13.46 -14.18
N PRO A 10 0.45 -13.22 -14.97
CA PRO A 10 1.81 -13.05 -14.45
C PRO A 10 1.96 -11.74 -13.67
N SER A 11 1.38 -10.67 -14.19
CA SER A 11 1.46 -9.37 -13.53
C SER A 11 0.29 -9.18 -12.58
N VAL A 12 0.56 -8.51 -11.45
CA VAL A 12 -0.46 -8.25 -10.45
C VAL A 12 -1.40 -7.13 -10.88
N GLU A 13 -2.69 -7.39 -10.82
CA GLU A 13 -3.69 -6.41 -11.22
C GLU A 13 -3.68 -5.22 -10.26
N GLU A 14 -2.89 -4.21 -10.60
CA GLU A 14 -2.78 -3.01 -9.76
C GLU A 14 -4.16 -2.59 -9.24
N LEU A 15 -4.18 -2.01 -8.06
CA LEU A 15 -5.43 -1.56 -7.44
C LEU A 15 -5.57 -0.04 -7.57
N THR A 16 -6.45 0.39 -8.46
CA THR A 16 -6.70 1.81 -8.68
C THR A 16 -8.04 2.23 -8.11
N ILE A 17 -8.03 2.76 -6.89
CA ILE A 17 -9.25 3.20 -6.24
C ILE A 17 -9.12 4.63 -5.73
N ILE A 18 -9.98 5.51 -6.22
CA ILE A 18 -9.96 6.91 -5.81
C ILE A 18 -10.92 7.16 -4.65
N LEU A 19 -10.47 7.92 -3.66
CA LEU A 19 -11.30 8.24 -2.51
C LEU A 19 -11.82 9.68 -2.59
N PRO A 20 -13.11 9.86 -2.28
CA PRO A 20 -13.76 11.17 -2.31
C PRO A 20 -13.27 12.08 -1.19
N GLU A 21 -13.87 13.26 -1.07
CA GLU A 21 -13.49 14.22 -0.04
C GLU A 21 -14.38 14.07 1.18
N ASP A 22 -15.01 12.91 1.31
CA ASP A 22 -15.90 12.64 2.45
C ASP A 22 -15.26 11.63 3.40
N ILE A 23 -14.17 11.01 2.96
CA ILE A 23 -13.47 10.03 3.77
C ILE A 23 -12.27 10.66 4.49
N GLU A 24 -12.03 10.22 5.72
CA GLU A 24 -10.92 10.74 6.51
C GLU A 24 -9.71 9.82 6.42
N LEU A 25 -8.62 10.34 5.90
CA LEU A 25 -7.39 9.56 5.76
C LEU A 25 -6.48 9.75 6.97
N LYS A 26 -6.10 8.65 7.60
CA LYS A 26 -5.22 8.70 8.77
C LYS A 26 -3.80 8.29 8.41
N PRO A 27 -2.82 8.96 9.04
CA PRO A 27 -1.40 8.68 8.80
C PRO A 27 -0.97 7.31 9.34
N LEU A 28 -0.70 6.38 8.43
CA LEU A 28 -0.29 5.04 8.81
C LEU A 28 1.21 4.99 9.08
N GLY A 29 1.98 5.76 8.30
CA GLY A 29 3.41 5.80 8.48
C GLY A 29 4.12 6.50 7.33
N MET A 30 5.31 6.03 7.00
CA MET A 30 6.09 6.61 5.91
C MET A 30 7.10 5.61 5.36
N VAL A 31 7.25 5.59 4.04
CA VAL A 31 8.18 4.67 3.38
C VAL A 31 9.53 4.67 4.10
N SER A 32 9.90 3.52 4.64
CA SER A 32 11.16 3.38 5.35
C SER A 32 12.21 2.70 4.47
N SER A 33 11.76 1.76 3.63
CA SER A 33 12.66 1.04 2.74
C SER A 33 11.91 0.54 1.51
N ILE A 34 12.66 0.01 0.55
CA ILE A 34 12.06 -0.52 -0.67
C ILE A 34 12.65 -1.88 -1.03
N ILE A 35 11.78 -2.86 -1.24
CA ILE A 35 12.21 -4.20 -1.60
C ILE A 35 12.39 -4.35 -3.10
N GLU A 36 13.26 -5.28 -3.50
CA GLU A 36 13.52 -5.51 -4.91
C GLU A 36 12.27 -5.26 -5.75
N GLN A 37 11.14 -5.77 -5.27
CA GLN A 37 9.87 -5.62 -5.97
C GLN A 37 8.84 -4.95 -5.07
N LEU A 38 8.86 -5.29 -3.79
CA LEU A 38 7.92 -4.71 -2.83
C LEU A 38 8.49 -3.45 -2.19
N VAL A 39 7.68 -2.80 -1.37
CA VAL A 39 8.11 -1.58 -0.69
C VAL A 39 7.85 -1.67 0.81
N ILE A 40 8.82 -1.19 1.60
CA ILE A 40 8.70 -1.21 3.05
C ILE A 40 8.19 0.12 3.59
N ILE A 41 7.23 0.06 4.49
CA ILE A 41 6.67 1.28 5.08
C ILE A 41 6.64 1.19 6.61
N GLU A 42 7.38 2.08 7.26
CA GLU A 42 7.45 2.09 8.71
C GLU A 42 6.31 2.92 9.29
N SER A 43 5.71 2.42 10.37
CA SER A 43 4.60 3.12 11.03
C SER A 43 5.12 4.02 12.14
N MET A 44 4.26 4.94 12.58
CA MET A 44 4.62 5.87 13.65
C MET A 44 3.97 5.47 14.97
N THR A 45 2.65 5.66 15.05
CA THR A 45 1.89 5.32 16.25
C THR A 45 0.40 5.54 16.04
N ASN A 46 -0.40 5.10 17.01
CA ASN A 46 -1.84 5.25 16.94
C ASN A 46 -2.40 4.55 15.70
N LEU A 47 -1.74 3.48 15.29
CA LEU A 47 -2.17 2.73 14.11
C LEU A 47 -3.21 1.68 14.49
N PRO A 48 -4.34 1.67 13.75
CA PRO A 48 -5.43 0.73 13.99
C PRO A 48 -5.06 -0.70 13.61
N PRO A 49 -5.81 -1.67 14.16
CA PRO A 49 -5.58 -3.09 13.89
C PRO A 49 -5.93 -3.48 12.46
N VAL A 50 -5.04 -3.19 11.52
CA VAL A 50 -5.27 -3.51 10.12
C VAL A 50 -4.48 -4.75 9.71
N ASN A 51 -5.16 -5.68 9.04
CA ASN A 51 -4.52 -6.91 8.58
C ASN A 51 -4.00 -6.75 7.16
N GLU A 52 -3.31 -7.78 6.67
CA GLU A 52 -2.76 -7.76 5.33
C GLU A 52 -3.81 -7.33 4.30
N GLU A 53 -4.99 -7.94 4.39
CA GLU A 53 -6.08 -7.62 3.48
C GLU A 53 -6.33 -6.12 3.43
N THR A 54 -5.88 -5.42 4.47
CA THR A 54 -6.05 -3.97 4.54
C THR A 54 -5.37 -3.28 3.37
N VAL A 55 -6.07 -2.33 2.75
CA VAL A 55 -5.53 -1.59 1.63
C VAL A 55 -4.83 -0.32 2.09
N ILE A 56 -3.70 -0.01 1.47
CA ILE A 56 -2.93 1.19 1.82
C ILE A 56 -3.11 2.28 0.78
N PHE A 57 -3.69 3.40 1.20
CA PHE A 57 -3.91 4.53 0.29
C PHE A 57 -2.72 5.46 0.29
N LYS A 58 -2.51 6.14 -0.84
CA LYS A 58 -1.40 7.07 -0.99
C LYS A 58 -1.79 8.47 -0.50
N SER A 59 -0.80 9.34 -0.37
CA SER A 59 -1.04 10.71 0.07
C SER A 59 -1.84 11.49 -0.95
N ASP A 60 -1.94 10.93 -2.16
CA ASP A 60 -2.68 11.58 -3.24
C ASP A 60 -4.07 10.96 -3.39
N ARG A 61 -4.52 10.27 -2.35
CA ARG A 61 -5.83 9.64 -2.37
C ARG A 61 -5.91 8.57 -3.46
N GLN A 62 -4.86 7.74 -3.54
CA GLN A 62 -4.81 6.67 -4.53
C GLN A 62 -4.36 5.36 -3.90
N ALA A 63 -5.24 4.37 -3.95
CA ALA A 63 -4.94 3.06 -3.38
C ALA A 63 -3.62 2.51 -3.94
N ALA A 64 -2.54 2.69 -3.18
CA ALA A 64 -1.23 2.22 -3.60
C ALA A 64 -1.21 0.70 -3.74
N GLY A 65 -2.00 0.02 -2.90
CA GLY A 65 -2.05 -1.43 -2.95
C GLY A 65 -2.35 -2.04 -1.60
N LYS A 66 -2.56 -3.36 -1.59
CA LYS A 66 -2.85 -4.07 -0.34
C LYS A 66 -1.57 -4.58 0.30
N ILE A 67 -1.54 -4.58 1.63
CA ILE A 67 -0.37 -5.06 2.36
C ILE A 67 0.07 -6.43 1.88
N PHE A 68 1.35 -6.55 1.53
CA PHE A 68 1.90 -7.81 1.05
C PHE A 68 2.49 -8.61 2.19
N GLU A 69 2.92 -7.91 3.24
CA GLU A 69 3.51 -8.57 4.40
C GLU A 69 3.78 -7.56 5.52
N ILE A 70 3.73 -8.03 6.76
CA ILE A 70 3.98 -7.17 7.91
C ILE A 70 5.02 -7.78 8.85
N PHE A 71 5.99 -6.98 9.23
CA PHE A 71 7.04 -7.44 10.14
C PHE A 71 7.42 -6.35 11.13
N GLY A 72 8.07 -6.75 12.22
CA GLY A 72 8.49 -5.80 13.24
C GLY A 72 7.70 -5.96 14.53
N PRO A 73 7.82 -4.97 15.42
CA PRO A 73 7.12 -4.98 16.72
C PRO A 73 5.61 -4.80 16.56
N VAL A 74 4.95 -4.47 17.66
CA VAL A 74 3.51 -4.26 17.65
C VAL A 74 3.16 -2.77 17.74
N ALA A 75 4.16 -1.96 18.07
CA ALA A 75 3.96 -0.52 18.19
C ALA A 75 4.65 0.22 17.04
N HIS A 76 5.74 -0.35 16.54
CA HIS A 76 6.49 0.26 15.45
C HIS A 76 6.76 -0.77 14.35
N PRO A 77 5.72 -1.49 13.93
CA PRO A 77 5.82 -2.51 12.88
C PRO A 77 6.08 -1.90 11.50
N PHE A 78 6.20 -2.75 10.49
CA PHE A 78 6.46 -2.30 9.13
C PHE A 78 5.55 -3.03 8.14
N TYR A 79 4.85 -2.26 7.32
CA TYR A 79 3.93 -2.84 6.34
C TYR A 79 4.58 -2.84 4.95
N VAL A 80 4.43 -3.96 4.24
CA VAL A 80 4.99 -4.09 2.90
C VAL A 80 3.91 -3.93 1.83
N LEU A 81 4.32 -3.44 0.66
CA LEU A 81 3.39 -3.24 -0.44
C LEU A 81 3.78 -4.10 -1.65
N ARG A 82 2.77 -4.68 -2.30
CA ARG A 82 3.02 -5.53 -3.46
C ARG A 82 3.17 -4.68 -4.72
N PHE A 83 4.06 -5.11 -5.61
CA PHE A 83 4.31 -4.39 -6.85
C PHE A 83 5.10 -5.25 -7.84
N ASN A 84 4.61 -5.31 -9.07
CA ASN A 84 5.27 -6.11 -10.11
C ASN A 84 6.78 -5.93 -10.06
N SER A 85 7.23 -4.67 -10.11
CA SER A 85 8.65 -4.36 -10.06
C SER A 85 8.87 -2.92 -9.63
N SER A 86 10.15 -2.52 -9.57
CA SER A 86 10.50 -1.17 -9.16
C SER A 86 9.70 -0.13 -9.95
N ASP A 87 9.45 -0.43 -11.22
CA ASP A 87 8.71 0.46 -12.10
C ASP A 87 7.32 0.74 -11.52
N HIS A 88 6.56 -0.32 -11.27
CA HIS A 88 5.21 -0.19 -10.72
C HIS A 88 5.18 0.85 -9.60
N ILE A 89 6.31 1.00 -8.91
CA ILE A 89 6.41 1.96 -7.81
C ILE A 89 6.65 3.37 -8.34
N GLU A 90 7.70 3.54 -9.14
CA GLU A 90 8.02 4.84 -9.71
C GLU A 90 6.77 5.53 -10.23
N SER A 91 5.89 4.76 -10.86
CA SER A 91 4.65 5.30 -11.41
C SER A 91 3.76 5.85 -10.30
N LYS A 92 3.54 5.04 -9.28
CA LYS A 92 2.70 5.45 -8.16
C LYS A 92 3.31 6.64 -7.42
N GLY A 93 4.61 6.82 -7.58
CA GLY A 93 5.29 7.93 -6.94
C GLY A 93 5.77 7.58 -5.54
N ILE A 94 5.52 6.34 -5.12
CA ILE A 94 5.92 5.88 -3.79
C ILE A 94 7.45 5.85 -3.68
N LYS A 95 7.96 6.44 -2.60
CA LYS A 95 9.40 6.48 -2.35
C LYS A 95 9.69 6.78 -0.90
N ILE A 96 10.99 6.77 -0.55
CA ILE A 96 11.40 7.04 0.82
C ILE A 96 10.90 8.41 1.28
N LYS A 97 10.52 8.49 2.56
CA LYS A 97 10.02 9.75 3.13
C LYS A 97 8.68 10.12 2.53
N GLU A 98 7.80 9.13 2.41
CA GLU A 98 6.47 9.37 1.85
C GLU A 98 5.38 8.88 2.80
N THR A 99 4.67 9.82 3.41
CA THR A 99 3.61 9.49 4.35
C THR A 99 2.40 8.92 3.63
N MET A 100 1.95 7.75 4.08
CA MET A 100 0.79 7.10 3.47
C MET A 100 -0.41 7.15 4.40
N TYR A 101 -1.56 6.72 3.89
CA TYR A 101 -2.79 6.72 4.68
C TYR A 101 -3.69 5.55 4.28
N PHE A 102 -4.69 5.28 5.11
CA PHE A 102 -5.63 4.20 4.85
C PHE A 102 -7.07 4.65 5.05
N ALA A 103 -8.02 3.79 4.72
CA ALA A 103 -9.43 4.10 4.86
C ALA A 103 -10.15 3.04 5.68
N GLY A 1 -19.29 -10.17 -11.82
CA GLY A 1 -17.98 -9.58 -11.98
C GLY A 1 -17.09 -10.39 -12.90
N SER A 2 -16.33 -9.69 -13.74
CA SER A 2 -15.43 -10.35 -14.69
C SER A 2 -13.99 -9.95 -14.43
N SER A 3 -13.06 -10.85 -14.76
CA SER A 3 -11.64 -10.59 -14.56
C SER A 3 -10.92 -10.45 -15.90
N GLY A 4 -10.98 -11.50 -16.72
CA GLY A 4 -10.34 -11.47 -18.01
C GLY A 4 -10.86 -12.55 -18.94
N SER A 5 -11.88 -12.21 -19.72
CA SER A 5 -12.49 -13.15 -20.65
C SER A 5 -11.42 -13.80 -21.53
N SER A 6 -10.64 -12.97 -22.23
CA SER A 6 -9.59 -13.46 -23.11
C SER A 6 -8.56 -14.26 -22.32
N GLY A 7 -8.07 -13.68 -21.22
CA GLY A 7 -7.08 -14.36 -20.41
C GLY A 7 -6.60 -13.50 -19.26
N GLU A 8 -5.44 -13.85 -18.70
CA GLU A 8 -4.87 -13.11 -17.59
C GLU A 8 -3.81 -12.11 -18.08
N LEU A 9 -3.53 -11.11 -17.27
CA LEU A 9 -2.55 -10.09 -17.62
C LEU A 9 -1.19 -10.42 -17.01
N PRO A 10 -0.12 -9.91 -17.64
CA PRO A 10 1.25 -10.14 -17.16
C PRO A 10 1.55 -9.40 -15.86
N SER A 11 1.07 -8.18 -15.76
CA SER A 11 1.28 -7.37 -14.56
C SER A 11 0.21 -7.66 -13.52
N VAL A 12 0.64 -7.84 -12.27
CA VAL A 12 -0.27 -8.11 -11.18
C VAL A 12 -1.51 -7.22 -11.26
N GLU A 13 -2.66 -7.75 -10.82
CA GLU A 13 -3.90 -7.00 -10.85
C GLU A 13 -3.80 -5.75 -9.98
N GLU A 14 -3.12 -4.72 -10.49
CA GLU A 14 -2.95 -3.48 -9.76
C GLU A 14 -4.26 -3.04 -9.13
N LEU A 15 -4.16 -2.38 -7.97
CA LEU A 15 -5.34 -1.91 -7.25
C LEU A 15 -5.50 -0.40 -7.41
N THR A 16 -6.40 0.01 -8.29
CA THR A 16 -6.65 1.42 -8.53
C THR A 16 -7.99 1.85 -7.94
N ILE A 17 -7.95 2.54 -6.80
CA ILE A 17 -9.15 3.01 -6.14
C ILE A 17 -8.98 4.44 -5.63
N ILE A 18 -9.90 5.32 -6.00
CA ILE A 18 -9.85 6.70 -5.58
C ILE A 18 -10.84 6.97 -4.44
N LEU A 19 -10.36 7.63 -3.39
CA LEU A 19 -11.19 7.95 -2.25
C LEU A 19 -11.74 9.37 -2.34
N PRO A 20 -13.03 9.54 -2.02
CA PRO A 20 -13.70 10.84 -2.06
C PRO A 20 -13.20 11.78 -0.97
N GLU A 21 -13.80 12.97 -0.90
CA GLU A 21 -13.41 13.96 0.10
C GLU A 21 -14.26 13.82 1.36
N ASP A 22 -14.90 12.67 1.50
CA ASP A 22 -15.75 12.41 2.67
C ASP A 22 -15.07 11.45 3.64
N ILE A 23 -13.97 10.85 3.19
CA ILE A 23 -13.24 9.91 4.02
C ILE A 23 -12.02 10.59 4.66
N GLU A 24 -11.66 10.14 5.86
CA GLU A 24 -10.52 10.69 6.58
C GLU A 24 -9.32 9.75 6.52
N LEU A 25 -8.31 10.12 5.74
CA LEU A 25 -7.11 9.30 5.60
C LEU A 25 -6.18 9.49 6.78
N LYS A 26 -6.02 8.45 7.58
CA LYS A 26 -5.14 8.50 8.76
C LYS A 26 -3.71 8.15 8.38
N PRO A 27 -2.74 8.87 8.99
CA PRO A 27 -1.32 8.65 8.72
C PRO A 27 -0.83 7.32 9.30
N LEU A 28 -0.79 6.30 8.46
CA LEU A 28 -0.33 4.97 8.88
C LEU A 28 1.17 4.97 9.14
N GLY A 29 1.92 5.68 8.31
CA GLY A 29 3.36 5.75 8.46
C GLY A 29 4.04 6.45 7.29
N MET A 30 5.26 6.02 6.99
CA MET A 30 6.01 6.62 5.90
C MET A 30 7.04 5.63 5.35
N VAL A 31 7.19 5.63 4.02
CA VAL A 31 8.14 4.72 3.36
C VAL A 31 9.48 4.72 4.09
N SER A 32 9.88 3.57 4.60
CA SER A 32 11.14 3.44 5.31
C SER A 32 12.20 2.77 4.43
N SER A 33 11.76 1.81 3.62
CA SER A 33 12.67 1.10 2.73
C SER A 33 11.92 0.57 1.50
N ILE A 34 12.68 0.05 0.54
CA ILE A 34 12.09 -0.48 -0.68
C ILE A 34 12.67 -1.85 -1.03
N ILE A 35 11.80 -2.84 -1.20
CA ILE A 35 12.23 -4.18 -1.54
C ILE A 35 12.40 -4.35 -3.04
N GLU A 36 13.24 -5.30 -3.44
CA GLU A 36 13.48 -5.57 -4.85
C GLU A 36 12.22 -5.34 -5.68
N GLN A 37 11.11 -5.90 -5.21
CA GLN A 37 9.84 -5.76 -5.90
C GLN A 37 8.80 -5.10 -5.00
N LEU A 38 8.90 -5.35 -3.71
CA LEU A 38 7.98 -4.78 -2.74
C LEU A 38 8.54 -3.51 -2.11
N VAL A 39 7.75 -2.86 -1.27
CA VAL A 39 8.18 -1.63 -0.60
C VAL A 39 7.92 -1.71 0.89
N ILE A 40 8.86 -1.19 1.69
CA ILE A 40 8.74 -1.20 3.14
C ILE A 40 8.22 0.14 3.64
N ILE A 41 7.27 0.09 4.57
CA ILE A 41 6.70 1.31 5.14
C ILE A 41 6.71 1.25 6.67
N GLU A 42 7.43 2.17 7.28
CA GLU A 42 7.53 2.23 8.73
C GLU A 42 6.37 3.01 9.32
N SER A 43 5.80 2.51 10.41
CA SER A 43 4.67 3.17 11.06
C SER A 43 5.16 4.11 12.15
N MET A 44 4.22 4.87 12.72
CA MET A 44 4.56 5.82 13.78
C MET A 44 3.89 5.43 15.10
N THR A 45 2.57 5.58 15.15
CA THR A 45 1.81 5.25 16.34
C THR A 45 0.32 5.41 16.11
N ASN A 46 -0.48 5.04 17.11
CA ASN A 46 -1.93 5.16 17.01
C ASN A 46 -2.45 4.45 15.77
N LEU A 47 -1.78 3.36 15.39
CA LEU A 47 -2.18 2.60 14.22
C LEU A 47 -3.29 1.61 14.55
N PRO A 48 -4.37 1.65 13.75
CA PRO A 48 -5.52 0.75 13.94
C PRO A 48 -5.20 -0.69 13.61
N PRO A 49 -5.98 -1.63 14.19
CA PRO A 49 -5.79 -3.06 13.97
C PRO A 49 -6.17 -3.48 12.55
N VAL A 50 -5.25 -3.26 11.61
CA VAL A 50 -5.49 -3.62 10.22
C VAL A 50 -4.65 -4.83 9.81
N ASN A 51 -5.23 -5.70 9.00
CA ASN A 51 -4.54 -6.90 8.53
C ASN A 51 -4.03 -6.71 7.11
N GLU A 52 -3.35 -7.73 6.59
CA GLU A 52 -2.80 -7.68 5.24
C GLU A 52 -3.86 -7.26 4.24
N GLU A 53 -4.98 -7.98 4.23
CA GLU A 53 -6.07 -7.66 3.32
C GLU A 53 -6.31 -6.16 3.23
N THR A 54 -5.94 -5.45 4.30
CA THR A 54 -6.10 -4.00 4.35
C THR A 54 -5.38 -3.33 3.19
N VAL A 55 -6.05 -2.38 2.54
CA VAL A 55 -5.47 -1.65 1.42
C VAL A 55 -4.80 -0.36 1.90
N ILE A 56 -3.67 -0.02 1.27
CA ILE A 56 -2.94 1.19 1.63
C ILE A 56 -3.17 2.29 0.60
N PHE A 57 -3.69 3.42 1.06
CA PHE A 57 -3.95 4.56 0.18
C PHE A 57 -2.80 5.55 0.20
N LYS A 58 -2.51 6.16 -0.94
CA LYS A 58 -1.44 7.13 -1.05
C LYS A 58 -1.90 8.51 -0.59
N SER A 59 -0.95 9.43 -0.43
CA SER A 59 -1.26 10.79 0.01
C SER A 59 -2.23 11.46 -0.96
N ASP A 60 -2.17 11.06 -2.23
CA ASP A 60 -3.04 11.61 -3.25
C ASP A 60 -4.35 10.83 -3.34
N ARG A 61 -4.70 10.14 -2.27
CA ARG A 61 -5.93 9.34 -2.22
C ARG A 61 -5.94 8.31 -3.35
N GLN A 62 -4.84 7.58 -3.49
CA GLN A 62 -4.72 6.55 -4.52
C GLN A 62 -4.25 5.23 -3.93
N ALA A 63 -5.11 4.22 -3.99
CA ALA A 63 -4.77 2.90 -3.47
C ALA A 63 -3.47 2.38 -4.07
N ALA A 64 -2.37 2.58 -3.36
CA ALA A 64 -1.07 2.13 -3.82
C ALA A 64 -1.01 0.62 -3.92
N GLY A 65 -1.83 -0.06 -3.11
CA GLY A 65 -1.85 -1.51 -3.11
C GLY A 65 -2.15 -2.09 -1.75
N LYS A 66 -2.40 -3.39 -1.71
CA LYS A 66 -2.70 -4.07 -0.45
C LYS A 66 -1.41 -4.47 0.27
N ILE A 67 -1.50 -4.57 1.59
CA ILE A 67 -0.34 -4.94 2.40
C ILE A 67 0.22 -6.30 1.96
N PHE A 68 1.40 -6.27 1.37
CA PHE A 68 2.05 -7.50 0.90
C PHE A 68 2.48 -8.36 2.09
N GLU A 69 3.04 -7.72 3.11
CA GLU A 69 3.49 -8.43 4.30
C GLU A 69 3.82 -7.46 5.43
N ILE A 70 3.61 -7.91 6.66
CA ILE A 70 3.87 -7.07 7.83
C ILE A 70 4.89 -7.74 8.76
N PHE A 71 5.83 -6.93 9.25
CA PHE A 71 6.86 -7.45 10.16
C PHE A 71 7.26 -6.39 11.18
N GLY A 72 8.00 -6.81 12.19
CA GLY A 72 8.43 -5.89 13.23
C GLY A 72 7.71 -6.10 14.54
N PRO A 73 7.82 -5.13 15.46
CA PRO A 73 7.17 -5.20 16.77
C PRO A 73 5.65 -5.06 16.68
N VAL A 74 5.01 -4.78 17.81
CA VAL A 74 3.57 -4.63 17.85
C VAL A 74 3.18 -3.17 18.05
N ALA A 75 4.18 -2.32 18.32
CA ALA A 75 3.93 -0.90 18.51
C ALA A 75 4.57 -0.07 17.40
N HIS A 76 5.64 -0.59 16.83
CA HIS A 76 6.34 0.10 15.75
C HIS A 76 6.60 -0.84 14.58
N PRO A 77 5.57 -1.59 14.18
CA PRO A 77 5.65 -2.55 13.08
C PRO A 77 5.79 -1.86 11.72
N PHE A 78 6.13 -2.63 10.70
CA PHE A 78 6.29 -2.08 9.35
C PHE A 78 5.44 -2.86 8.35
N TYR A 79 4.75 -2.13 7.49
CA TYR A 79 3.90 -2.76 6.47
C TYR A 79 4.58 -2.76 5.11
N VAL A 80 4.39 -3.84 4.36
CA VAL A 80 4.98 -3.97 3.04
C VAL A 80 3.92 -3.85 1.95
N LEU A 81 4.36 -3.44 0.75
CA LEU A 81 3.45 -3.29 -0.37
C LEU A 81 3.85 -4.20 -1.53
N ARG A 82 2.85 -4.76 -2.21
CA ARG A 82 3.10 -5.66 -3.33
C ARG A 82 3.23 -4.87 -4.63
N PHE A 83 4.00 -5.40 -5.56
CA PHE A 83 4.22 -4.75 -6.85
C PHE A 83 4.90 -5.71 -7.84
N ASN A 84 4.33 -5.80 -9.04
CA ASN A 84 4.87 -6.67 -10.07
C ASN A 84 6.36 -6.40 -10.29
N SER A 85 6.70 -5.13 -10.44
CA SER A 85 8.09 -4.73 -10.65
C SER A 85 8.39 -3.41 -9.97
N SER A 86 9.62 -2.92 -10.13
CA SER A 86 10.04 -1.66 -9.51
C SER A 86 9.31 -0.49 -10.16
N ASP A 87 9.33 -0.44 -11.48
CA ASP A 87 8.68 0.64 -12.23
C ASP A 87 7.28 0.91 -11.67
N HIS A 88 6.58 -0.17 -11.32
CA HIS A 88 5.22 -0.05 -10.78
C HIS A 88 5.17 1.01 -9.67
N ILE A 89 6.10 0.92 -8.73
CA ILE A 89 6.16 1.87 -7.62
C ILE A 89 6.45 3.28 -8.13
N GLU A 90 7.58 3.44 -8.81
CA GLU A 90 7.97 4.74 -9.35
C GLU A 90 6.75 5.50 -9.89
N SER A 91 5.96 4.81 -10.70
CA SER A 91 4.76 5.41 -11.29
C SER A 91 3.83 5.94 -10.21
N LYS A 92 3.58 5.11 -9.18
CA LYS A 92 2.72 5.48 -8.09
C LYS A 92 3.22 6.75 -7.40
N GLY A 93 4.52 6.99 -7.48
CA GLY A 93 5.10 8.16 -6.86
C GLY A 93 5.57 7.90 -5.44
N ILE A 94 5.56 6.64 -5.04
CA ILE A 94 5.98 6.26 -3.70
C ILE A 94 7.50 6.22 -3.59
N LYS A 95 8.02 6.63 -2.44
CA LYS A 95 9.46 6.65 -2.21
C LYS A 95 9.77 6.97 -0.76
N ILE A 96 11.05 6.87 -0.39
CA ILE A 96 11.48 7.16 0.97
C ILE A 96 10.99 8.53 1.42
N LYS A 97 10.62 8.63 2.70
CA LYS A 97 10.15 9.88 3.26
C LYS A 97 8.78 10.25 2.69
N GLU A 98 7.93 9.24 2.48
CA GLU A 98 6.61 9.46 1.92
C GLU A 98 5.53 8.92 2.87
N THR A 99 4.78 9.83 3.48
CA THR A 99 3.72 9.44 4.41
C THR A 99 2.54 8.83 3.67
N MET A 100 2.04 7.70 4.17
CA MET A 100 0.91 7.02 3.57
C MET A 100 -0.29 7.03 4.49
N TYR A 101 -1.43 6.58 3.98
CA TYR A 101 -2.66 6.53 4.77
C TYR A 101 -3.55 5.37 4.32
N PHE A 102 -4.62 5.14 5.07
CA PHE A 102 -5.55 4.05 4.76
C PHE A 102 -6.99 4.52 4.92
N ALA A 103 -7.93 3.66 4.53
CA ALA A 103 -9.35 3.98 4.62
C ALA A 103 -10.11 2.88 5.34
N GLY A 1 -22.40 -3.99 -14.85
CA GLY A 1 -22.37 -5.42 -14.61
C GLY A 1 -21.58 -6.17 -15.65
N SER A 2 -22.06 -7.35 -16.02
CA SER A 2 -21.38 -8.18 -17.02
C SER A 2 -19.98 -8.57 -16.55
N SER A 3 -19.89 -8.94 -15.28
CA SER A 3 -18.60 -9.34 -14.70
C SER A 3 -18.31 -10.81 -14.98
N GLY A 4 -17.60 -11.06 -16.09
CA GLY A 4 -17.26 -12.42 -16.46
C GLY A 4 -15.78 -12.59 -16.73
N SER A 5 -15.09 -13.26 -15.82
CA SER A 5 -13.66 -13.49 -15.96
C SER A 5 -13.21 -14.69 -15.12
N SER A 6 -12.59 -15.66 -15.78
CA SER A 6 -12.12 -16.86 -15.10
C SER A 6 -10.63 -17.09 -15.36
N GLY A 7 -9.92 -17.55 -14.33
CA GLY A 7 -8.49 -17.79 -14.47
C GLY A 7 -7.65 -16.57 -14.13
N GLU A 8 -7.56 -16.27 -12.84
CA GLU A 8 -6.79 -15.12 -12.38
C GLU A 8 -5.29 -15.38 -12.52
N LEU A 9 -4.50 -14.31 -12.50
CA LEU A 9 -3.05 -14.42 -12.63
C LEU A 9 -2.39 -14.45 -11.25
N PRO A 10 -1.22 -15.10 -11.19
CA PRO A 10 -0.44 -15.21 -9.95
C PRO A 10 0.14 -13.88 -9.50
N SER A 11 0.50 -13.03 -10.47
CA SER A 11 1.07 -11.73 -10.18
C SER A 11 0.01 -10.78 -9.64
N VAL A 12 0.45 -9.62 -9.16
CA VAL A 12 -0.46 -8.61 -8.62
C VAL A 12 -1.21 -7.90 -9.74
N GLU A 13 -2.41 -7.42 -9.43
CA GLU A 13 -3.23 -6.72 -10.41
C GLU A 13 -3.27 -5.22 -10.11
N GLU A 14 -2.84 -4.42 -11.07
CA GLU A 14 -2.83 -2.97 -10.91
C GLU A 14 -4.02 -2.50 -10.08
N LEU A 15 -3.81 -2.35 -8.78
CA LEU A 15 -4.88 -1.91 -7.88
C LEU A 15 -5.12 -0.41 -8.00
N THR A 16 -6.15 -0.04 -8.76
CA THR A 16 -6.49 1.36 -8.95
C THR A 16 -7.84 1.70 -8.33
N ILE A 17 -7.80 2.37 -7.18
CA ILE A 17 -9.02 2.76 -6.47
C ILE A 17 -8.94 4.20 -5.99
N ILE A 18 -9.89 5.01 -6.41
CA ILE A 18 -9.93 6.42 -6.02
C ILE A 18 -10.88 6.63 -4.84
N LEU A 19 -10.42 7.40 -3.86
CA LEU A 19 -11.23 7.69 -2.67
C LEU A 19 -11.82 9.08 -2.75
N PRO A 20 -13.11 9.20 -2.40
CA PRO A 20 -13.83 10.48 -2.42
C PRO A 20 -13.36 11.43 -1.32
N GLU A 21 -13.97 12.60 -1.24
CA GLU A 21 -13.61 13.59 -0.24
C GLU A 21 -14.46 13.42 1.02
N ASP A 22 -15.06 12.25 1.16
CA ASP A 22 -15.90 11.96 2.32
C ASP A 22 -15.17 11.02 3.29
N ILE A 23 -14.07 10.45 2.84
CA ILE A 23 -13.29 9.54 3.66
C ILE A 23 -12.11 10.26 4.31
N GLU A 24 -11.80 9.86 5.55
CA GLU A 24 -10.69 10.47 6.28
C GLU A 24 -9.46 9.58 6.24
N LEU A 25 -8.42 10.07 5.56
CA LEU A 25 -7.18 9.32 5.43
C LEU A 25 -6.28 9.55 6.65
N LYS A 26 -6.07 8.49 7.42
CA LYS A 26 -5.23 8.57 8.61
C LYS A 26 -3.79 8.17 8.29
N PRO A 27 -2.82 8.85 8.93
CA PRO A 27 -1.40 8.57 8.73
C PRO A 27 -0.98 7.23 9.33
N LEU A 28 -0.62 6.29 8.47
CA LEU A 28 -0.20 4.96 8.92
C LEU A 28 1.31 4.92 9.15
N GLY A 29 2.06 5.60 8.28
CA GLY A 29 3.50 5.63 8.41
C GLY A 29 4.18 6.22 7.19
N MET A 30 5.51 6.24 7.21
CA MET A 30 6.28 6.78 6.09
C MET A 30 7.24 5.74 5.54
N VAL A 31 7.40 5.73 4.22
CA VAL A 31 8.28 4.79 3.56
C VAL A 31 9.65 4.75 4.23
N SER A 32 10.03 3.58 4.73
CA SER A 32 11.31 3.41 5.41
C SER A 32 12.32 2.73 4.48
N SER A 33 11.87 1.70 3.77
CA SER A 33 12.73 0.97 2.86
C SER A 33 11.95 0.46 1.66
N ILE A 34 12.66 -0.09 0.68
CA ILE A 34 12.02 -0.62 -0.53
C ILE A 34 12.61 -1.98 -0.90
N ILE A 35 11.74 -2.97 -1.08
CA ILE A 35 12.16 -4.31 -1.44
C ILE A 35 12.30 -4.45 -2.96
N GLU A 36 13.09 -5.42 -3.39
CA GLU A 36 13.31 -5.66 -4.81
C GLU A 36 12.04 -5.37 -5.60
N GLN A 37 10.94 -5.99 -5.22
CA GLN A 37 9.66 -5.80 -5.89
C GLN A 37 8.66 -5.09 -4.98
N LEU A 38 8.70 -5.44 -3.69
CA LEU A 38 7.79 -4.83 -2.72
C LEU A 38 8.43 -3.60 -2.09
N VAL A 39 7.65 -2.91 -1.25
CA VAL A 39 8.14 -1.71 -0.58
C VAL A 39 7.91 -1.80 0.93
N ILE A 40 8.84 -1.25 1.71
CA ILE A 40 8.73 -1.26 3.15
C ILE A 40 8.28 0.09 3.68
N ILE A 41 7.32 0.08 4.59
CA ILE A 41 6.80 1.32 5.17
C ILE A 41 6.88 1.27 6.70
N GLU A 42 7.46 2.31 7.29
CA GLU A 42 7.60 2.39 8.73
C GLU A 42 6.42 3.14 9.35
N SER A 43 5.80 2.53 10.35
CA SER A 43 4.66 3.13 11.02
C SER A 43 5.10 4.19 12.03
N MET A 44 4.14 4.86 12.64
CA MET A 44 4.45 5.90 13.61
C MET A 44 3.78 5.61 14.95
N THR A 45 2.46 5.75 15.01
CA THR A 45 1.70 5.49 16.23
C THR A 45 0.20 5.65 15.99
N ASN A 46 -0.58 5.28 16.99
CA ASN A 46 -2.04 5.38 16.89
C ASN A 46 -2.55 4.65 15.65
N LEU A 47 -1.87 3.58 15.28
CA LEU A 47 -2.26 2.79 14.11
C LEU A 47 -3.32 1.76 14.48
N PRO A 48 -4.42 1.74 13.71
CA PRO A 48 -5.52 0.81 13.93
C PRO A 48 -5.15 -0.62 13.60
N PRO A 49 -5.88 -1.58 14.19
CA PRO A 49 -5.65 -3.02 13.96
C PRO A 49 -6.04 -3.45 12.55
N VAL A 50 -5.17 -3.19 11.59
CA VAL A 50 -5.42 -3.55 10.20
C VAL A 50 -4.63 -4.80 9.81
N ASN A 51 -5.24 -5.65 9.00
CA ASN A 51 -4.60 -6.88 8.56
C ASN A 51 -4.08 -6.72 7.13
N GLU A 52 -3.46 -7.78 6.62
CA GLU A 52 -2.91 -7.76 5.26
C GLU A 52 -3.96 -7.29 4.26
N GLU A 53 -5.14 -7.92 4.30
CA GLU A 53 -6.23 -7.55 3.40
C GLU A 53 -6.41 -6.04 3.34
N THR A 54 -5.99 -5.36 4.41
CA THR A 54 -6.11 -3.91 4.48
C THR A 54 -5.39 -3.24 3.32
N VAL A 55 -6.06 -2.32 2.64
CA VAL A 55 -5.48 -1.61 1.52
C VAL A 55 -4.75 -0.35 1.98
N ILE A 56 -3.74 0.06 1.21
CA ILE A 56 -2.97 1.25 1.54
C ILE A 56 -3.19 2.36 0.53
N PHE A 57 -3.76 3.47 0.98
CA PHE A 57 -4.04 4.61 0.12
C PHE A 57 -2.89 5.62 0.17
N LYS A 58 -2.59 6.22 -0.98
CA LYS A 58 -1.52 7.20 -1.08
C LYS A 58 -2.00 8.57 -0.62
N SER A 59 -1.09 9.54 -0.61
CA SER A 59 -1.41 10.90 -0.19
C SER A 59 -2.29 11.59 -1.22
N ASP A 60 -2.38 11.00 -2.42
CA ASP A 60 -3.18 11.55 -3.49
C ASP A 60 -4.53 10.83 -3.59
N ARG A 61 -4.89 10.12 -2.53
CA ARG A 61 -6.15 9.38 -2.50
C ARG A 61 -6.17 8.29 -3.56
N GLN A 62 -5.05 7.57 -3.69
CA GLN A 62 -4.94 6.51 -4.67
C GLN A 62 -4.47 5.22 -4.02
N ALA A 63 -5.30 4.18 -4.10
CA ALA A 63 -4.97 2.89 -3.52
C ALA A 63 -3.66 2.35 -4.09
N ALA A 64 -2.55 2.68 -3.44
CA ALA A 64 -1.24 2.22 -3.89
C ALA A 64 -1.19 0.70 -3.99
N GLY A 65 -1.94 0.03 -3.13
CA GLY A 65 -1.97 -1.42 -3.13
C GLY A 65 -2.27 -1.99 -1.76
N LYS A 66 -2.48 -3.30 -1.70
CA LYS A 66 -2.77 -3.97 -0.45
C LYS A 66 -1.49 -4.47 0.22
N ILE A 67 -1.56 -4.71 1.53
CA ILE A 67 -0.41 -5.19 2.28
C ILE A 67 0.02 -6.58 1.81
N PHE A 68 1.32 -6.74 1.57
CA PHE A 68 1.86 -8.02 1.12
C PHE A 68 2.50 -8.78 2.27
N GLU A 69 2.91 -8.04 3.31
CA GLU A 69 3.54 -8.64 4.47
C GLU A 69 3.80 -7.60 5.56
N ILE A 70 3.76 -8.03 6.81
CA ILE A 70 3.99 -7.14 7.94
C ILE A 70 4.95 -7.75 8.95
N PHE A 71 5.94 -6.96 9.36
CA PHE A 71 6.94 -7.42 10.33
C PHE A 71 7.26 -6.34 11.34
N GLY A 72 8.04 -6.69 12.35
CA GLY A 72 8.42 -5.74 13.38
C GLY A 72 7.63 -5.92 14.66
N PRO A 73 7.73 -4.94 15.56
CA PRO A 73 7.04 -4.98 16.86
C PRO A 73 5.53 -4.81 16.71
N VAL A 74 4.86 -4.50 17.81
CA VAL A 74 3.42 -4.32 17.80
C VAL A 74 3.05 -2.85 17.92
N ALA A 75 4.05 -2.01 18.24
CA ALA A 75 3.83 -0.59 18.39
C ALA A 75 4.47 0.19 17.23
N HIS A 76 5.58 -0.33 16.72
CA HIS A 76 6.28 0.31 15.61
C HIS A 76 6.56 -0.69 14.50
N PRO A 77 5.52 -1.43 14.09
CA PRO A 77 5.62 -2.44 13.03
C PRO A 77 5.83 -1.81 11.66
N PHE A 78 6.07 -2.64 10.66
CA PHE A 78 6.28 -2.17 9.29
C PHE A 78 5.45 -2.98 8.30
N TYR A 79 4.73 -2.27 7.44
CA TYR A 79 3.87 -2.91 6.44
C TYR A 79 4.56 -2.93 5.09
N VAL A 80 4.31 -3.99 4.31
CA VAL A 80 4.90 -4.13 2.99
C VAL A 80 3.83 -3.98 1.90
N LEU A 81 4.23 -3.39 0.78
CA LEU A 81 3.31 -3.19 -0.34
C LEU A 81 3.68 -4.09 -1.52
N ARG A 82 2.67 -4.58 -2.22
CA ARG A 82 2.89 -5.45 -3.36
C ARG A 82 3.09 -4.64 -4.64
N PHE A 83 4.00 -5.11 -5.49
CA PHE A 83 4.30 -4.42 -6.74
C PHE A 83 5.07 -5.34 -7.69
N ASN A 84 4.63 -5.38 -8.94
CA ASN A 84 5.28 -6.21 -9.95
C ASN A 84 6.78 -5.97 -9.98
N SER A 85 7.17 -4.71 -10.15
CA SER A 85 8.58 -4.34 -10.19
C SER A 85 8.77 -2.88 -9.80
N SER A 86 10.02 -2.42 -9.84
CA SER A 86 10.33 -1.05 -9.48
C SER A 86 9.44 -0.06 -10.25
N ASP A 87 9.39 -0.23 -11.57
CA ASP A 87 8.57 0.64 -12.41
C ASP A 87 7.20 0.88 -11.79
N HIS A 88 6.53 -0.22 -11.44
CA HIS A 88 5.21 -0.13 -10.82
C HIS A 88 5.17 0.95 -9.75
N ILE A 89 6.17 0.94 -8.88
CA ILE A 89 6.25 1.92 -7.80
C ILE A 89 6.48 3.33 -8.35
N GLU A 90 7.59 3.51 -9.05
CA GLU A 90 7.92 4.80 -9.63
C GLU A 90 6.67 5.51 -10.14
N SER A 91 5.77 4.75 -10.77
CA SER A 91 4.54 5.30 -11.30
C SER A 91 3.67 5.87 -10.18
N LYS A 92 3.41 5.05 -9.17
CA LYS A 92 2.59 5.47 -8.04
C LYS A 92 3.18 6.70 -7.36
N GLY A 93 4.51 6.80 -7.38
CA GLY A 93 5.17 7.95 -6.78
C GLY A 93 5.61 7.66 -5.36
N ILE A 94 5.48 6.41 -4.93
CA ILE A 94 5.87 6.02 -3.58
C ILE A 94 7.37 5.84 -3.47
N LYS A 95 7.96 6.40 -2.41
CA LYS A 95 9.39 6.29 -2.19
C LYS A 95 9.75 6.68 -0.76
N ILE A 96 11.03 6.54 -0.40
CA ILE A 96 11.50 6.88 0.93
C ILE A 96 11.00 8.26 1.35
N LYS A 97 10.68 8.39 2.64
CA LYS A 97 10.19 9.65 3.17
C LYS A 97 8.83 10.03 2.56
N GLU A 98 7.96 9.04 2.45
CA GLU A 98 6.63 9.26 1.87
C GLU A 98 5.55 8.77 2.83
N THR A 99 4.78 9.71 3.38
CA THR A 99 3.71 9.38 4.30
C THR A 99 2.50 8.80 3.57
N MET A 100 2.00 7.67 4.05
CA MET A 100 0.85 7.03 3.44
C MET A 100 -0.35 7.04 4.38
N TYR A 101 -1.50 6.60 3.88
CA TYR A 101 -2.72 6.57 4.67
C TYR A 101 -3.59 5.39 4.28
N PHE A 102 -4.64 5.15 5.06
CA PHE A 102 -5.55 4.04 4.80
C PHE A 102 -7.00 4.49 4.96
N ALA A 103 -7.93 3.62 4.56
CA ALA A 103 -9.35 3.93 4.65
C ALA A 103 -10.09 2.85 5.45
N GLY A 1 -15.73 -6.53 -14.47
CA GLY A 1 -16.39 -5.32 -14.95
C GLY A 1 -17.14 -5.55 -16.25
N SER A 2 -16.85 -4.70 -17.24
CA SER A 2 -17.52 -4.82 -18.54
C SER A 2 -16.60 -5.50 -19.56
N SER A 3 -15.35 -5.04 -19.62
CA SER A 3 -14.38 -5.60 -20.55
C SER A 3 -13.18 -6.19 -19.80
N GLY A 4 -12.61 -5.38 -18.90
CA GLY A 4 -11.47 -5.83 -18.13
C GLY A 4 -10.39 -6.46 -18.99
N SER A 5 -10.10 -7.73 -18.75
CA SER A 5 -9.08 -8.44 -19.51
C SER A 5 -9.46 -9.91 -19.68
N SER A 6 -9.40 -10.39 -20.93
CA SER A 6 -9.74 -11.77 -21.23
C SER A 6 -8.49 -12.64 -21.25
N GLY A 7 -8.18 -13.24 -20.10
CA GLY A 7 -7.02 -14.11 -20.01
C GLY A 7 -6.12 -13.74 -18.84
N GLU A 8 -6.26 -14.47 -17.74
CA GLU A 8 -5.46 -14.21 -16.55
C GLU A 8 -4.00 -13.91 -16.93
N LEU A 9 -3.32 -13.15 -16.08
CA LEU A 9 -1.93 -12.80 -16.33
C LEU A 9 -1.07 -13.10 -15.11
N PRO A 10 0.24 -13.31 -15.34
CA PRO A 10 1.19 -13.60 -14.26
C PRO A 10 1.44 -12.40 -13.37
N SER A 11 1.71 -11.25 -13.98
CA SER A 11 1.98 -10.03 -13.23
C SER A 11 0.72 -9.53 -12.54
N VAL A 12 0.88 -9.03 -11.32
CA VAL A 12 -0.25 -8.52 -10.55
C VAL A 12 -0.87 -7.30 -11.24
N GLU A 13 -2.19 -7.19 -11.15
CA GLU A 13 -2.91 -6.08 -11.76
C GLU A 13 -2.91 -4.87 -10.83
N GLU A 14 -2.14 -3.85 -11.21
CA GLU A 14 -2.05 -2.63 -10.42
C GLU A 14 -3.41 -2.27 -9.81
N LEU A 15 -3.38 -1.67 -8.63
CA LEU A 15 -4.60 -1.28 -7.94
C LEU A 15 -4.81 0.24 -8.01
N THR A 16 -5.74 0.67 -8.85
CA THR A 16 -6.03 2.08 -9.02
C THR A 16 -7.41 2.43 -8.47
N ILE A 17 -7.46 2.89 -7.22
CA ILE A 17 -8.71 3.26 -6.60
C ILE A 17 -8.65 4.68 -6.04
N ILE A 18 -9.51 5.55 -6.56
CA ILE A 18 -9.57 6.93 -6.12
C ILE A 18 -10.58 7.12 -4.98
N LEU A 19 -10.14 7.73 -3.89
CA LEU A 19 -11.00 7.97 -2.74
C LEU A 19 -11.60 9.38 -2.79
N PRO A 20 -12.90 9.47 -2.50
CA PRO A 20 -13.62 10.75 -2.50
C PRO A 20 -13.20 11.65 -1.35
N GLU A 21 -13.86 12.80 -1.24
CA GLU A 21 -13.55 13.75 -0.17
C GLU A 21 -14.44 13.51 1.05
N ASP A 22 -15.09 12.36 1.08
CA ASP A 22 -15.97 12.00 2.18
C ASP A 22 -15.28 11.05 3.14
N ILE A 23 -14.14 10.51 2.72
CA ILE A 23 -13.38 9.58 3.55
C ILE A 23 -12.23 10.29 4.26
N GLU A 24 -11.93 9.85 5.47
CA GLU A 24 -10.86 10.43 6.26
C GLU A 24 -9.60 9.57 6.20
N LEU A 25 -8.56 10.11 5.57
CA LEU A 25 -7.29 9.38 5.45
C LEU A 25 -6.41 9.63 6.66
N LYS A 26 -6.12 8.56 7.40
CA LYS A 26 -5.27 8.65 8.58
C LYS A 26 -3.83 8.27 8.26
N PRO A 27 -2.88 8.97 8.89
CA PRO A 27 -1.45 8.73 8.68
C PRO A 27 -1.00 7.39 9.26
N LEU A 28 -0.81 6.40 8.40
CA LEU A 28 -0.38 5.08 8.83
C LEU A 28 1.10 5.07 9.16
N GLY A 29 1.89 5.76 8.34
CA GLY A 29 3.32 5.82 8.56
C GLY A 29 4.07 6.45 7.40
N MET A 30 5.34 6.11 7.25
CA MET A 30 6.16 6.65 6.17
C MET A 30 7.11 5.60 5.61
N VAL A 31 7.44 5.70 4.34
CA VAL A 31 8.34 4.77 3.69
C VAL A 31 9.71 4.75 4.37
N SER A 32 10.14 3.57 4.80
CA SER A 32 11.43 3.42 5.46
C SER A 32 12.44 2.75 4.54
N SER A 33 11.99 1.76 3.79
CA SER A 33 12.85 1.04 2.88
C SER A 33 12.05 0.48 1.70
N ILE A 34 12.77 -0.04 0.71
CA ILE A 34 12.13 -0.61 -0.48
C ILE A 34 12.72 -1.97 -0.83
N ILE A 35 11.85 -2.95 -1.06
CA ILE A 35 12.29 -4.29 -1.40
C ILE A 35 12.51 -4.44 -2.90
N GLU A 36 13.33 -5.40 -3.29
CA GLU A 36 13.62 -5.65 -4.70
C GLU A 36 12.40 -5.34 -5.57
N GLN A 37 11.23 -5.72 -5.08
CA GLN A 37 9.98 -5.48 -5.81
C GLN A 37 8.94 -4.81 -4.91
N LEU A 38 8.91 -5.20 -3.64
CA LEU A 38 7.97 -4.64 -2.69
C LEU A 38 8.54 -3.37 -2.06
N VAL A 39 7.72 -2.71 -1.23
CA VAL A 39 8.14 -1.49 -0.56
C VAL A 39 7.92 -1.59 0.94
N ILE A 40 8.93 -1.20 1.72
CA ILE A 40 8.84 -1.24 3.17
C ILE A 40 8.35 0.09 3.73
N ILE A 41 7.30 0.04 4.54
CA ILE A 41 6.73 1.23 5.15
C ILE A 41 6.71 1.13 6.66
N GLU A 42 7.33 2.10 7.33
CA GLU A 42 7.38 2.11 8.79
C GLU A 42 6.17 2.85 9.37
N SER A 43 5.78 2.45 10.57
CA SER A 43 4.64 3.06 11.23
C SER A 43 5.08 4.17 12.19
N MET A 44 4.12 4.83 12.82
CA MET A 44 4.42 5.91 13.75
C MET A 44 3.84 5.60 15.13
N THR A 45 2.51 5.72 15.25
CA THR A 45 1.84 5.46 16.51
C THR A 45 0.32 5.56 16.36
N ASN A 46 -0.40 5.02 17.32
CA ASN A 46 -1.86 5.04 17.29
C ASN A 46 -2.39 4.37 16.03
N LEU A 47 -1.64 3.40 15.52
CA LEU A 47 -2.04 2.68 14.32
C LEU A 47 -3.08 1.62 14.64
N PRO A 48 -4.19 1.64 13.89
CA PRO A 48 -5.29 0.70 14.07
C PRO A 48 -4.91 -0.73 13.65
N PRO A 49 -5.64 -1.71 14.21
CA PRO A 49 -5.39 -3.13 13.91
C PRO A 49 -5.79 -3.50 12.48
N VAL A 50 -4.91 -3.19 11.53
CA VAL A 50 -5.16 -3.50 10.12
C VAL A 50 -4.43 -4.76 9.69
N ASN A 51 -5.11 -5.60 8.92
CA ASN A 51 -4.51 -6.84 8.43
C ASN A 51 -3.97 -6.67 7.02
N GLU A 52 -3.42 -7.75 6.47
CA GLU A 52 -2.87 -7.72 5.12
C GLU A 52 -3.91 -7.24 4.11
N GLU A 53 -5.03 -7.94 4.07
CA GLU A 53 -6.11 -7.59 3.15
C GLU A 53 -6.32 -6.08 3.11
N THR A 54 -5.92 -5.39 4.18
CA THR A 54 -6.06 -3.96 4.27
C THR A 54 -5.31 -3.26 3.13
N VAL A 55 -5.98 -2.30 2.49
CA VAL A 55 -5.39 -1.56 1.39
C VAL A 55 -4.70 -0.29 1.89
N ILE A 56 -3.57 0.04 1.28
CA ILE A 56 -2.82 1.24 1.66
C ILE A 56 -3.00 2.35 0.64
N PHE A 57 -3.56 3.47 1.08
CA PHE A 57 -3.78 4.61 0.20
C PHE A 57 -2.59 5.57 0.24
N LYS A 58 -2.36 6.27 -0.87
CA LYS A 58 -1.26 7.22 -0.96
C LYS A 58 -1.69 8.60 -0.47
N SER A 59 -0.76 9.55 -0.46
CA SER A 59 -1.04 10.90 -0.01
C SER A 59 -1.96 11.62 -1.01
N ASP A 60 -2.01 11.11 -2.23
CA ASP A 60 -2.84 11.71 -3.27
C ASP A 60 -4.18 10.98 -3.36
N ARG A 61 -4.54 10.27 -2.29
CA ARG A 61 -5.81 9.54 -2.25
C ARG A 61 -5.85 8.49 -3.36
N GLN A 62 -4.72 7.83 -3.59
CA GLN A 62 -4.63 6.80 -4.62
C GLN A 62 -4.18 5.47 -4.03
N ALA A 63 -5.07 4.49 -4.06
CA ALA A 63 -4.76 3.17 -3.52
C ALA A 63 -3.45 2.64 -4.10
N ALA A 64 -2.37 2.82 -3.35
CA ALA A 64 -1.06 2.35 -3.79
C ALA A 64 -1.03 0.84 -3.95
N GLY A 65 -1.69 0.14 -3.04
CA GLY A 65 -1.74 -1.31 -3.10
C GLY A 65 -2.07 -1.93 -1.76
N LYS A 66 -2.34 -3.25 -1.78
CA LYS A 66 -2.67 -3.96 -0.55
C LYS A 66 -1.41 -4.48 0.14
N ILE A 67 -1.50 -4.65 1.45
CA ILE A 67 -0.36 -5.14 2.23
C ILE A 67 0.04 -6.55 1.79
N PHE A 68 1.33 -6.74 1.55
CA PHE A 68 1.84 -8.04 1.13
C PHE A 68 2.42 -8.81 2.31
N GLU A 69 2.95 -8.08 3.28
CA GLU A 69 3.54 -8.69 4.47
C GLU A 69 3.72 -7.66 5.59
N ILE A 70 3.63 -8.12 6.82
CA ILE A 70 3.78 -7.24 7.98
C ILE A 70 4.78 -7.81 8.98
N PHE A 71 5.78 -7.01 9.33
CA PHE A 71 6.80 -7.43 10.28
C PHE A 71 7.11 -6.32 11.28
N GLY A 72 7.93 -6.64 12.27
CA GLY A 72 8.29 -5.66 13.28
C GLY A 72 7.54 -5.87 14.58
N PRO A 73 7.61 -4.86 15.48
CA PRO A 73 6.94 -4.91 16.77
C PRO A 73 5.43 -4.81 16.65
N VAL A 74 4.77 -4.51 17.76
CA VAL A 74 3.31 -4.39 17.77
C VAL A 74 2.89 -2.92 17.90
N ALA A 75 3.86 -2.05 18.14
CA ALA A 75 3.59 -0.63 18.28
C ALA A 75 4.14 0.16 17.10
N HIS A 76 5.26 -0.32 16.54
CA HIS A 76 5.89 0.34 15.40
C HIS A 76 6.20 -0.66 14.30
N PRO A 77 5.21 -1.48 13.94
CA PRO A 77 5.35 -2.50 12.90
C PRO A 77 5.47 -1.89 11.51
N PHE A 78 6.16 -2.60 10.62
CA PHE A 78 6.35 -2.13 9.25
C PHE A 78 5.54 -2.96 8.27
N TYR A 79 4.85 -2.29 7.35
CA TYR A 79 4.04 -2.96 6.36
C TYR A 79 4.73 -2.96 5.00
N VAL A 80 4.48 -4.02 4.22
CA VAL A 80 5.08 -4.15 2.90
C VAL A 80 4.02 -4.02 1.80
N LEU A 81 4.39 -3.37 0.70
CA LEU A 81 3.48 -3.18 -0.42
C LEU A 81 3.86 -4.07 -1.59
N ARG A 82 2.85 -4.63 -2.25
CA ARG A 82 3.07 -5.51 -3.40
C ARG A 82 3.27 -4.70 -4.68
N PHE A 83 4.16 -5.17 -5.54
CA PHE A 83 4.44 -4.49 -6.80
C PHE A 83 5.22 -5.40 -7.74
N ASN A 84 4.67 -5.61 -8.94
CA ASN A 84 5.30 -6.46 -9.93
C ASN A 84 6.80 -6.17 -10.03
N SER A 85 7.14 -4.90 -10.26
CA SER A 85 8.53 -4.49 -10.38
C SER A 85 8.72 -3.05 -9.89
N SER A 86 9.94 -2.56 -9.99
CA SER A 86 10.25 -1.19 -9.57
C SER A 86 9.36 -0.18 -10.27
N ASP A 87 9.26 -0.32 -11.59
CA ASP A 87 8.44 0.59 -12.39
C ASP A 87 7.07 0.80 -11.74
N HIS A 88 6.40 -0.30 -11.40
CA HIS A 88 5.09 -0.24 -10.76
C HIS A 88 5.06 0.84 -9.68
N ILE A 89 6.16 0.95 -8.95
CA ILE A 89 6.26 1.95 -7.88
C ILE A 89 6.48 3.35 -8.44
N GLU A 90 7.49 3.48 -9.30
CA GLU A 90 7.81 4.77 -9.91
C GLU A 90 6.53 5.48 -10.38
N SER A 91 5.59 4.70 -10.89
CA SER A 91 4.33 5.25 -11.38
C SER A 91 3.51 5.82 -10.23
N LYS A 92 3.29 5.00 -9.21
CA LYS A 92 2.52 5.43 -8.05
C LYS A 92 3.15 6.65 -7.39
N GLY A 93 4.47 6.75 -7.46
CA GLY A 93 5.17 7.88 -6.88
C GLY A 93 5.63 7.60 -5.46
N ILE A 94 5.52 6.35 -5.03
CA ILE A 94 5.93 5.95 -3.69
C ILE A 94 7.45 5.91 -3.58
N LYS A 95 7.96 6.45 -2.47
CA LYS A 95 9.40 6.47 -2.23
C LYS A 95 9.70 6.79 -0.76
N ILE A 96 10.99 6.78 -0.41
CA ILE A 96 11.41 7.07 0.95
C ILE A 96 10.92 8.45 1.40
N LYS A 97 10.53 8.54 2.67
CA LYS A 97 10.04 9.80 3.22
C LYS A 97 8.69 10.17 2.63
N GLU A 98 7.81 9.18 2.51
CA GLU A 98 6.48 9.40 1.96
C GLU A 98 5.40 8.91 2.92
N THR A 99 4.65 9.84 3.49
CA THR A 99 3.59 9.49 4.43
C THR A 99 2.39 8.91 3.70
N MET A 100 1.98 7.70 4.09
CA MET A 100 0.84 7.04 3.48
C MET A 100 -0.37 7.05 4.42
N TYR A 101 -1.52 6.66 3.89
CA TYR A 101 -2.74 6.62 4.68
C TYR A 101 -3.63 5.46 4.26
N PHE A 102 -4.69 5.23 5.03
CA PHE A 102 -5.63 4.13 4.73
C PHE A 102 -7.07 4.60 4.91
N ALA A 103 -8.01 3.74 4.53
CA ALA A 103 -9.43 4.06 4.64
C ALA A 103 -10.19 2.90 5.27
N GLY A 1 -23.77 -3.32 -8.14
CA GLY A 1 -24.04 -4.72 -7.91
C GLY A 1 -23.03 -5.62 -8.59
N SER A 2 -22.78 -6.79 -8.00
CA SER A 2 -21.83 -7.74 -8.56
C SER A 2 -22.55 -8.77 -9.42
N SER A 3 -22.02 -8.99 -10.63
CA SER A 3 -22.61 -9.94 -11.56
C SER A 3 -21.94 -11.31 -11.43
N GLY A 4 -22.51 -12.16 -10.57
CA GLY A 4 -21.96 -13.49 -10.37
C GLY A 4 -20.45 -13.50 -10.44
N SER A 5 -19.82 -12.48 -9.87
CA SER A 5 -18.36 -12.38 -9.88
C SER A 5 -17.72 -13.70 -9.46
N SER A 6 -16.59 -14.02 -10.07
CA SER A 6 -15.88 -15.26 -9.77
C SER A 6 -15.10 -15.12 -8.46
N GLY A 7 -14.32 -14.04 -8.35
CA GLY A 7 -13.53 -13.81 -7.16
C GLY A 7 -12.14 -13.27 -7.48
N GLU A 8 -11.70 -12.30 -6.69
CA GLU A 8 -10.40 -11.69 -6.89
C GLU A 8 -9.37 -12.74 -7.30
N LEU A 9 -8.30 -12.29 -7.96
CA LEU A 9 -7.25 -13.19 -8.41
C LEU A 9 -6.00 -13.04 -7.54
N PRO A 10 -5.20 -14.11 -7.47
CA PRO A 10 -3.96 -14.12 -6.68
C PRO A 10 -2.89 -13.23 -7.28
N SER A 11 -2.85 -13.16 -8.62
CA SER A 11 -1.86 -12.35 -9.31
C SER A 11 -2.06 -10.86 -9.01
N VAL A 12 -0.98 -10.10 -9.08
CA VAL A 12 -1.04 -8.67 -8.80
C VAL A 12 -1.63 -7.91 -9.98
N GLU A 13 -2.35 -6.84 -9.69
CA GLU A 13 -2.97 -6.02 -10.73
C GLU A 13 -2.95 -4.54 -10.35
N GLU A 14 -2.52 -3.70 -11.29
CA GLU A 14 -2.45 -2.28 -11.06
C GLU A 14 -3.66 -1.78 -10.27
N LEU A 15 -3.52 -1.73 -8.96
CA LEU A 15 -4.60 -1.29 -8.08
C LEU A 15 -4.75 0.23 -8.14
N THR A 16 -5.77 0.70 -8.84
CA THR A 16 -6.03 2.13 -8.97
C THR A 16 -7.39 2.50 -8.42
N ILE A 17 -7.43 2.94 -7.16
CA ILE A 17 -8.68 3.33 -6.52
C ILE A 17 -8.58 4.73 -5.93
N ILE A 18 -9.43 5.63 -6.44
CA ILE A 18 -9.44 7.00 -5.96
C ILE A 18 -10.45 7.18 -4.82
N LEU A 19 -10.04 7.93 -3.80
CA LEU A 19 -10.90 8.18 -2.65
C LEU A 19 -11.43 9.62 -2.67
N PRO A 20 -12.73 9.77 -2.41
CA PRO A 20 -13.39 11.08 -2.38
C PRO A 20 -12.95 11.93 -1.20
N GLU A 21 -13.56 13.10 -1.06
CA GLU A 21 -13.23 14.01 0.04
C GLU A 21 -14.16 13.77 1.23
N ASP A 22 -14.90 12.67 1.19
CA ASP A 22 -15.82 12.34 2.26
C ASP A 22 -15.22 11.32 3.22
N ILE A 23 -14.08 10.76 2.83
CA ILE A 23 -13.39 9.77 3.65
C ILE A 23 -12.27 10.42 4.45
N GLU A 24 -12.01 9.87 5.64
CA GLU A 24 -10.96 10.40 6.50
C GLU A 24 -9.70 9.53 6.40
N LEU A 25 -8.66 10.10 5.77
CA LEU A 25 -7.40 9.39 5.61
C LEU A 25 -6.49 9.60 6.82
N LYS A 26 -6.19 8.52 7.54
CA LYS A 26 -5.34 8.59 8.71
C LYS A 26 -3.90 8.20 8.36
N PRO A 27 -2.93 8.89 8.98
CA PRO A 27 -1.51 8.64 8.75
C PRO A 27 -1.06 7.30 9.32
N LEU A 28 -0.85 6.32 8.43
CA LEU A 28 -0.42 4.99 8.85
C LEU A 28 1.08 4.98 9.15
N GLY A 29 1.87 5.63 8.29
CA GLY A 29 3.30 5.68 8.47
C GLY A 29 4.02 6.30 7.29
N MET A 30 5.34 6.15 7.27
CA MET A 30 6.15 6.71 6.18
C MET A 30 7.10 5.65 5.63
N VAL A 31 7.40 5.76 4.34
CA VAL A 31 8.30 4.81 3.68
C VAL A 31 9.65 4.78 4.38
N SER A 32 10.09 3.58 4.77
CA SER A 32 11.36 3.41 5.45
C SER A 32 12.38 2.74 4.53
N SER A 33 11.90 1.85 3.68
CA SER A 33 12.77 1.13 2.75
C SER A 33 11.96 0.55 1.59
N ILE A 34 12.66 0.02 0.60
CA ILE A 34 12.01 -0.58 -0.56
C ILE A 34 12.65 -1.91 -0.93
N ILE A 35 11.81 -2.92 -1.15
CA ILE A 35 12.30 -4.25 -1.52
C ILE A 35 12.48 -4.38 -3.02
N GLU A 36 13.32 -5.32 -3.44
CA GLU A 36 13.59 -5.55 -4.84
C GLU A 36 12.34 -5.25 -5.68
N GLN A 37 11.21 -5.80 -5.27
CA GLN A 37 9.96 -5.59 -5.97
C GLN A 37 8.92 -4.94 -5.07
N LEU A 38 8.92 -5.32 -3.80
CA LEU A 38 7.98 -4.77 -2.82
C LEU A 38 8.54 -3.51 -2.18
N VAL A 39 7.72 -2.85 -1.37
CA VAL A 39 8.13 -1.63 -0.69
C VAL A 39 7.92 -1.75 0.82
N ILE A 40 8.87 -1.22 1.59
CA ILE A 40 8.78 -1.26 3.05
C ILE A 40 8.32 0.09 3.61
N ILE A 41 7.37 0.04 4.52
CA ILE A 41 6.84 1.24 5.14
C ILE A 41 6.87 1.15 6.66
N GLU A 42 7.35 2.21 7.31
CA GLU A 42 7.43 2.25 8.77
C GLU A 42 6.24 2.99 9.36
N SER A 43 5.73 2.47 10.47
CA SER A 43 4.59 3.08 11.15
C SER A 43 5.05 4.07 12.21
N MET A 44 4.10 4.78 12.81
CA MET A 44 4.40 5.76 13.84
C MET A 44 3.79 5.35 15.18
N THR A 45 2.46 5.47 15.27
CA THR A 45 1.74 5.11 16.48
C THR A 45 0.23 5.24 16.29
N ASN A 46 -0.52 4.73 17.25
CA ASN A 46 -1.98 4.77 17.18
C ASN A 46 -2.49 4.07 15.93
N LEU A 47 -1.70 3.12 15.44
CA LEU A 47 -2.08 2.36 14.24
C LEU A 47 -3.14 1.32 14.57
N PRO A 48 -4.25 1.35 13.83
CA PRO A 48 -5.36 0.41 14.01
C PRO A 48 -5.00 -1.00 13.58
N PRO A 49 -5.73 -1.99 14.10
CA PRO A 49 -5.51 -3.41 13.78
C PRO A 49 -5.91 -3.74 12.34
N VAL A 50 -5.02 -3.43 11.40
CA VAL A 50 -5.28 -3.70 9.99
C VAL A 50 -4.51 -4.93 9.52
N ASN A 51 -5.22 -5.85 8.87
CA ASN A 51 -4.60 -7.07 8.36
C ASN A 51 -4.12 -6.88 6.94
N GLU A 52 -3.48 -7.92 6.39
CA GLU A 52 -2.96 -7.87 5.03
C GLU A 52 -4.03 -7.36 4.06
N GLU A 53 -5.20 -7.99 4.10
CA GLU A 53 -6.30 -7.60 3.23
C GLU A 53 -6.48 -6.08 3.22
N THR A 54 -5.98 -5.42 4.25
CA THR A 54 -6.08 -3.98 4.37
C THR A 54 -5.36 -3.28 3.21
N VAL A 55 -6.03 -2.32 2.60
CA VAL A 55 -5.45 -1.58 1.48
C VAL A 55 -4.81 -0.28 1.96
N ILE A 56 -3.70 0.10 1.32
CA ILE A 56 -3.00 1.31 1.68
C ILE A 56 -3.18 2.39 0.62
N PHE A 57 -3.65 3.56 1.03
CA PHE A 57 -3.86 4.67 0.10
C PHE A 57 -2.69 5.65 0.15
N LYS A 58 -2.48 6.36 -0.96
CA LYS A 58 -1.39 7.33 -1.05
C LYS A 58 -1.88 8.72 -0.67
N SER A 59 -0.95 9.64 -0.49
CA SER A 59 -1.28 11.02 -0.11
C SER A 59 -2.15 11.66 -1.18
N ASP A 60 -2.10 11.12 -2.40
CA ASP A 60 -2.88 11.65 -3.51
C ASP A 60 -4.23 10.93 -3.61
N ARG A 61 -4.62 10.25 -2.54
CA ARG A 61 -5.89 9.53 -2.51
C ARG A 61 -5.90 8.44 -3.57
N GLN A 62 -4.80 7.71 -3.70
CA GLN A 62 -4.69 6.65 -4.67
C GLN A 62 -4.25 5.34 -4.02
N ALA A 63 -5.08 4.31 -4.13
CA ALA A 63 -4.77 3.01 -3.54
C ALA A 63 -3.46 2.46 -4.11
N ALA A 64 -2.37 2.68 -3.37
CA ALA A 64 -1.06 2.20 -3.79
C ALA A 64 -1.05 0.68 -3.91
N GLY A 65 -1.72 0.01 -2.99
CA GLY A 65 -1.77 -1.44 -3.00
C GLY A 65 -2.13 -2.03 -1.65
N LYS A 66 -2.39 -3.33 -1.63
CA LYS A 66 -2.74 -4.01 -0.39
C LYS A 66 -1.49 -4.56 0.31
N ILE A 67 -1.51 -4.58 1.63
CA ILE A 67 -0.39 -5.08 2.40
C ILE A 67 0.03 -6.47 1.93
N PHE A 68 1.30 -6.60 1.55
CA PHE A 68 1.83 -7.88 1.08
C PHE A 68 2.47 -8.66 2.22
N GLU A 69 2.90 -7.93 3.26
CA GLU A 69 3.53 -8.56 4.41
C GLU A 69 3.68 -7.57 5.56
N ILE A 70 3.79 -8.08 6.78
CA ILE A 70 3.95 -7.24 7.95
C ILE A 70 4.94 -7.85 8.94
N PHE A 71 5.89 -7.04 9.38
CA PHE A 71 6.90 -7.49 10.32
C PHE A 71 7.24 -6.39 11.32
N GLY A 72 8.06 -6.74 12.32
CA GLY A 72 8.46 -5.76 13.32
C GLY A 72 7.71 -5.96 14.63
N PRO A 73 7.74 -4.93 15.49
CA PRO A 73 7.08 -4.97 16.80
C PRO A 73 5.56 -4.95 16.67
N VAL A 74 4.88 -4.63 17.77
CA VAL A 74 3.43 -4.57 17.78
C VAL A 74 2.93 -3.13 17.90
N ALA A 75 3.88 -2.21 18.09
CA ALA A 75 3.53 -0.79 18.22
C ALA A 75 4.13 0.01 17.07
N HIS A 76 5.26 -0.46 16.53
CA HIS A 76 5.92 0.22 15.43
C HIS A 76 6.28 -0.76 14.32
N PRO A 77 5.32 -1.63 13.96
CA PRO A 77 5.50 -2.63 12.92
C PRO A 77 5.61 -2.02 11.53
N PHE A 78 6.32 -2.69 10.64
CA PHE A 78 6.50 -2.19 9.27
C PHE A 78 5.64 -3.00 8.29
N TYR A 79 4.91 -2.29 7.44
CA TYR A 79 4.05 -2.94 6.45
C TYR A 79 4.69 -2.92 5.07
N VAL A 80 4.45 -3.98 4.30
CA VAL A 80 5.00 -4.08 2.95
C VAL A 80 3.90 -3.95 1.90
N LEU A 81 4.27 -3.40 0.75
CA LEU A 81 3.32 -3.22 -0.34
C LEU A 81 3.62 -4.18 -1.50
N ARG A 82 2.58 -4.57 -2.21
CA ARG A 82 2.74 -5.48 -3.35
C ARG A 82 3.03 -4.70 -4.63
N PHE A 83 3.89 -5.27 -5.47
CA PHE A 83 4.27 -4.63 -6.72
C PHE A 83 4.95 -5.62 -7.66
N ASN A 84 4.76 -5.43 -8.96
CA ASN A 84 5.37 -6.31 -9.96
C ASN A 84 6.86 -6.02 -10.10
N SER A 85 7.19 -4.74 -10.22
CA SER A 85 8.58 -4.33 -10.38
C SER A 85 8.74 -2.84 -10.09
N SER A 86 9.99 -2.40 -9.99
CA SER A 86 10.28 -1.00 -9.71
C SER A 86 9.34 -0.07 -10.47
N ASP A 87 9.29 -0.24 -11.79
CA ASP A 87 8.41 0.57 -12.63
C ASP A 87 7.07 0.81 -11.95
N HIS A 88 6.43 -0.27 -11.52
CA HIS A 88 5.14 -0.17 -10.85
C HIS A 88 5.16 0.91 -9.77
N ILE A 89 6.15 0.84 -8.89
CA ILE A 89 6.29 1.82 -7.82
C ILE A 89 6.57 3.21 -8.37
N GLU A 90 7.66 3.34 -9.10
CA GLU A 90 8.04 4.62 -9.69
C GLU A 90 6.82 5.37 -10.20
N SER A 91 5.87 4.61 -10.76
CA SER A 91 4.64 5.21 -11.29
C SER A 91 3.79 5.79 -10.17
N LYS A 92 3.51 4.98 -9.16
CA LYS A 92 2.71 5.42 -8.03
C LYS A 92 3.30 6.66 -7.38
N GLY A 93 4.62 6.76 -7.42
CA GLY A 93 5.30 7.91 -6.83
C GLY A 93 5.77 7.64 -5.42
N ILE A 94 5.61 6.40 -4.97
CA ILE A 94 6.02 6.02 -3.62
C ILE A 94 7.54 5.99 -3.49
N LYS A 95 8.04 6.63 -2.44
CA LYS A 95 9.48 6.67 -2.20
C LYS A 95 9.78 6.93 -0.73
N ILE A 96 11.06 6.87 -0.37
CA ILE A 96 11.47 7.10 1.01
C ILE A 96 10.99 8.45 1.52
N LYS A 97 10.59 8.49 2.79
CA LYS A 97 10.11 9.73 3.40
C LYS A 97 8.76 10.13 2.80
N GLU A 98 7.91 9.15 2.55
CA GLU A 98 6.60 9.40 1.99
C GLU A 98 5.49 8.86 2.90
N THR A 99 4.75 9.78 3.51
CA THR A 99 3.67 9.41 4.41
C THR A 99 2.49 8.81 3.64
N MET A 100 1.93 7.73 4.18
CA MET A 100 0.80 7.07 3.55
C MET A 100 -0.43 7.12 4.44
N TYR A 101 -1.59 6.77 3.88
CA TYR A 101 -2.84 6.78 4.63
C TYR A 101 -3.74 5.63 4.19
N PHE A 102 -4.74 5.32 5.01
CA PHE A 102 -5.68 4.25 4.71
C PHE A 102 -7.12 4.70 4.94
N ALA A 103 -8.07 3.84 4.61
CA ALA A 103 -9.49 4.14 4.78
C ALA A 103 -10.18 3.09 5.63
N GLY A 1 8.51 -24.25 -9.93
CA GLY A 1 7.75 -25.48 -9.94
C GLY A 1 6.53 -25.41 -9.05
N SER A 2 6.11 -26.56 -8.53
CA SER A 2 4.94 -26.63 -7.65
C SER A 2 5.31 -26.24 -6.22
N SER A 3 5.26 -24.94 -5.93
CA SER A 3 5.59 -24.44 -4.60
C SER A 3 4.61 -24.98 -3.55
N GLY A 4 3.32 -24.72 -3.77
CA GLY A 4 2.31 -25.18 -2.85
C GLY A 4 0.94 -25.32 -3.50
N SER A 5 0.62 -24.38 -4.37
CA SER A 5 -0.67 -24.40 -5.06
C SER A 5 -0.61 -23.59 -6.35
N SER A 6 -0.91 -24.23 -7.47
CA SER A 6 -0.88 -23.57 -8.76
C SER A 6 -2.27 -23.08 -9.15
N GLY A 7 -2.51 -21.78 -8.94
CA GLY A 7 -3.80 -21.20 -9.27
C GLY A 7 -3.70 -19.75 -9.68
N GLU A 8 -3.55 -18.87 -8.69
CA GLU A 8 -3.43 -17.44 -8.95
C GLU A 8 -2.18 -17.13 -9.76
N LEU A 9 -2.14 -15.94 -10.35
CA LEU A 9 -1.00 -15.53 -11.15
C LEU A 9 -0.07 -14.62 -10.35
N PRO A 10 1.20 -14.53 -10.77
CA PRO A 10 2.21 -13.70 -10.10
C PRO A 10 1.94 -12.21 -10.28
N SER A 11 1.46 -11.84 -11.47
CA SER A 11 1.16 -10.44 -11.78
C SER A 11 -0.04 -9.96 -10.98
N VAL A 12 0.11 -8.80 -10.34
CA VAL A 12 -0.97 -8.22 -9.54
C VAL A 12 -1.83 -7.28 -10.38
N GLU A 13 -3.13 -7.27 -10.10
CA GLU A 13 -4.06 -6.42 -10.83
C GLU A 13 -3.92 -4.96 -10.40
N GLU A 14 -3.31 -4.15 -11.25
CA GLU A 14 -3.11 -2.73 -10.96
C GLU A 14 -4.28 -2.18 -10.16
N LEU A 15 -4.13 -2.18 -8.84
CA LEU A 15 -5.18 -1.66 -7.96
C LEU A 15 -5.29 -0.16 -8.06
N THR A 16 -6.27 0.31 -8.83
CA THR A 16 -6.50 1.74 -9.02
C THR A 16 -7.84 2.17 -8.44
N ILE A 17 -7.82 2.67 -7.20
CA ILE A 17 -9.04 3.12 -6.54
C ILE A 17 -8.88 4.54 -6.00
N ILE A 18 -9.71 5.45 -6.51
CA ILE A 18 -9.67 6.84 -6.09
C ILE A 18 -10.65 7.09 -4.94
N LEU A 19 -10.16 7.73 -3.87
CA LEU A 19 -10.99 8.04 -2.72
C LEU A 19 -11.52 9.47 -2.80
N PRO A 20 -12.82 9.62 -2.51
CA PRO A 20 -13.47 10.93 -2.53
C PRO A 20 -13.01 11.84 -1.40
N GLU A 21 -13.66 13.00 -1.26
CA GLU A 21 -13.32 13.95 -0.21
C GLU A 21 -14.23 13.77 1.00
N ASP A 22 -14.92 12.65 1.07
CA ASP A 22 -15.83 12.36 2.17
C ASP A 22 -15.20 11.36 3.15
N ILE A 23 -14.09 10.76 2.74
CA ILE A 23 -13.40 9.79 3.57
C ILE A 23 -12.27 10.45 4.36
N GLU A 24 -12.01 9.93 5.56
CA GLU A 24 -10.95 10.46 6.41
C GLU A 24 -9.70 9.60 6.31
N LEU A 25 -8.63 10.18 5.76
CA LEU A 25 -7.37 9.48 5.60
C LEU A 25 -6.47 9.70 6.81
N LYS A 26 -6.08 8.60 7.46
CA LYS A 26 -5.21 8.68 8.63
C LYS A 26 -3.79 8.29 8.28
N PRO A 27 -2.81 8.97 8.90
CA PRO A 27 -1.38 8.71 8.67
C PRO A 27 -0.94 7.37 9.24
N LEU A 28 -0.90 6.36 8.38
CA LEU A 28 -0.49 5.02 8.79
C LEU A 28 1.01 4.97 9.07
N GLY A 29 1.79 5.62 8.22
CA GLY A 29 3.23 5.65 8.40
C GLY A 29 3.95 6.33 7.25
N MET A 30 5.18 5.91 6.99
CA MET A 30 5.98 6.49 5.91
C MET A 30 6.98 5.48 5.37
N VAL A 31 7.25 5.56 4.07
CA VAL A 31 8.19 4.65 3.44
C VAL A 31 9.53 4.64 4.16
N SER A 32 9.91 3.48 4.70
CA SER A 32 11.17 3.34 5.42
C SER A 32 12.22 2.67 4.55
N SER A 33 11.79 1.72 3.73
CA SER A 33 12.70 1.00 2.85
C SER A 33 11.97 0.50 1.61
N ILE A 34 12.73 -0.04 0.66
CA ILE A 34 12.16 -0.55 -0.57
C ILE A 34 12.72 -1.93 -0.90
N ILE A 35 11.82 -2.89 -1.12
CA ILE A 35 12.22 -4.25 -1.44
C ILE A 35 12.38 -4.43 -2.95
N GLU A 36 13.16 -5.43 -3.34
CA GLU A 36 13.40 -5.71 -4.75
C GLU A 36 12.18 -5.34 -5.59
N GLN A 37 11.04 -5.94 -5.28
CA GLN A 37 9.80 -5.67 -6.00
C GLN A 37 8.76 -5.03 -5.09
N LEU A 38 8.86 -5.33 -3.80
CA LEU A 38 7.93 -4.78 -2.82
C LEU A 38 8.49 -3.52 -2.18
N VAL A 39 7.66 -2.85 -1.39
CA VAL A 39 8.07 -1.63 -0.70
C VAL A 39 7.83 -1.73 0.80
N ILE A 40 8.75 -1.17 1.57
CA ILE A 40 8.64 -1.19 3.03
C ILE A 40 8.20 0.16 3.57
N ILE A 41 7.23 0.15 4.49
CA ILE A 41 6.73 1.37 5.09
C ILE A 41 6.76 1.30 6.61
N GLU A 42 7.43 2.26 7.23
CA GLU A 42 7.54 2.29 8.69
C GLU A 42 6.28 2.87 9.30
N SER A 43 6.07 2.59 10.59
CA SER A 43 4.89 3.09 11.30
C SER A 43 5.29 4.12 12.35
N MET A 44 4.31 4.88 12.82
CA MET A 44 4.55 5.91 13.82
C MET A 44 3.83 5.57 15.12
N THR A 45 2.51 5.69 15.11
CA THR A 45 1.71 5.39 16.29
C THR A 45 0.21 5.52 15.99
N ASN A 46 -0.61 5.12 16.95
CA ASN A 46 -2.06 5.19 16.79
C ASN A 46 -2.51 4.41 15.55
N LEU A 47 -1.78 3.34 15.25
CA LEU A 47 -2.10 2.52 14.09
C LEU A 47 -3.17 1.49 14.43
N PRO A 48 -4.28 1.52 13.69
CA PRO A 48 -5.41 0.60 13.90
C PRO A 48 -5.06 -0.83 13.49
N PRO A 49 -5.81 -1.80 14.05
CA PRO A 49 -5.60 -3.22 13.76
C PRO A 49 -6.01 -3.60 12.34
N VAL A 50 -5.13 -3.31 11.38
CA VAL A 50 -5.40 -3.61 9.99
C VAL A 50 -4.61 -4.83 9.52
N ASN A 51 -5.31 -5.78 8.92
CA ASN A 51 -4.67 -7.00 8.43
C ASN A 51 -4.11 -6.80 7.03
N GLU A 52 -3.45 -7.83 6.50
CA GLU A 52 -2.88 -7.76 5.16
C GLU A 52 -3.91 -7.30 4.15
N GLU A 53 -5.05 -7.97 4.13
CA GLU A 53 -6.13 -7.64 3.19
C GLU A 53 -6.35 -6.12 3.15
N THR A 54 -5.94 -5.45 4.22
CA THR A 54 -6.10 -4.00 4.31
C THR A 54 -5.35 -3.29 3.18
N VAL A 55 -6.03 -2.37 2.51
CA VAL A 55 -5.44 -1.63 1.41
C VAL A 55 -4.77 -0.35 1.92
N ILE A 56 -3.67 0.03 1.28
CA ILE A 56 -2.93 1.21 1.66
C ILE A 56 -3.13 2.33 0.63
N PHE A 57 -3.72 3.43 1.08
CA PHE A 57 -3.97 4.57 0.22
C PHE A 57 -2.82 5.58 0.28
N LYS A 58 -2.56 6.25 -0.84
CA LYS A 58 -1.48 7.23 -0.91
C LYS A 58 -1.98 8.61 -0.46
N SER A 59 -1.06 9.56 -0.36
CA SER A 59 -1.40 10.91 0.04
C SER A 59 -2.29 11.59 -0.99
N ASP A 60 -2.33 11.03 -2.19
CA ASP A 60 -3.14 11.57 -3.27
C ASP A 60 -4.50 10.88 -3.32
N ARG A 61 -4.79 10.07 -2.31
CA ARG A 61 -6.05 9.34 -2.24
C ARG A 61 -6.10 8.24 -3.30
N GLN A 62 -4.95 7.66 -3.61
CA GLN A 62 -4.86 6.60 -4.59
C GLN A 62 -4.36 5.31 -3.96
N ALA A 63 -5.18 4.26 -4.04
CA ALA A 63 -4.81 2.96 -3.47
C ALA A 63 -3.50 2.47 -4.05
N ALA A 64 -2.41 2.67 -3.31
CA ALA A 64 -1.09 2.24 -3.75
C ALA A 64 -1.02 0.72 -3.88
N GLY A 65 -1.73 0.03 -3.00
CA GLY A 65 -1.74 -1.43 -3.04
C GLY A 65 -2.08 -2.05 -1.70
N LYS A 66 -2.33 -3.35 -1.70
CA LYS A 66 -2.68 -4.05 -0.47
C LYS A 66 -1.42 -4.57 0.23
N ILE A 67 -1.47 -4.61 1.57
CA ILE A 67 -0.34 -5.08 2.35
C ILE A 67 0.12 -6.46 1.89
N PHE A 68 1.39 -6.56 1.50
CA PHE A 68 1.95 -7.82 1.04
C PHE A 68 2.53 -8.61 2.21
N GLU A 69 2.99 -7.90 3.23
CA GLU A 69 3.58 -8.53 4.41
C GLU A 69 3.87 -7.50 5.50
N ILE A 70 3.78 -7.93 6.75
CA ILE A 70 4.05 -7.06 7.88
C ILE A 70 5.04 -7.68 8.85
N PHE A 71 6.00 -6.89 9.31
CA PHE A 71 7.01 -7.37 10.25
C PHE A 71 7.36 -6.29 11.26
N GLY A 72 8.14 -6.66 12.27
CA GLY A 72 8.54 -5.72 13.29
C GLY A 72 7.78 -5.90 14.59
N PRO A 73 7.83 -4.88 15.46
CA PRO A 73 7.14 -4.92 16.76
C PRO A 73 5.62 -4.83 16.60
N VAL A 74 4.94 -4.52 17.69
CA VAL A 74 3.49 -4.41 17.68
C VAL A 74 3.04 -2.95 17.81
N ALA A 75 3.99 -2.07 18.11
CA ALA A 75 3.71 -0.66 18.26
C ALA A 75 4.32 0.15 17.12
N HIS A 76 5.45 -0.31 16.61
CA HIS A 76 6.14 0.36 15.52
C HIS A 76 6.53 -0.62 14.42
N PRO A 77 5.57 -1.44 13.99
CA PRO A 77 5.78 -2.44 12.95
C PRO A 77 6.01 -1.82 11.57
N PHE A 78 6.14 -2.65 10.56
CA PHE A 78 6.36 -2.19 9.20
C PHE A 78 5.50 -2.96 8.20
N TYR A 79 4.79 -2.22 7.35
CA TYR A 79 3.92 -2.84 6.35
C TYR A 79 4.61 -2.88 4.98
N VAL A 80 4.31 -3.93 4.22
CA VAL A 80 4.89 -4.09 2.89
C VAL A 80 3.84 -3.91 1.80
N LEU A 81 4.27 -3.45 0.64
CA LEU A 81 3.37 -3.23 -0.49
C LEU A 81 3.73 -4.13 -1.67
N ARG A 82 2.71 -4.65 -2.34
CA ARG A 82 2.93 -5.53 -3.49
C ARG A 82 3.08 -4.71 -4.77
N PHE A 83 4.01 -5.15 -5.62
CA PHE A 83 4.26 -4.46 -6.89
C PHE A 83 4.97 -5.38 -7.88
N ASN A 84 4.53 -5.35 -9.13
CA ASN A 84 5.12 -6.19 -10.17
C ASN A 84 6.64 -5.97 -10.25
N SER A 85 7.04 -4.71 -10.37
CA SER A 85 8.45 -4.37 -10.46
C SER A 85 8.70 -2.94 -10.00
N SER A 86 9.97 -2.56 -9.88
CA SER A 86 10.33 -1.22 -9.44
C SER A 86 9.49 -0.17 -10.15
N ASP A 87 9.26 -0.37 -11.44
CA ASP A 87 8.46 0.56 -12.23
C ASP A 87 7.12 0.83 -11.57
N HIS A 88 6.36 -0.23 -11.34
CA HIS A 88 5.05 -0.11 -10.71
C HIS A 88 5.09 0.90 -9.57
N ILE A 89 6.18 0.90 -8.83
CA ILE A 89 6.35 1.82 -7.71
C ILE A 89 6.58 3.25 -8.20
N GLU A 90 7.60 3.42 -9.02
CA GLU A 90 7.95 4.74 -9.56
C GLU A 90 6.68 5.48 -10.02
N SER A 91 5.80 4.76 -10.70
CA SER A 91 4.56 5.35 -11.18
C SER A 91 3.72 5.88 -10.03
N LYS A 92 3.47 5.02 -9.04
CA LYS A 92 2.68 5.40 -7.88
C LYS A 92 3.27 6.64 -7.20
N GLY A 93 4.59 6.77 -7.26
CA GLY A 93 5.25 7.91 -6.65
C GLY A 93 5.71 7.63 -5.24
N ILE A 94 5.61 6.37 -4.82
CA ILE A 94 6.02 5.97 -3.48
C ILE A 94 7.53 5.90 -3.36
N LYS A 95 8.06 6.51 -2.31
CA LYS A 95 9.51 6.51 -2.08
C LYS A 95 9.82 6.84 -0.63
N ILE A 96 11.07 6.65 -0.24
CA ILE A 96 11.51 6.94 1.13
C ILE A 96 11.05 8.32 1.58
N LYS A 97 10.69 8.43 2.85
CA LYS A 97 10.23 9.70 3.41
C LYS A 97 8.89 10.11 2.79
N GLU A 98 8.01 9.14 2.61
CA GLU A 98 6.69 9.40 2.03
C GLU A 98 5.58 8.87 2.95
N THR A 99 4.84 9.80 3.56
CA THR A 99 3.75 9.42 4.44
C THR A 99 2.58 8.84 3.67
N MET A 100 2.00 7.76 4.20
CA MET A 100 0.86 7.12 3.55
C MET A 100 -0.36 7.13 4.46
N TYR A 101 -1.49 6.69 3.93
CA TYR A 101 -2.73 6.66 4.69
C TYR A 101 -3.63 5.51 4.24
N PHE A 102 -4.69 5.26 4.99
CA PHE A 102 -5.62 4.18 4.66
C PHE A 102 -7.07 4.65 4.80
N ALA A 103 -8.00 3.79 4.43
CA ALA A 103 -9.42 4.12 4.51
C ALA A 103 -10.20 3.00 5.21
N GLY A 1 -19.65 -4.77 -17.88
CA GLY A 1 -18.85 -5.47 -18.88
C GLY A 1 -18.38 -6.83 -18.40
N SER A 2 -17.06 -7.03 -18.40
CA SER A 2 -16.49 -8.30 -17.97
C SER A 2 -15.14 -8.07 -17.31
N SER A 3 -14.58 -9.15 -16.75
CA SER A 3 -13.29 -9.08 -16.06
C SER A 3 -12.28 -8.31 -16.92
N GLY A 4 -12.20 -8.65 -18.19
CA GLY A 4 -11.27 -7.99 -19.09
C GLY A 4 -11.26 -8.60 -20.47
N SER A 5 -10.09 -9.06 -20.91
CA SER A 5 -9.94 -9.67 -22.22
C SER A 5 -9.30 -11.05 -22.11
N SER A 6 -9.83 -12.00 -22.88
CA SER A 6 -9.32 -13.37 -22.86
C SER A 6 -7.81 -13.39 -22.70
N GLY A 7 -7.32 -14.26 -21.81
CA GLY A 7 -5.89 -14.35 -21.57
C GLY A 7 -5.45 -13.55 -20.36
N GLU A 8 -4.70 -14.19 -19.47
CA GLU A 8 -4.21 -13.54 -18.27
C GLU A 8 -3.09 -12.56 -18.60
N LEU A 9 -2.87 -11.59 -17.71
CA LEU A 9 -1.83 -10.59 -17.92
C LEU A 9 -0.67 -10.82 -16.95
N PRO A 10 0.53 -10.37 -17.34
CA PRO A 10 1.74 -10.50 -16.52
C PRO A 10 1.70 -9.61 -15.29
N SER A 11 1.37 -8.34 -15.48
CA SER A 11 1.31 -7.39 -14.39
C SER A 11 0.28 -7.83 -13.35
N VAL A 12 0.57 -7.55 -12.07
CA VAL A 12 -0.33 -7.92 -10.99
C VAL A 12 -1.61 -7.11 -11.03
N GLU A 13 -2.69 -7.69 -10.53
CA GLU A 13 -3.99 -7.02 -10.51
C GLU A 13 -3.86 -5.58 -10.03
N GLU A 14 -3.62 -4.67 -10.96
CA GLU A 14 -3.47 -3.25 -10.63
C GLU A 14 -4.67 -2.75 -9.82
N LEU A 15 -4.40 -2.37 -8.57
CA LEU A 15 -5.46 -1.87 -7.70
C LEU A 15 -5.59 -0.35 -7.80
N THR A 16 -6.58 0.09 -8.56
CA THR A 16 -6.81 1.52 -8.76
C THR A 16 -8.16 1.94 -8.17
N ILE A 17 -8.13 2.59 -7.02
CA ILE A 17 -9.35 3.05 -6.36
C ILE A 17 -9.19 4.46 -5.83
N ILE A 18 -10.11 5.34 -6.20
CA ILE A 18 -10.08 6.72 -5.75
C ILE A 18 -11.01 6.95 -4.57
N LEU A 19 -10.54 7.69 -3.58
CA LEU A 19 -11.34 7.98 -2.39
C LEU A 19 -11.98 9.36 -2.48
N PRO A 20 -13.27 9.44 -2.12
CA PRO A 20 -14.03 10.69 -2.15
C PRO A 20 -13.55 11.68 -1.09
N GLU A 21 -14.15 12.87 -1.08
CA GLU A 21 -13.80 13.90 -0.12
C GLU A 21 -14.63 13.76 1.16
N ASP A 22 -15.11 12.56 1.41
CA ASP A 22 -15.92 12.29 2.60
C ASP A 22 -15.19 11.36 3.57
N ILE A 23 -14.08 10.78 3.09
CA ILE A 23 -13.29 9.88 3.92
C ILE A 23 -12.10 10.60 4.54
N GLU A 24 -11.73 10.19 5.75
CA GLU A 24 -10.62 10.80 6.45
C GLU A 24 -9.39 9.88 6.41
N LEU A 25 -8.37 10.30 5.68
CA LEU A 25 -7.15 9.53 5.54
C LEU A 25 -6.25 9.71 6.77
N LYS A 26 -5.97 8.61 7.45
CA LYS A 26 -5.12 8.65 8.65
C LYS A 26 -3.69 8.24 8.32
N PRO A 27 -2.72 8.90 8.96
CA PRO A 27 -1.30 8.62 8.75
C PRO A 27 -0.88 7.26 9.31
N LEU A 28 -0.74 6.28 8.43
CA LEU A 28 -0.34 4.93 8.83
C LEU A 28 1.15 4.88 9.14
N GLY A 29 1.95 5.59 8.35
CA GLY A 29 3.39 5.60 8.56
C GLY A 29 4.12 6.40 7.49
N MET A 30 5.27 5.89 7.06
CA MET A 30 6.06 6.56 6.05
C MET A 30 7.09 5.61 5.44
N VAL A 31 7.20 5.62 4.11
CA VAL A 31 8.14 4.76 3.42
C VAL A 31 9.50 4.76 4.10
N SER A 32 9.92 3.59 4.59
CA SER A 32 11.20 3.46 5.26
C SER A 32 12.25 2.82 4.34
N SER A 33 11.81 1.85 3.55
CA SER A 33 12.69 1.16 2.63
C SER A 33 11.92 0.60 1.44
N ILE A 34 12.65 0.09 0.46
CA ILE A 34 12.04 -0.48 -0.74
C ILE A 34 12.62 -1.84 -1.08
N ILE A 35 11.76 -2.83 -1.24
CA ILE A 35 12.19 -4.18 -1.55
C ILE A 35 12.34 -4.37 -3.06
N GLU A 36 13.15 -5.34 -3.47
CA GLU A 36 13.38 -5.62 -4.88
C GLU A 36 12.13 -5.32 -5.69
N GLN A 37 10.99 -5.82 -5.23
CA GLN A 37 9.72 -5.60 -5.92
C GLN A 37 8.71 -4.93 -5.00
N LEU A 38 8.75 -5.28 -3.72
CA LEU A 38 7.83 -4.70 -2.74
C LEU A 38 8.44 -3.46 -2.10
N VAL A 39 7.66 -2.80 -1.24
CA VAL A 39 8.12 -1.60 -0.57
C VAL A 39 7.86 -1.68 0.94
N ILE A 40 8.82 -1.19 1.73
CA ILE A 40 8.70 -1.21 3.18
C ILE A 40 8.22 0.13 3.71
N ILE A 41 7.25 0.09 4.62
CA ILE A 41 6.70 1.30 5.21
C ILE A 41 6.64 1.19 6.73
N GLU A 42 7.43 2.02 7.42
CA GLU A 42 7.45 2.01 8.87
C GLU A 42 6.25 2.76 9.44
N SER A 43 5.80 2.33 10.61
CA SER A 43 4.65 2.96 11.27
C SER A 43 5.10 3.98 12.31
N MET A 44 4.16 4.74 12.83
CA MET A 44 4.46 5.75 13.84
C MET A 44 3.72 5.45 15.14
N THR A 45 2.40 5.64 15.13
CA THR A 45 1.59 5.41 16.30
C THR A 45 0.10 5.60 15.99
N ASN A 46 -0.75 5.20 16.93
CA ASN A 46 -2.19 5.33 16.75
C ASN A 46 -2.66 4.54 15.54
N LEU A 47 -1.95 3.47 15.22
CA LEU A 47 -2.30 2.63 14.09
C LEU A 47 -3.33 1.58 14.47
N PRO A 48 -4.47 1.58 13.75
CA PRO A 48 -5.56 0.64 13.99
C PRO A 48 -5.20 -0.80 13.62
N PRO A 49 -6.00 -1.76 14.10
CA PRO A 49 -5.78 -3.17 13.83
C PRO A 49 -6.06 -3.54 12.37
N VAL A 50 -5.11 -3.25 11.50
CA VAL A 50 -5.25 -3.55 10.08
C VAL A 50 -4.43 -4.76 9.68
N ASN A 51 -5.06 -5.69 8.95
CA ASN A 51 -4.38 -6.90 8.51
C ASN A 51 -3.88 -6.75 7.07
N GLU A 52 -3.18 -7.77 6.59
CA GLU A 52 -2.65 -7.75 5.23
C GLU A 52 -3.72 -7.34 4.23
N GLU A 53 -4.86 -8.04 4.28
CA GLU A 53 -5.97 -7.75 3.37
C GLU A 53 -6.25 -6.26 3.32
N THR A 54 -5.81 -5.53 4.35
CA THR A 54 -6.02 -4.09 4.42
C THR A 54 -5.36 -3.38 3.24
N VAL A 55 -6.07 -2.40 2.69
CA VAL A 55 -5.55 -1.65 1.55
C VAL A 55 -4.86 -0.36 2.01
N ILE A 56 -3.85 0.05 1.26
CA ILE A 56 -3.10 1.26 1.60
C ILE A 56 -3.29 2.34 0.53
N PHE A 57 -3.72 3.51 0.96
CA PHE A 57 -3.94 4.62 0.03
C PHE A 57 -2.75 5.59 0.06
N LYS A 58 -2.52 6.25 -1.07
CA LYS A 58 -1.42 7.20 -1.19
C LYS A 58 -1.86 8.59 -0.74
N SER A 59 -0.89 9.50 -0.62
CA SER A 59 -1.18 10.86 -0.19
C SER A 59 -2.16 11.53 -1.15
N ASP A 60 -2.28 10.98 -2.35
CA ASP A 60 -3.19 11.52 -3.35
C ASP A 60 -4.48 10.72 -3.42
N ARG A 61 -4.79 10.02 -2.32
CA ARG A 61 -5.99 9.21 -2.25
C ARG A 61 -6.04 8.19 -3.39
N GLN A 62 -4.93 7.49 -3.59
CA GLN A 62 -4.85 6.49 -4.65
C GLN A 62 -4.34 5.16 -4.10
N ALA A 63 -5.22 4.15 -4.09
CA ALA A 63 -4.86 2.83 -3.58
C ALA A 63 -3.56 2.34 -4.22
N ALA A 64 -2.46 2.51 -3.48
CA ALA A 64 -1.15 2.09 -3.97
C ALA A 64 -1.08 0.57 -4.09
N GLY A 65 -1.77 -0.12 -3.18
CA GLY A 65 -1.76 -1.57 -3.21
C GLY A 65 -2.05 -2.18 -1.84
N LYS A 66 -2.35 -3.46 -1.82
CA LYS A 66 -2.65 -4.16 -0.57
C LYS A 66 -1.37 -4.65 0.11
N ILE A 67 -1.42 -4.76 1.43
CA ILE A 67 -0.26 -5.21 2.19
C ILE A 67 0.15 -6.63 1.78
N PHE A 68 1.44 -6.80 1.50
CA PHE A 68 1.95 -8.10 1.09
C PHE A 68 2.56 -8.84 2.28
N GLU A 69 3.10 -8.07 3.24
CA GLU A 69 3.71 -8.65 4.42
C GLU A 69 3.91 -7.59 5.50
N ILE A 70 3.86 -8.02 6.76
CA ILE A 70 4.03 -7.11 7.89
C ILE A 70 5.01 -7.69 8.91
N PHE A 71 5.96 -6.86 9.33
CA PHE A 71 6.96 -7.28 10.31
C PHE A 71 7.31 -6.14 11.25
N GLY A 72 8.07 -6.45 12.30
CA GLY A 72 8.47 -5.44 13.25
C GLY A 72 7.78 -5.60 14.60
N PRO A 73 7.79 -4.53 15.41
CA PRO A 73 7.16 -4.54 16.73
C PRO A 73 5.64 -4.59 16.65
N VAL A 74 4.98 -4.26 17.76
CA VAL A 74 3.52 -4.27 17.82
C VAL A 74 2.97 -2.85 17.92
N ALA A 75 3.87 -1.89 18.08
CA ALA A 75 3.46 -0.49 18.19
C ALA A 75 3.97 0.32 16.99
N HIS A 76 5.11 -0.09 16.45
CA HIS A 76 5.70 0.60 15.30
C HIS A 76 6.12 -0.40 14.22
N PRO A 77 5.20 -1.33 13.88
CA PRO A 77 5.45 -2.36 12.87
C PRO A 77 5.53 -1.78 11.47
N PHE A 78 6.30 -2.43 10.60
CA PHE A 78 6.46 -1.98 9.22
C PHE A 78 5.62 -2.83 8.27
N TYR A 79 4.86 -2.18 7.41
CA TYR A 79 4.01 -2.87 6.45
C TYR A 79 4.67 -2.92 5.08
N VAL A 80 4.40 -3.99 4.33
CA VAL A 80 4.96 -4.15 2.99
C VAL A 80 3.89 -4.02 1.92
N LEU A 81 4.24 -3.43 0.80
CA LEU A 81 3.31 -3.25 -0.31
C LEU A 81 3.65 -4.19 -1.47
N ARG A 82 2.62 -4.69 -2.13
CA ARG A 82 2.80 -5.59 -3.26
C ARG A 82 3.01 -4.82 -4.55
N PHE A 83 3.83 -5.37 -5.44
CA PHE A 83 4.13 -4.73 -6.72
C PHE A 83 4.83 -5.70 -7.67
N ASN A 84 4.30 -5.81 -8.88
CA ASN A 84 4.88 -6.70 -9.88
C ASN A 84 6.36 -6.41 -10.08
N SER A 85 6.70 -5.14 -10.21
CA SER A 85 8.09 -4.73 -10.40
C SER A 85 8.35 -3.36 -9.77
N SER A 86 9.57 -2.87 -9.94
CA SER A 86 9.95 -1.57 -9.38
C SER A 86 9.20 -0.44 -10.08
N ASP A 87 9.22 -0.46 -11.41
CA ASP A 87 8.55 0.56 -12.20
C ASP A 87 7.15 0.84 -11.66
N HIS A 88 6.46 -0.23 -11.27
CA HIS A 88 5.10 -0.10 -10.73
C HIS A 88 5.05 0.98 -9.67
N ILE A 89 6.03 0.98 -8.77
CA ILE A 89 6.09 1.97 -7.70
C ILE A 89 6.45 3.35 -8.24
N GLU A 90 7.62 3.45 -8.86
CA GLU A 90 8.07 4.72 -9.42
C GLU A 90 6.90 5.52 -9.99
N SER A 91 6.10 4.87 -10.83
CA SER A 91 4.95 5.52 -11.44
C SER A 91 4.01 6.08 -10.37
N LYS A 92 3.65 5.23 -9.42
CA LYS A 92 2.75 5.64 -8.33
C LYS A 92 3.28 6.88 -7.63
N GLY A 93 4.61 7.04 -7.62
CA GLY A 93 5.21 8.19 -6.97
C GLY A 93 5.68 7.89 -5.57
N ILE A 94 5.56 6.62 -5.16
CA ILE A 94 5.97 6.21 -3.82
C ILE A 94 7.49 6.22 -3.69
N LYS A 95 7.97 6.68 -2.54
CA LYS A 95 9.40 6.74 -2.28
C LYS A 95 9.68 7.01 -0.81
N ILE A 96 10.95 7.02 -0.44
CA ILE A 96 11.35 7.27 0.95
C ILE A 96 10.84 8.62 1.43
N LYS A 97 10.45 8.68 2.69
CA LYS A 97 9.95 9.92 3.28
C LYS A 97 8.58 10.27 2.72
N GLU A 98 7.74 9.26 2.52
CA GLU A 98 6.40 9.47 1.98
C GLU A 98 5.34 8.92 2.93
N THR A 99 4.66 9.82 3.64
CA THR A 99 3.62 9.42 4.58
C THR A 99 2.38 8.91 3.86
N MET A 100 2.03 7.66 4.10
CA MET A 100 0.87 7.04 3.47
C MET A 100 -0.34 7.08 4.41
N TYR A 101 -1.49 6.70 3.89
CA TYR A 101 -2.73 6.70 4.68
C TYR A 101 -3.65 5.56 4.23
N PHE A 102 -4.67 5.30 5.03
CA PHE A 102 -5.64 4.25 4.72
C PHE A 102 -7.07 4.74 4.91
N ALA A 103 -8.04 3.89 4.58
CA ALA A 103 -9.44 4.24 4.73
C ALA A 103 -10.18 3.21 5.56
N GLY A 1 -19.36 -6.61 -27.64
CA GLY A 1 -18.18 -7.42 -27.42
C GLY A 1 -18.16 -8.05 -26.04
N SER A 2 -17.15 -7.71 -25.25
CA SER A 2 -17.01 -8.25 -23.91
C SER A 2 -15.93 -7.50 -23.13
N SER A 3 -16.09 -7.44 -21.81
CA SER A 3 -15.12 -6.75 -20.96
C SER A 3 -14.13 -7.74 -20.35
N GLY A 4 -12.89 -7.31 -20.20
CA GLY A 4 -11.87 -8.16 -19.63
C GLY A 4 -11.69 -9.45 -20.41
N SER A 5 -10.65 -9.50 -21.24
CA SER A 5 -10.38 -10.68 -22.05
C SER A 5 -10.24 -11.93 -21.17
N SER A 6 -10.58 -13.08 -21.74
CA SER A 6 -10.48 -14.34 -21.00
C SER A 6 -9.04 -14.75 -20.79
N GLY A 7 -8.49 -14.39 -19.64
CA GLY A 7 -7.11 -14.73 -19.33
C GLY A 7 -6.51 -13.82 -18.27
N GLU A 8 -5.25 -14.08 -17.92
CA GLU A 8 -4.57 -13.29 -16.90
C GLU A 8 -3.66 -12.24 -17.55
N LEU A 9 -3.38 -11.17 -16.82
CA LEU A 9 -2.53 -10.10 -17.32
C LEU A 9 -1.13 -10.20 -16.74
N PRO A 10 -0.15 -9.62 -17.45
CA PRO A 10 1.25 -9.63 -17.04
C PRO A 10 1.50 -8.77 -15.81
N SER A 11 0.84 -7.61 -15.77
CA SER A 11 0.99 -6.68 -14.65
C SER A 11 0.12 -7.12 -13.46
N VAL A 12 0.72 -7.13 -12.28
CA VAL A 12 0.01 -7.53 -11.07
C VAL A 12 -1.36 -6.86 -11.00
N GLU A 13 -2.32 -7.55 -10.40
CA GLU A 13 -3.67 -7.01 -10.27
C GLU A 13 -3.64 -5.51 -10.04
N GLU A 14 -3.83 -4.75 -11.11
CA GLU A 14 -3.82 -3.29 -11.03
C GLU A 14 -4.87 -2.80 -10.04
N LEU A 15 -4.41 -2.09 -9.00
CA LEU A 15 -5.31 -1.57 -7.98
C LEU A 15 -5.42 -0.05 -8.08
N THR A 16 -6.52 0.42 -8.65
CA THR A 16 -6.75 1.85 -8.82
C THR A 16 -8.09 2.27 -8.20
N ILE A 17 -8.04 2.76 -6.97
CA ILE A 17 -9.24 3.19 -6.28
C ILE A 17 -9.06 4.57 -5.65
N ILE A 18 -9.92 5.51 -6.03
CA ILE A 18 -9.86 6.87 -5.51
C ILE A 18 -10.82 7.06 -4.34
N LEU A 19 -10.32 7.66 -3.27
CA LEU A 19 -11.15 7.91 -2.08
C LEU A 19 -11.76 9.30 -2.12
N PRO A 20 -13.05 9.39 -1.77
CA PRO A 20 -13.78 10.66 -1.76
C PRO A 20 -13.31 11.58 -0.64
N GLU A 21 -13.94 12.75 -0.54
CA GLU A 21 -13.59 13.73 0.49
C GLU A 21 -14.43 13.52 1.75
N ASP A 22 -14.99 12.32 1.89
CA ASP A 22 -15.82 12.00 3.05
C ASP A 22 -15.09 11.04 3.98
N ILE A 23 -13.98 10.49 3.51
CA ILE A 23 -13.19 9.56 4.31
C ILE A 23 -11.99 10.26 4.95
N GLU A 24 -11.62 9.79 6.14
CA GLU A 24 -10.49 10.37 6.86
C GLU A 24 -9.25 9.50 6.72
N LEU A 25 -8.27 9.99 5.95
CA LEU A 25 -7.03 9.25 5.75
C LEU A 25 -6.07 9.45 6.91
N LYS A 26 -5.91 8.41 7.73
CA LYS A 26 -5.02 8.48 8.88
C LYS A 26 -3.59 8.12 8.47
N PRO A 27 -2.61 8.84 9.05
CA PRO A 27 -1.19 8.61 8.77
C PRO A 27 -0.69 7.29 9.33
N LEU A 28 -0.85 6.22 8.57
CA LEU A 28 -0.41 4.90 9.00
C LEU A 28 1.09 4.87 9.23
N GLY A 29 1.83 5.55 8.37
CA GLY A 29 3.28 5.59 8.51
C GLY A 29 3.95 6.33 7.36
N MET A 30 5.19 5.95 7.08
CA MET A 30 5.95 6.59 6.00
C MET A 30 6.99 5.63 5.43
N VAL A 31 7.10 5.59 4.11
CA VAL A 31 8.06 4.72 3.45
C VAL A 31 9.40 4.71 4.18
N SER A 32 9.82 3.53 4.61
CA SER A 32 11.08 3.39 5.32
C SER A 32 12.14 2.74 4.43
N SER A 33 11.70 1.88 3.52
CA SER A 33 12.61 1.20 2.60
C SER A 33 11.86 0.64 1.40
N ILE A 34 12.60 0.13 0.42
CA ILE A 34 12.00 -0.44 -0.78
C ILE A 34 12.61 -1.80 -1.11
N ILE A 35 11.75 -2.80 -1.27
CA ILE A 35 12.20 -4.14 -1.59
C ILE A 35 12.37 -4.33 -3.10
N GLU A 36 13.19 -5.30 -3.48
CA GLU A 36 13.43 -5.57 -4.89
C GLU A 36 12.18 -5.30 -5.73
N GLN A 37 11.03 -5.74 -5.21
CA GLN A 37 9.77 -5.54 -5.90
C GLN A 37 8.74 -4.87 -5.00
N LEU A 38 8.77 -5.23 -3.72
CA LEU A 38 7.85 -4.66 -2.75
C LEU A 38 8.42 -3.40 -2.12
N VAL A 39 7.63 -2.75 -1.27
CA VAL A 39 8.05 -1.53 -0.61
C VAL A 39 7.82 -1.61 0.90
N ILE A 40 8.80 -1.17 1.66
CA ILE A 40 8.70 -1.19 3.12
C ILE A 40 8.19 0.15 3.66
N ILE A 41 7.26 0.08 4.61
CA ILE A 41 6.69 1.28 5.20
C ILE A 41 6.74 1.22 6.73
N GLU A 42 7.37 2.22 7.34
CA GLU A 42 7.48 2.27 8.79
C GLU A 42 6.29 3.02 9.41
N SER A 43 5.69 2.42 10.42
CA SER A 43 4.55 3.02 11.09
C SER A 43 4.99 3.99 12.18
N MET A 44 4.05 4.74 12.74
CA MET A 44 4.35 5.71 13.78
C MET A 44 3.71 5.29 15.10
N THR A 45 2.39 5.40 15.19
CA THR A 45 1.66 5.04 16.39
C THR A 45 0.15 5.17 16.19
N ASN A 46 -0.61 4.76 17.19
CA ASN A 46 -2.07 4.84 17.12
C ASN A 46 -2.58 4.17 15.85
N LEU A 47 -1.89 3.13 15.42
CA LEU A 47 -2.28 2.39 14.22
C LEU A 47 -3.42 1.43 14.52
N PRO A 48 -4.48 1.49 13.71
CA PRO A 48 -5.65 0.63 13.86
C PRO A 48 -5.35 -0.82 13.51
N PRO A 49 -6.20 -1.74 14.02
CA PRO A 49 -6.04 -3.18 13.77
C PRO A 49 -6.34 -3.55 12.32
N VAL A 50 -5.36 -3.33 11.45
CA VAL A 50 -5.52 -3.66 10.03
C VAL A 50 -4.72 -4.89 9.66
N ASN A 51 -5.32 -5.76 8.85
CA ASN A 51 -4.67 -6.99 8.42
C ASN A 51 -4.13 -6.85 7.00
N GLU A 52 -3.50 -7.92 6.51
CA GLU A 52 -2.94 -7.90 5.16
C GLU A 52 -3.97 -7.41 4.14
N GLU A 53 -5.16 -8.00 4.20
CA GLU A 53 -6.24 -7.62 3.28
C GLU A 53 -6.42 -6.10 3.24
N THR A 54 -5.96 -5.44 4.29
CA THR A 54 -6.07 -3.99 4.39
C THR A 54 -5.35 -3.31 3.24
N VAL A 55 -6.05 -2.39 2.57
CA VAL A 55 -5.47 -1.66 1.45
C VAL A 55 -4.84 -0.35 1.91
N ILE A 56 -3.71 0.00 1.31
CA ILE A 56 -3.01 1.23 1.65
C ILE A 56 -3.24 2.31 0.61
N PHE A 57 -3.62 3.50 1.06
CA PHE A 57 -3.87 4.62 0.15
C PHE A 57 -2.71 5.60 0.17
N LYS A 58 -2.44 6.20 -0.98
CA LYS A 58 -1.34 7.17 -1.10
C LYS A 58 -1.78 8.55 -0.62
N SER A 59 -0.82 9.45 -0.46
CA SER A 59 -1.11 10.80 -0.01
C SER A 59 -2.06 11.51 -0.97
N ASP A 60 -2.11 11.02 -2.21
CA ASP A 60 -2.99 11.61 -3.22
C ASP A 60 -4.30 10.85 -3.31
N ARG A 61 -4.68 10.19 -2.22
CA ARG A 61 -5.92 9.43 -2.17
C ARG A 61 -5.96 8.38 -3.28
N GLN A 62 -4.85 7.70 -3.48
CA GLN A 62 -4.75 6.67 -4.52
C GLN A 62 -4.28 5.35 -3.93
N ALA A 63 -5.14 4.34 -4.00
CA ALA A 63 -4.82 3.02 -3.48
C ALA A 63 -3.49 2.52 -4.04
N ALA A 64 -2.43 2.73 -3.29
CA ALA A 64 -1.10 2.29 -3.71
C ALA A 64 -1.03 0.77 -3.84
N GLY A 65 -1.78 0.08 -2.99
CA GLY A 65 -1.80 -1.38 -3.02
C GLY A 65 -2.12 -1.98 -1.68
N LYS A 66 -2.32 -3.29 -1.65
CA LYS A 66 -2.65 -4.00 -0.42
C LYS A 66 -1.37 -4.46 0.29
N ILE A 67 -1.48 -4.69 1.60
CA ILE A 67 -0.34 -5.14 2.39
C ILE A 67 0.14 -6.51 1.93
N PHE A 68 1.41 -6.57 1.51
CA PHE A 68 1.99 -7.81 1.03
C PHE A 68 2.56 -8.62 2.20
N GLU A 69 3.02 -7.92 3.23
CA GLU A 69 3.59 -8.57 4.40
C GLU A 69 3.87 -7.56 5.51
N ILE A 70 3.79 -8.00 6.75
CA ILE A 70 4.04 -7.13 7.90
C ILE A 70 5.04 -7.76 8.86
N PHE A 71 5.98 -6.95 9.33
CA PHE A 71 7.00 -7.42 10.26
C PHE A 71 7.36 -6.34 11.27
N GLY A 72 8.17 -6.71 12.26
CA GLY A 72 8.58 -5.76 13.28
C GLY A 72 7.84 -5.96 14.59
N PRO A 73 7.95 -4.97 15.48
CA PRO A 73 7.29 -5.02 16.79
C PRO A 73 5.78 -4.88 16.68
N VAL A 74 5.13 -4.58 17.81
CA VAL A 74 3.68 -4.41 17.84
C VAL A 74 3.30 -2.94 17.98
N ALA A 75 4.28 -2.11 18.31
CA ALA A 75 4.04 -0.68 18.46
C ALA A 75 4.69 0.12 17.34
N HIS A 76 5.75 -0.44 16.75
CA HIS A 76 6.45 0.23 15.66
C HIS A 76 6.72 -0.75 14.52
N PRO A 77 5.68 -1.51 14.13
CA PRO A 77 5.78 -2.49 13.05
C PRO A 77 5.94 -1.83 11.68
N PHE A 78 6.16 -2.66 10.65
CA PHE A 78 6.34 -2.15 9.30
C PHE A 78 5.48 -2.94 8.31
N TYR A 79 4.76 -2.22 7.47
CA TYR A 79 3.89 -2.85 6.48
C TYR A 79 4.53 -2.81 5.09
N VAL A 80 4.39 -3.90 4.35
CA VAL A 80 4.96 -3.99 3.00
C VAL A 80 3.86 -3.84 1.94
N LEU A 81 4.26 -3.35 0.77
CA LEU A 81 3.32 -3.15 -0.32
C LEU A 81 3.66 -4.07 -1.50
N ARG A 82 2.63 -4.63 -2.12
CA ARG A 82 2.83 -5.52 -3.26
C ARG A 82 3.03 -4.73 -4.54
N PHE A 83 3.87 -5.26 -5.44
CA PHE A 83 4.15 -4.59 -6.70
C PHE A 83 4.84 -5.54 -7.67
N ASN A 84 4.34 -5.61 -8.90
CA ASN A 84 4.92 -6.47 -9.92
C ASN A 84 6.42 -6.26 -10.05
N SER A 85 6.81 -4.99 -10.11
CA SER A 85 8.23 -4.64 -10.23
C SER A 85 8.48 -3.21 -9.78
N SER A 86 9.74 -2.80 -9.78
CA SER A 86 10.11 -1.45 -9.37
C SER A 86 9.32 -0.40 -10.15
N ASP A 87 9.29 -0.56 -11.46
CA ASP A 87 8.57 0.38 -12.33
C ASP A 87 7.22 0.73 -11.73
N HIS A 88 6.45 -0.29 -11.35
CA HIS A 88 5.13 -0.08 -10.76
C HIS A 88 5.18 1.01 -9.69
N ILE A 89 6.19 0.95 -8.84
CA ILE A 89 6.34 1.94 -7.78
C ILE A 89 6.66 3.31 -8.35
N GLU A 90 7.72 3.39 -9.16
CA GLU A 90 8.14 4.64 -9.76
C GLU A 90 6.93 5.40 -10.31
N SER A 91 6.05 4.68 -11.01
CA SER A 91 4.86 5.28 -11.59
C SER A 91 4.00 5.94 -10.52
N LYS A 92 3.69 5.18 -9.48
CA LYS A 92 2.87 5.69 -8.38
C LYS A 92 3.51 6.92 -7.74
N GLY A 93 4.84 6.96 -7.77
CA GLY A 93 5.56 8.09 -7.20
C GLY A 93 6.04 7.81 -5.79
N ILE A 94 5.69 6.64 -5.26
CA ILE A 94 6.09 6.26 -3.91
C ILE A 94 7.60 6.33 -3.75
N LYS A 95 8.05 6.81 -2.60
CA LYS A 95 9.47 6.93 -2.31
C LYS A 95 9.71 7.14 -0.82
N ILE A 96 10.98 7.17 -0.43
CA ILE A 96 11.34 7.37 0.97
C ILE A 96 10.83 8.70 1.49
N LYS A 97 10.40 8.72 2.75
CA LYS A 97 9.89 9.93 3.37
C LYS A 97 8.52 10.30 2.81
N GLU A 98 7.68 9.29 2.59
CA GLU A 98 6.35 9.49 2.06
C GLU A 98 5.29 8.97 3.01
N THR A 99 4.60 9.88 3.69
CA THR A 99 3.56 9.50 4.64
C THR A 99 2.33 8.97 3.93
N MET A 100 2.00 7.71 4.17
CA MET A 100 0.85 7.08 3.56
C MET A 100 -0.34 7.05 4.51
N TYR A 101 -1.49 6.63 4.00
CA TYR A 101 -2.69 6.56 4.82
C TYR A 101 -3.58 5.40 4.37
N PHE A 102 -4.67 5.18 5.11
CA PHE A 102 -5.60 4.11 4.79
C PHE A 102 -7.05 4.57 4.96
N ALA A 103 -7.99 3.68 4.67
CA ALA A 103 -9.41 4.01 4.79
C ALA A 103 -10.17 2.88 5.50
N GLY A 1 -24.93 0.96 -23.72
CA GLY A 1 -24.10 1.60 -22.72
C GLY A 1 -22.70 1.01 -22.65
N SER A 2 -22.17 0.89 -21.45
CA SER A 2 -20.83 0.34 -21.25
C SER A 2 -20.77 -0.45 -19.95
N SER A 3 -19.71 -1.26 -19.81
CA SER A 3 -19.53 -2.08 -18.62
C SER A 3 -18.18 -1.78 -17.96
N GLY A 4 -18.13 -0.70 -17.18
CA GLY A 4 -16.91 -0.32 -16.50
C GLY A 4 -15.68 -0.54 -17.37
N SER A 5 -14.77 -1.39 -16.90
CA SER A 5 -13.54 -1.67 -17.64
C SER A 5 -13.35 -3.18 -17.80
N SER A 6 -13.01 -3.60 -19.03
CA SER A 6 -12.80 -5.01 -19.32
C SER A 6 -11.39 -5.25 -19.85
N GLY A 7 -10.90 -6.47 -19.69
CA GLY A 7 -9.58 -6.81 -20.15
C GLY A 7 -8.55 -6.80 -19.04
N GLU A 8 -7.91 -7.95 -18.83
CA GLU A 8 -6.90 -8.08 -17.78
C GLU A 8 -5.84 -6.99 -17.91
N LEU A 9 -5.12 -6.73 -16.82
CA LEU A 9 -4.08 -5.72 -16.81
C LEU A 9 -2.70 -6.35 -16.62
N PRO A 10 -1.66 -5.65 -17.12
CA PRO A 10 -0.28 -6.12 -17.01
C PRO A 10 0.24 -6.09 -15.58
N SER A 11 0.07 -4.96 -14.92
CA SER A 11 0.53 -4.79 -13.55
C SER A 11 -0.11 -5.83 -12.62
N VAL A 12 0.56 -6.14 -11.52
CA VAL A 12 0.06 -7.11 -10.56
C VAL A 12 -0.89 -6.48 -9.57
N GLU A 13 -1.99 -7.16 -9.27
CA GLU A 13 -2.98 -6.65 -8.33
C GLU A 13 -3.07 -5.14 -8.40
N GLU A 14 -3.09 -4.60 -9.63
CA GLU A 14 -3.18 -3.16 -9.83
C GLU A 14 -4.45 -2.60 -9.19
N LEU A 15 -4.39 -2.34 -7.89
CA LEU A 15 -5.54 -1.80 -7.17
C LEU A 15 -5.67 -0.30 -7.39
N THR A 16 -6.57 0.09 -8.29
CA THR A 16 -6.78 1.50 -8.59
C THR A 16 -8.14 1.98 -8.07
N ILE A 17 -8.12 2.63 -6.92
CA ILE A 17 -9.35 3.13 -6.31
C ILE A 17 -9.17 4.56 -5.78
N ILE A 18 -10.08 5.44 -6.17
CA ILE A 18 -10.02 6.84 -5.73
C ILE A 18 -10.95 7.09 -4.54
N LEU A 19 -10.42 7.73 -3.51
CA LEU A 19 -11.21 8.02 -2.32
C LEU A 19 -11.73 9.46 -2.36
N PRO A 20 -13.01 9.63 -2.03
CA PRO A 20 -13.66 10.94 -2.02
C PRO A 20 -13.16 11.83 -0.89
N GLU A 21 -13.65 13.07 -0.85
CA GLU A 21 -13.24 14.01 0.18
C GLU A 21 -14.12 13.90 1.41
N ASP A 22 -14.75 12.73 1.56
CA ASP A 22 -15.63 12.48 2.70
C ASP A 22 -15.00 11.47 3.66
N ILE A 23 -13.93 10.83 3.21
CA ILE A 23 -13.24 9.83 4.04
C ILE A 23 -12.02 10.44 4.71
N GLU A 24 -11.70 9.95 5.90
CA GLU A 24 -10.54 10.44 6.65
C GLU A 24 -9.34 9.54 6.45
N LEU A 25 -8.24 10.12 6.01
CA LEU A 25 -7.01 9.36 5.77
C LEU A 25 -6.04 9.53 6.94
N LYS A 26 -5.96 8.51 7.79
CA LYS A 26 -5.08 8.53 8.95
C LYS A 26 -3.65 8.14 8.54
N PRO A 27 -2.66 8.82 9.14
CA PRO A 27 -1.25 8.55 8.86
C PRO A 27 -0.79 7.20 9.41
N LEU A 28 -0.65 6.23 8.52
CA LEU A 28 -0.22 4.89 8.91
C LEU A 28 1.29 4.85 9.14
N GLY A 29 2.03 5.60 8.33
CA GLY A 29 3.47 5.63 8.47
C GLY A 29 4.15 6.36 7.32
N MET A 30 5.40 6.00 7.04
CA MET A 30 6.15 6.63 5.97
C MET A 30 7.15 5.65 5.36
N VAL A 31 7.26 5.66 4.04
CA VAL A 31 8.19 4.78 3.35
C VAL A 31 9.58 4.84 3.96
N SER A 32 10.00 3.74 4.58
CA SER A 32 11.31 3.67 5.21
C SER A 32 12.31 2.93 4.32
N SER A 33 11.82 1.97 3.56
CA SER A 33 12.66 1.19 2.67
C SER A 33 11.85 0.62 1.50
N ILE A 34 12.54 0.04 0.53
CA ILE A 34 11.88 -0.54 -0.63
C ILE A 34 12.50 -1.88 -1.00
N ILE A 35 11.66 -2.87 -1.27
CA ILE A 35 12.12 -4.20 -1.64
C ILE A 35 12.33 -4.31 -3.15
N GLU A 36 13.15 -5.26 -3.56
CA GLU A 36 13.43 -5.48 -4.97
C GLU A 36 12.20 -5.16 -5.82
N GLN A 37 11.04 -5.63 -5.36
CA GLN A 37 9.79 -5.39 -6.08
C GLN A 37 8.76 -4.73 -5.18
N LEU A 38 8.73 -5.15 -3.92
CA LEU A 38 7.79 -4.61 -2.95
C LEU A 38 8.36 -3.36 -2.29
N VAL A 39 7.55 -2.71 -1.45
CA VAL A 39 7.97 -1.51 -0.76
C VAL A 39 7.77 -1.64 0.75
N ILE A 40 8.70 -1.07 1.52
CA ILE A 40 8.63 -1.12 2.97
C ILE A 40 8.18 0.21 3.55
N ILE A 41 7.19 0.16 4.42
CA ILE A 41 6.66 1.37 5.05
C ILE A 41 6.70 1.27 6.57
N GLU A 42 7.44 2.17 7.19
CA GLU A 42 7.57 2.18 8.65
C GLU A 42 6.40 2.92 9.30
N SER A 43 5.89 2.36 10.39
CA SER A 43 4.76 2.96 11.10
C SER A 43 5.25 4.00 12.11
N MET A 44 4.33 4.81 12.60
CA MET A 44 4.66 5.84 13.57
C MET A 44 4.07 5.51 14.94
N THR A 45 2.75 5.66 15.06
CA THR A 45 2.06 5.38 16.31
C THR A 45 0.55 5.56 16.16
N ASN A 46 -0.20 5.13 17.16
CA ASN A 46 -1.65 5.24 17.15
C ASN A 46 -2.23 4.54 15.93
N LEU A 47 -1.56 3.49 15.48
CA LEU A 47 -2.01 2.73 14.31
C LEU A 47 -3.08 1.72 14.70
N PRO A 48 -4.22 1.76 13.99
CA PRO A 48 -5.33 0.85 14.25
C PRO A 48 -5.02 -0.59 13.85
N PRO A 49 -5.83 -1.54 14.34
CA PRO A 49 -5.67 -2.96 14.05
C PRO A 49 -5.99 -3.30 12.60
N VAL A 50 -5.04 -3.03 11.71
CA VAL A 50 -5.22 -3.30 10.29
C VAL A 50 -4.50 -4.58 9.87
N ASN A 51 -5.21 -5.46 9.19
CA ASN A 51 -4.63 -6.72 8.73
C ASN A 51 -4.10 -6.60 7.31
N GLU A 52 -3.45 -7.65 6.84
CA GLU A 52 -2.89 -7.66 5.48
C GLU A 52 -3.94 -7.27 4.45
N GLU A 53 -5.10 -7.94 4.52
CA GLU A 53 -6.19 -7.66 3.59
C GLU A 53 -6.45 -6.16 3.49
N THR A 54 -6.01 -5.42 4.51
CA THR A 54 -6.20 -3.98 4.53
C THR A 54 -5.49 -3.31 3.36
N VAL A 55 -6.18 -2.35 2.74
CA VAL A 55 -5.62 -1.63 1.60
C VAL A 55 -4.91 -0.35 2.05
N ILE A 56 -3.88 0.04 1.30
CA ILE A 56 -3.13 1.25 1.63
C ILE A 56 -3.33 2.32 0.56
N PHE A 57 -3.80 3.48 0.99
CA PHE A 57 -4.04 4.60 0.07
C PHE A 57 -2.85 5.56 0.07
N LYS A 58 -2.66 6.24 -1.06
CA LYS A 58 -1.56 7.19 -1.19
C LYS A 58 -1.99 8.59 -0.76
N SER A 59 -1.04 9.51 -0.71
CA SER A 59 -1.32 10.88 -0.30
C SER A 59 -2.29 11.54 -1.28
N ASP A 60 -2.31 11.04 -2.51
CA ASP A 60 -3.19 11.59 -3.54
C ASP A 60 -4.52 10.83 -3.58
N ARG A 61 -4.83 10.15 -2.47
CA ARG A 61 -6.07 9.39 -2.38
C ARG A 61 -6.14 8.32 -3.47
N GLN A 62 -5.01 7.65 -3.70
CA GLN A 62 -4.95 6.62 -4.71
C GLN A 62 -4.46 5.30 -4.12
N ALA A 63 -5.33 4.30 -4.10
CA ALA A 63 -4.98 2.99 -3.55
C ALA A 63 -3.67 2.48 -4.13
N ALA A 64 -2.59 2.64 -3.37
CA ALA A 64 -1.28 2.19 -3.80
C ALA A 64 -1.21 0.67 -3.89
N GLY A 65 -1.97 0.00 -3.02
CA GLY A 65 -1.98 -1.44 -3.02
C GLY A 65 -2.24 -2.02 -1.64
N LYS A 66 -2.57 -3.30 -1.58
CA LYS A 66 -2.85 -3.96 -0.32
C LYS A 66 -1.55 -4.41 0.35
N ILE A 67 -1.63 -4.69 1.65
CA ILE A 67 -0.46 -5.14 2.40
C ILE A 67 -0.04 -6.55 2.00
N PHE A 68 1.19 -6.69 1.52
CA PHE A 68 1.70 -7.98 1.08
C PHE A 68 2.27 -8.75 2.27
N GLU A 69 2.85 -8.02 3.23
CA GLU A 69 3.44 -8.64 4.41
C GLU A 69 3.63 -7.61 5.52
N ILE A 70 3.61 -8.07 6.76
CA ILE A 70 3.79 -7.19 7.91
C ILE A 70 4.81 -7.77 8.89
N PHE A 71 5.74 -6.94 9.31
CA PHE A 71 6.78 -7.36 10.25
C PHE A 71 7.13 -6.23 11.23
N GLY A 72 7.95 -6.56 12.22
CA GLY A 72 8.34 -5.56 13.20
C GLY A 72 7.64 -5.75 14.53
N PRO A 73 7.63 -4.69 15.36
CA PRO A 73 6.99 -4.73 16.68
C PRO A 73 5.47 -4.78 16.58
N VAL A 74 4.80 -4.47 17.68
CA VAL A 74 3.34 -4.49 17.72
C VAL A 74 2.78 -3.07 17.82
N ALA A 75 3.66 -2.11 18.00
CA ALA A 75 3.25 -0.70 18.11
C ALA A 75 3.77 0.11 16.92
N HIS A 76 4.93 -0.27 16.41
CA HIS A 76 5.53 0.43 15.29
C HIS A 76 5.97 -0.56 14.20
N PRO A 77 5.07 -1.48 13.84
CA PRO A 77 5.34 -2.50 12.82
C PRO A 77 5.43 -1.91 11.42
N PHE A 78 6.21 -2.55 10.56
CA PHE A 78 6.38 -2.08 9.19
C PHE A 78 5.52 -2.89 8.23
N TYR A 79 4.83 -2.20 7.34
CA TYR A 79 3.96 -2.85 6.37
C TYR A 79 4.60 -2.87 4.99
N VAL A 80 4.35 -3.93 4.23
CA VAL A 80 4.91 -4.08 2.90
C VAL A 80 3.82 -3.98 1.83
N LEU A 81 4.16 -3.39 0.70
CA LEU A 81 3.22 -3.22 -0.40
C LEU A 81 3.57 -4.16 -1.56
N ARG A 82 2.54 -4.67 -2.23
CA ARG A 82 2.72 -5.57 -3.35
C ARG A 82 2.99 -4.79 -4.64
N PHE A 83 3.89 -5.31 -5.47
CA PHE A 83 4.23 -4.67 -6.73
C PHE A 83 5.00 -5.62 -7.64
N ASN A 84 5.11 -5.25 -8.91
CA ASN A 84 5.82 -6.07 -9.88
C ASN A 84 7.32 -5.79 -9.84
N SER A 85 7.68 -4.50 -9.80
CA SER A 85 9.08 -4.10 -9.75
C SER A 85 9.20 -2.59 -9.56
N SER A 86 10.43 -2.13 -9.29
CA SER A 86 10.67 -0.72 -9.08
C SER A 86 9.78 0.14 -9.98
N ASP A 87 9.70 -0.23 -11.25
CA ASP A 87 8.87 0.50 -12.21
C ASP A 87 7.47 0.71 -11.66
N HIS A 88 6.80 -0.39 -11.34
CA HIS A 88 5.44 -0.33 -10.81
C HIS A 88 5.33 0.74 -9.73
N ILE A 89 6.32 0.79 -8.84
CA ILE A 89 6.31 1.77 -7.75
C ILE A 89 6.50 3.18 -8.30
N GLU A 90 7.62 3.41 -8.98
CA GLU A 90 7.91 4.71 -9.55
C GLU A 90 6.64 5.38 -10.07
N SER A 91 5.88 4.64 -10.88
CA SER A 91 4.64 5.16 -11.45
C SER A 91 3.74 5.72 -10.35
N LYS A 92 3.47 4.91 -9.34
CA LYS A 92 2.63 5.32 -8.22
C LYS A 92 3.16 6.59 -7.58
N GLY A 93 4.47 6.80 -7.69
CA GLY A 93 5.08 7.98 -7.11
C GLY A 93 5.58 7.75 -5.69
N ILE A 94 5.32 6.55 -5.18
CA ILE A 94 5.75 6.20 -3.82
C ILE A 94 7.26 6.11 -3.73
N LYS A 95 7.82 6.70 -2.68
CA LYS A 95 9.26 6.68 -2.46
C LYS A 95 9.60 7.00 -1.01
N ILE A 96 10.88 6.93 -0.68
CA ILE A 96 11.34 7.21 0.67
C ILE A 96 10.86 8.58 1.14
N LYS A 97 10.51 8.67 2.42
CA LYS A 97 10.04 9.92 3.00
C LYS A 97 8.64 10.27 2.47
N GLU A 98 7.78 9.27 2.35
CA GLU A 98 6.43 9.48 1.86
C GLU A 98 5.40 8.91 2.83
N THR A 99 4.69 9.81 3.50
CA THR A 99 3.67 9.42 4.47
C THR A 99 2.44 8.85 3.77
N MET A 100 2.07 7.62 4.13
CA MET A 100 0.91 6.97 3.53
C MET A 100 -0.27 6.99 4.50
N TYR A 101 -1.43 6.58 4.01
CA TYR A 101 -2.64 6.54 4.83
C TYR A 101 -3.54 5.38 4.42
N PHE A 102 -4.61 5.18 5.18
CA PHE A 102 -5.56 4.11 4.89
C PHE A 102 -7.00 4.58 5.07
N ALA A 103 -7.95 3.80 4.59
CA ALA A 103 -9.36 4.14 4.69
C ALA A 103 -10.16 3.00 5.30
N GLY A 1 -16.47 -14.34 -16.81
CA GLY A 1 -16.33 -14.64 -18.23
C GLY A 1 -17.56 -15.32 -18.80
N SER A 2 -17.44 -15.82 -20.02
CA SER A 2 -18.54 -16.49 -20.70
C SER A 2 -18.09 -17.82 -21.30
N SER A 3 -17.28 -18.56 -20.55
CA SER A 3 -16.76 -19.83 -21.02
C SER A 3 -15.96 -19.67 -22.30
N GLY A 4 -15.14 -18.62 -22.35
CA GLY A 4 -14.32 -18.37 -23.53
C GLY A 4 -12.84 -18.39 -23.22
N SER A 5 -12.40 -17.46 -22.38
CA SER A 5 -10.99 -17.36 -22.02
C SER A 5 -10.81 -17.58 -20.52
N SER A 6 -11.54 -16.82 -19.72
CA SER A 6 -11.45 -16.93 -18.27
C SER A 6 -10.00 -17.10 -17.82
N GLY A 7 -9.11 -16.33 -18.43
CA GLY A 7 -7.70 -16.41 -18.09
C GLY A 7 -7.22 -15.22 -17.29
N GLU A 8 -6.20 -15.42 -16.46
CA GLU A 8 -5.66 -14.35 -15.64
C GLU A 8 -4.46 -13.69 -16.32
N LEU A 9 -4.09 -12.50 -15.85
CA LEU A 9 -2.97 -11.77 -16.43
C LEU A 9 -1.68 -12.10 -15.68
N PRO A 10 -0.54 -11.94 -16.36
CA PRO A 10 0.78 -12.21 -15.78
C PRO A 10 1.17 -11.19 -14.71
N SER A 11 0.92 -9.91 -14.99
CA SER A 11 1.24 -8.84 -14.06
C SER A 11 0.10 -8.64 -13.06
N VAL A 12 0.47 -8.46 -11.79
CA VAL A 12 -0.51 -8.25 -10.73
C VAL A 12 -1.45 -7.11 -11.07
N GLU A 13 -2.75 -7.41 -11.12
CA GLU A 13 -3.76 -6.41 -11.44
C GLU A 13 -3.62 -5.20 -10.51
N GLU A 14 -2.82 -4.22 -10.94
CA GLU A 14 -2.61 -3.02 -10.14
C GLU A 14 -3.92 -2.51 -9.55
N LEU A 15 -3.92 -2.28 -8.25
CA LEU A 15 -5.11 -1.79 -7.56
C LEU A 15 -5.26 -0.28 -7.72
N THR A 16 -6.14 0.13 -8.62
CA THR A 16 -6.37 1.55 -8.87
C THR A 16 -7.75 1.97 -8.38
N ILE A 17 -7.79 2.62 -7.22
CA ILE A 17 -9.04 3.08 -6.63
C ILE A 17 -8.91 4.50 -6.11
N ILE A 18 -9.80 5.38 -6.56
CA ILE A 18 -9.79 6.76 -6.14
C ILE A 18 -10.77 7.00 -5.00
N LEU A 19 -10.30 7.65 -3.94
CA LEU A 19 -11.14 7.94 -2.78
C LEU A 19 -11.68 9.36 -2.85
N PRO A 20 -12.98 9.51 -2.55
CA PRO A 20 -13.66 10.81 -2.57
C PRO A 20 -13.19 11.71 -1.43
N GLU A 21 -13.76 12.92 -1.37
CA GLU A 21 -13.41 13.88 -0.33
C GLU A 21 -14.31 13.73 0.88
N ASP A 22 -14.98 12.59 0.98
CA ASP A 22 -15.88 12.31 2.09
C ASP A 22 -15.25 11.33 3.08
N ILE A 23 -14.14 10.73 2.68
CA ILE A 23 -13.44 9.77 3.52
C ILE A 23 -12.24 10.42 4.22
N GLU A 24 -11.94 9.95 5.42
CA GLU A 24 -10.82 10.49 6.19
C GLU A 24 -9.61 9.55 6.11
N LEU A 25 -8.49 10.08 5.64
CA LEU A 25 -7.27 9.30 5.52
C LEU A 25 -6.36 9.51 6.73
N LYS A 26 -6.07 8.42 7.44
CA LYS A 26 -5.22 8.48 8.62
C LYS A 26 -3.78 8.10 8.26
N PRO A 27 -2.81 8.78 8.90
CA PRO A 27 -1.39 8.52 8.67
C PRO A 27 -0.94 7.18 9.24
N LEU A 28 -0.75 6.21 8.35
CA LEU A 28 -0.32 4.88 8.75
C LEU A 28 1.18 4.84 9.04
N GLY A 29 1.95 5.51 8.19
CA GLY A 29 3.39 5.55 8.38
C GLY A 29 4.10 6.27 7.25
N MET A 30 5.37 5.92 7.02
CA MET A 30 6.15 6.54 5.97
C MET A 30 7.17 5.56 5.40
N VAL A 31 7.30 5.55 4.08
CA VAL A 31 8.25 4.65 3.42
C VAL A 31 9.59 4.64 4.12
N SER A 32 9.96 3.49 4.68
CA SER A 32 11.22 3.35 5.39
C SER A 32 12.28 2.69 4.51
N SER A 33 11.82 1.80 3.63
CA SER A 33 12.71 1.09 2.73
C SER A 33 11.96 0.52 1.53
N ILE A 34 12.70 -0.01 0.57
CA ILE A 34 12.10 -0.58 -0.62
C ILE A 34 12.68 -1.96 -0.93
N ILE A 35 11.80 -2.93 -1.14
CA ILE A 35 12.23 -4.30 -1.45
C ILE A 35 12.44 -4.47 -2.95
N GLU A 36 13.25 -5.47 -3.31
CA GLU A 36 13.54 -5.75 -4.71
C GLU A 36 12.33 -5.43 -5.59
N GLN A 37 11.15 -5.82 -5.12
CA GLN A 37 9.92 -5.58 -5.86
C GLN A 37 8.87 -4.90 -4.98
N LEU A 38 8.84 -5.28 -3.71
CA LEU A 38 7.90 -4.71 -2.76
C LEU A 38 8.46 -3.44 -2.13
N VAL A 39 7.64 -2.78 -1.31
CA VAL A 39 8.05 -1.55 -0.64
C VAL A 39 7.81 -1.64 0.86
N ILE A 40 8.79 -1.15 1.63
CA ILE A 40 8.68 -1.18 3.09
C ILE A 40 8.21 0.16 3.63
N ILE A 41 7.26 0.13 4.55
CA ILE A 41 6.74 1.34 5.15
C ILE A 41 6.75 1.26 6.67
N GLU A 42 7.47 2.18 7.30
CA GLU A 42 7.56 2.20 8.76
C GLU A 42 6.37 2.95 9.37
N SER A 43 5.85 2.40 10.47
CA SER A 43 4.71 3.01 11.15
C SER A 43 5.18 3.96 12.24
N MET A 44 4.27 4.83 12.69
CA MET A 44 4.58 5.79 13.74
C MET A 44 3.95 5.39 15.07
N THR A 45 2.64 5.50 15.15
CA THR A 45 1.92 5.14 16.36
C THR A 45 0.41 5.29 16.17
N ASN A 46 -0.35 4.92 17.20
CA ASN A 46 -1.81 5.01 17.15
C ASN A 46 -2.34 4.33 15.89
N LEU A 47 -1.69 3.25 15.48
CA LEU A 47 -2.09 2.51 14.29
C LEU A 47 -3.16 1.48 14.65
N PRO A 48 -4.28 1.50 13.90
CA PRO A 48 -5.40 0.57 14.11
C PRO A 48 -5.04 -0.86 13.71
N PRO A 49 -5.76 -1.83 14.29
CA PRO A 49 -5.54 -3.25 14.00
C PRO A 49 -5.97 -3.64 12.59
N VAL A 50 -5.11 -3.34 11.62
CA VAL A 50 -5.40 -3.66 10.22
C VAL A 50 -4.71 -4.94 9.79
N ASN A 51 -5.35 -5.70 8.90
CA ASN A 51 -4.78 -6.95 8.41
C ASN A 51 -4.17 -6.76 7.03
N GLU A 52 -3.47 -7.79 6.55
CA GLU A 52 -2.84 -7.74 5.24
C GLU A 52 -3.82 -7.27 4.17
N GLU A 53 -4.99 -7.92 4.14
CA GLU A 53 -6.02 -7.57 3.17
C GLU A 53 -6.26 -6.07 3.14
N THR A 54 -5.84 -5.38 4.20
CA THR A 54 -6.01 -3.94 4.29
C THR A 54 -5.34 -3.22 3.13
N VAL A 55 -6.09 -2.32 2.50
CA VAL A 55 -5.58 -1.56 1.35
C VAL A 55 -4.84 -0.31 1.82
N ILE A 56 -3.77 0.03 1.12
CA ILE A 56 -2.98 1.21 1.46
C ILE A 56 -3.19 2.32 0.43
N PHE A 57 -3.64 3.47 0.89
CA PHE A 57 -3.88 4.62 0.02
C PHE A 57 -2.70 5.59 0.06
N LYS A 58 -2.45 6.26 -1.06
CA LYS A 58 -1.36 7.21 -1.16
C LYS A 58 -1.82 8.60 -0.71
N SER A 59 -0.88 9.54 -0.69
CA SER A 59 -1.18 10.91 -0.28
C SER A 59 -2.07 11.60 -1.31
N ASP A 60 -1.97 11.16 -2.56
CA ASP A 60 -2.77 11.73 -3.64
C ASP A 60 -4.13 11.05 -3.71
N ARG A 61 -4.55 10.42 -2.62
CA ARG A 61 -5.83 9.74 -2.56
C ARG A 61 -5.91 8.66 -3.64
N GLN A 62 -4.83 7.92 -3.82
CA GLN A 62 -4.78 6.85 -4.81
C GLN A 62 -4.28 5.55 -4.20
N ALA A 63 -5.10 4.51 -4.29
CA ALA A 63 -4.75 3.21 -3.74
C ALA A 63 -3.40 2.75 -4.26
N ALA A 64 -2.41 2.68 -3.38
CA ALA A 64 -1.06 2.25 -3.74
C ALA A 64 -0.96 0.72 -3.77
N GLY A 65 -1.75 0.07 -2.92
CA GLY A 65 -1.73 -1.38 -2.86
C GLY A 65 -2.02 -1.91 -1.47
N LYS A 66 -2.33 -3.19 -1.39
CA LYS A 66 -2.63 -3.82 -0.11
C LYS A 66 -1.35 -4.29 0.59
N ILE A 67 -1.40 -4.38 1.92
CA ILE A 67 -0.25 -4.83 2.69
C ILE A 67 0.23 -6.20 2.23
N PHE A 68 1.35 -6.22 1.52
CA PHE A 68 1.92 -7.47 1.03
C PHE A 68 2.43 -8.33 2.17
N GLU A 69 2.88 -7.68 3.25
CA GLU A 69 3.39 -8.39 4.41
C GLU A 69 3.67 -7.42 5.55
N ILE A 70 3.56 -7.92 6.79
CA ILE A 70 3.80 -7.10 7.97
C ILE A 70 4.83 -7.74 8.88
N PHE A 71 5.82 -6.95 9.31
CA PHE A 71 6.87 -7.45 10.18
C PHE A 71 7.28 -6.37 11.19
N GLY A 72 8.10 -6.76 12.16
CA GLY A 72 8.57 -5.82 13.17
C GLY A 72 7.87 -6.03 14.50
N PRO A 73 7.97 -5.02 15.39
CA PRO A 73 7.36 -5.07 16.72
C PRO A 73 5.83 -4.99 16.65
N VAL A 74 5.22 -4.69 17.80
CA VAL A 74 3.77 -4.58 17.87
C VAL A 74 3.33 -3.12 17.99
N ALA A 75 4.30 -2.24 18.20
CA ALA A 75 4.00 -0.82 18.33
C ALA A 75 4.59 -0.03 17.16
N HIS A 76 5.74 -0.48 16.67
CA HIS A 76 6.42 0.19 15.55
C HIS A 76 6.67 -0.79 14.41
N PRO A 77 5.63 -1.58 14.07
CA PRO A 77 5.72 -2.57 13.00
C PRO A 77 5.79 -1.92 11.62
N PHE A 78 6.44 -2.60 10.68
CA PHE A 78 6.58 -2.09 9.32
C PHE A 78 5.69 -2.86 8.36
N TYR A 79 4.97 -2.13 7.51
CA TYR A 79 4.08 -2.75 6.54
C TYR A 79 4.73 -2.78 5.16
N VAL A 80 4.44 -3.84 4.40
CA VAL A 80 4.99 -3.99 3.06
C VAL A 80 3.90 -3.87 2.00
N LEU A 81 4.29 -3.44 0.80
CA LEU A 81 3.35 -3.28 -0.30
C LEU A 81 3.70 -4.21 -1.46
N ARG A 82 2.68 -4.71 -2.14
CA ARG A 82 2.88 -5.61 -3.27
C ARG A 82 3.03 -4.82 -4.58
N PHE A 83 3.92 -5.28 -5.44
CA PHE A 83 4.17 -4.62 -6.71
C PHE A 83 4.85 -5.57 -7.70
N ASN A 84 4.58 -5.37 -8.98
CA ASN A 84 5.18 -6.21 -10.03
C ASN A 84 6.68 -5.95 -10.14
N SER A 85 7.04 -4.67 -10.27
CA SER A 85 8.45 -4.30 -10.39
C SER A 85 8.64 -2.82 -10.03
N SER A 86 9.88 -2.44 -9.79
CA SER A 86 10.21 -1.07 -9.43
C SER A 86 9.34 -0.08 -10.20
N ASP A 87 9.23 -0.29 -11.51
CA ASP A 87 8.42 0.58 -12.36
C ASP A 87 7.05 0.82 -11.73
N HIS A 88 6.36 -0.26 -11.40
CA HIS A 88 5.04 -0.17 -10.79
C HIS A 88 5.03 0.87 -9.67
N ILE A 89 6.09 0.88 -8.87
CA ILE A 89 6.21 1.82 -7.76
C ILE A 89 6.52 3.23 -8.26
N GLU A 90 7.62 3.35 -8.99
CA GLU A 90 8.04 4.64 -9.53
C GLU A 90 6.82 5.46 -9.98
N SER A 91 5.96 4.83 -10.77
CA SER A 91 4.77 5.50 -11.26
C SER A 91 3.91 6.03 -10.12
N LYS A 92 3.50 5.13 -9.22
CA LYS A 92 2.69 5.52 -8.08
C LYS A 92 3.27 6.74 -7.38
N GLY A 93 4.56 6.97 -7.57
CA GLY A 93 5.22 8.11 -6.96
C GLY A 93 5.69 7.81 -5.56
N ILE A 94 5.55 6.56 -5.13
CA ILE A 94 5.97 6.15 -3.80
C ILE A 94 7.48 6.14 -3.68
N LYS A 95 7.98 6.63 -2.54
CA LYS A 95 9.43 6.68 -2.30
C LYS A 95 9.72 6.97 -0.83
N ILE A 96 10.98 6.89 -0.45
CA ILE A 96 11.39 7.14 0.92
C ILE A 96 10.89 8.50 1.40
N LYS A 97 10.50 8.57 2.67
CA LYS A 97 10.01 9.81 3.25
C LYS A 97 8.64 10.17 2.67
N GLU A 98 7.81 9.16 2.47
CA GLU A 98 6.47 9.38 1.92
C GLU A 98 5.40 8.85 2.87
N THR A 99 4.63 9.77 3.46
CA THR A 99 3.57 9.39 4.39
C THR A 99 2.38 8.80 3.66
N MET A 100 1.95 7.62 4.07
CA MET A 100 0.82 6.95 3.45
C MET A 100 -0.40 6.99 4.37
N TYR A 101 -1.55 6.58 3.84
CA TYR A 101 -2.78 6.57 4.61
C TYR A 101 -3.70 5.43 4.16
N PHE A 102 -4.65 5.09 5.00
CA PHE A 102 -5.60 4.01 4.70
C PHE A 102 -7.04 4.49 4.88
N ALA A 103 -7.99 3.63 4.50
CA ALA A 103 -9.40 3.96 4.62
C ALA A 103 -10.19 2.76 5.14
N GLY A 1 -17.88 -5.57 -28.93
CA GLY A 1 -19.14 -4.84 -28.77
C GLY A 1 -19.30 -4.29 -27.37
N SER A 2 -19.56 -5.17 -26.41
CA SER A 2 -19.74 -4.76 -25.02
C SER A 2 -19.28 -5.85 -24.07
N SER A 3 -18.19 -5.58 -23.35
CA SER A 3 -17.64 -6.55 -22.40
C SER A 3 -18.08 -6.20 -20.97
N GLY A 4 -19.01 -6.99 -20.45
CA GLY A 4 -19.51 -6.76 -19.10
C GLY A 4 -19.58 -8.04 -18.28
N SER A 5 -18.55 -8.30 -17.48
CA SER A 5 -18.50 -9.50 -16.65
C SER A 5 -17.43 -9.36 -15.59
N SER A 6 -17.59 -10.12 -14.50
CA SER A 6 -16.64 -10.10 -13.39
C SER A 6 -15.65 -11.25 -13.50
N GLY A 7 -14.48 -10.98 -14.08
CA GLY A 7 -13.47 -12.01 -14.24
C GLY A 7 -12.06 -11.44 -14.30
N GLU A 8 -11.39 -11.39 -13.16
CA GLU A 8 -10.04 -10.85 -13.09
C GLU A 8 -9.06 -11.91 -12.58
N LEU A 9 -7.78 -11.72 -12.88
CA LEU A 9 -6.75 -12.67 -12.45
C LEU A 9 -6.41 -12.46 -10.98
N PRO A 10 -5.89 -13.52 -10.33
CA PRO A 10 -5.50 -13.48 -8.92
C PRO A 10 -4.28 -12.61 -8.68
N SER A 11 -3.24 -12.81 -9.49
CA SER A 11 -2.00 -12.05 -9.36
C SER A 11 -2.28 -10.55 -9.46
N VAL A 12 -1.38 -9.76 -8.88
CA VAL A 12 -1.52 -8.30 -8.90
C VAL A 12 -1.33 -7.75 -10.31
N GLU A 13 -2.08 -6.69 -10.62
CA GLU A 13 -1.98 -6.07 -11.94
C GLU A 13 -1.91 -4.56 -11.81
N GLU A 14 -3.05 -3.94 -11.51
CA GLU A 14 -3.11 -2.49 -11.37
C GLU A 14 -4.24 -2.09 -10.42
N LEU A 15 -3.86 -1.54 -9.27
CA LEU A 15 -4.84 -1.12 -8.27
C LEU A 15 -5.00 0.41 -8.29
N THR A 16 -6.06 0.88 -8.94
CA THR A 16 -6.33 2.31 -9.02
C THR A 16 -7.70 2.65 -8.45
N ILE A 17 -7.72 3.22 -7.25
CA ILE A 17 -8.97 3.59 -6.60
C ILE A 17 -8.86 4.97 -5.96
N ILE A 18 -9.72 5.89 -6.39
CA ILE A 18 -9.73 7.24 -5.85
C ILE A 18 -10.69 7.36 -4.67
N LEU A 19 -10.22 7.98 -3.60
CA LEU A 19 -11.04 8.16 -2.41
C LEU A 19 -11.66 9.55 -2.38
N PRO A 20 -12.96 9.62 -2.05
CA PRO A 20 -13.69 10.89 -1.98
C PRO A 20 -13.25 11.75 -0.82
N GLU A 21 -13.91 12.90 -0.64
CA GLU A 21 -13.57 13.82 0.43
C GLU A 21 -14.44 13.54 1.67
N ASP A 22 -15.07 12.37 1.69
CA ASP A 22 -15.93 11.99 2.80
C ASP A 22 -15.21 11.00 3.72
N ILE A 23 -14.08 10.48 3.25
CA ILE A 23 -13.30 9.53 4.04
C ILE A 23 -12.15 10.22 4.77
N GLU A 24 -11.80 9.71 5.94
CA GLU A 24 -10.72 10.27 6.73
C GLU A 24 -9.46 9.43 6.62
N LEU A 25 -8.46 9.96 5.93
CA LEU A 25 -7.19 9.26 5.74
C LEU A 25 -6.28 9.44 6.96
N LYS A 26 -6.01 8.34 7.66
CA LYS A 26 -5.16 8.37 8.85
C LYS A 26 -3.73 7.97 8.49
N PRO A 27 -2.75 8.62 9.13
CA PRO A 27 -1.34 8.35 8.90
C PRO A 27 -0.91 7.00 9.45
N LEU A 28 -0.63 6.06 8.54
CA LEU A 28 -0.22 4.71 8.94
C LEU A 28 1.30 4.65 9.15
N GLY A 29 2.03 5.42 8.35
CA GLY A 29 3.47 5.43 8.47
C GLY A 29 4.15 6.13 7.30
N MET A 30 5.46 5.98 7.19
CA MET A 30 6.22 6.60 6.12
C MET A 30 7.21 5.60 5.51
N VAL A 31 7.33 5.61 4.19
CA VAL A 31 8.24 4.71 3.49
C VAL A 31 9.63 4.74 4.14
N SER A 32 9.98 3.65 4.82
CA SER A 32 11.27 3.55 5.48
C SER A 32 12.30 2.89 4.57
N SER A 33 11.86 1.86 3.85
CA SER A 33 12.73 1.13 2.94
C SER A 33 11.97 0.65 1.71
N ILE A 34 12.70 0.11 0.74
CA ILE A 34 12.09 -0.38 -0.49
C ILE A 34 12.66 -1.74 -0.88
N ILE A 35 11.79 -2.70 -1.12
CA ILE A 35 12.21 -4.05 -1.50
C ILE A 35 12.40 -4.15 -3.01
N GLU A 36 13.20 -5.12 -3.43
CA GLU A 36 13.48 -5.32 -4.84
C GLU A 36 12.24 -4.97 -5.69
N GLN A 37 11.09 -5.47 -5.28
CA GLN A 37 9.85 -5.21 -5.99
C GLN A 37 8.81 -4.57 -5.07
N LEU A 38 8.83 -4.97 -3.80
CA LEU A 38 7.89 -4.44 -2.82
C LEU A 38 8.47 -3.22 -2.12
N VAL A 39 7.64 -2.57 -1.30
CA VAL A 39 8.07 -1.39 -0.56
C VAL A 39 7.86 -1.56 0.93
N ILE A 40 8.75 -0.97 1.72
CA ILE A 40 8.65 -1.06 3.18
C ILE A 40 8.20 0.27 3.78
N ILE A 41 7.16 0.21 4.61
CA ILE A 41 6.62 1.40 5.25
C ILE A 41 6.74 1.31 6.77
N GLU A 42 7.32 2.33 7.38
CA GLU A 42 7.49 2.37 8.83
C GLU A 42 6.30 3.05 9.50
N SER A 43 5.70 2.37 10.48
CA SER A 43 4.55 2.90 11.19
C SER A 43 5.00 3.90 12.27
N MET A 44 4.09 4.79 12.66
CA MET A 44 4.39 5.78 13.68
C MET A 44 3.76 5.40 15.02
N THR A 45 2.44 5.50 15.09
CA THR A 45 1.71 5.17 16.30
C THR A 45 0.20 5.28 16.09
N ASN A 46 -0.56 4.90 17.11
CA ASN A 46 -2.02 4.95 17.04
C ASN A 46 -2.53 4.23 15.79
N LEU A 47 -1.79 3.21 15.37
CA LEU A 47 -2.16 2.43 14.19
C LEU A 47 -3.27 1.43 14.54
N PRO A 48 -4.37 1.50 13.77
CA PRO A 48 -5.52 0.61 13.97
C PRO A 48 -5.22 -0.83 13.57
N PRO A 49 -6.02 -1.77 14.08
CA PRO A 49 -5.85 -3.19 13.79
C PRO A 49 -6.21 -3.54 12.35
N VAL A 50 -5.29 -3.28 11.45
CA VAL A 50 -5.50 -3.57 10.03
C VAL A 50 -4.71 -4.79 9.59
N ASN A 51 -5.32 -5.61 8.72
CA ASN A 51 -4.68 -6.81 8.23
C ASN A 51 -4.08 -6.57 6.84
N GLU A 52 -3.25 -7.50 6.38
CA GLU A 52 -2.62 -7.40 5.08
C GLU A 52 -3.65 -7.10 4.00
N GLU A 53 -4.77 -7.81 4.05
CA GLU A 53 -5.84 -7.64 3.08
C GLU A 53 -6.22 -6.16 2.94
N THR A 54 -5.86 -5.37 3.95
CA THR A 54 -6.15 -3.95 3.96
C THR A 54 -5.39 -3.23 2.85
N VAL A 55 -6.06 -2.30 2.19
CA VAL A 55 -5.45 -1.53 1.11
C VAL A 55 -4.82 -0.24 1.64
N ILE A 56 -3.66 0.11 1.10
CA ILE A 56 -2.96 1.31 1.51
C ILE A 56 -3.13 2.42 0.49
N PHE A 57 -3.69 3.54 0.91
CA PHE A 57 -3.92 4.69 0.03
C PHE A 57 -2.75 5.67 0.11
N LYS A 58 -2.50 6.36 -0.99
CA LYS A 58 -1.41 7.34 -1.05
C LYS A 58 -1.88 8.70 -0.55
N SER A 59 -0.94 9.64 -0.45
CA SER A 59 -1.25 10.98 0.03
C SER A 59 -2.26 11.66 -0.90
N ASP A 60 -2.18 11.34 -2.19
CA ASP A 60 -3.09 11.92 -3.17
C ASP A 60 -4.37 11.10 -3.27
N ARG A 61 -4.73 10.44 -2.17
CA ARG A 61 -5.94 9.62 -2.14
C ARG A 61 -5.94 8.60 -3.28
N GLN A 62 -4.77 8.04 -3.56
CA GLN A 62 -4.63 7.06 -4.63
C GLN A 62 -4.15 5.72 -4.08
N ALA A 63 -4.95 4.68 -4.28
CA ALA A 63 -4.61 3.35 -3.80
C ALA A 63 -3.27 2.88 -4.37
N ALA A 64 -2.23 2.90 -3.53
CA ALA A 64 -0.90 2.49 -3.95
C ALA A 64 -0.82 0.97 -4.08
N GLY A 65 -1.52 0.26 -3.19
CA GLY A 65 -1.51 -1.19 -3.24
C GLY A 65 -1.85 -1.81 -1.90
N LYS A 66 -2.19 -3.09 -1.90
CA LYS A 66 -2.54 -3.80 -0.69
C LYS A 66 -1.29 -4.31 0.02
N ILE A 67 -1.35 -4.36 1.35
CA ILE A 67 -0.22 -4.84 2.15
C ILE A 67 0.24 -6.22 1.67
N PHE A 68 1.53 -6.33 1.39
CA PHE A 68 2.10 -7.60 0.93
C PHE A 68 2.56 -8.45 2.11
N GLU A 69 3.05 -7.79 3.15
CA GLU A 69 3.53 -8.48 4.34
C GLU A 69 3.81 -7.50 5.47
N ILE A 70 3.68 -7.96 6.71
CA ILE A 70 3.93 -7.12 7.87
C ILE A 70 4.95 -7.76 8.80
N PHE A 71 5.88 -6.95 9.29
CA PHE A 71 6.92 -7.44 10.19
C PHE A 71 7.31 -6.37 11.21
N GLY A 72 8.14 -6.75 12.17
CA GLY A 72 8.57 -5.81 13.19
C GLY A 72 7.90 -6.05 14.52
N PRO A 73 7.98 -5.05 15.43
CA PRO A 73 7.37 -5.14 16.76
C PRO A 73 5.85 -5.11 16.71
N VAL A 74 5.23 -4.84 17.86
CA VAL A 74 3.78 -4.79 17.95
C VAL A 74 3.30 -3.34 18.14
N ALA A 75 4.25 -2.44 18.32
CA ALA A 75 3.93 -1.03 18.52
C ALA A 75 4.45 -0.17 17.36
N HIS A 76 5.57 -0.59 16.79
CA HIS A 76 6.17 0.13 15.67
C HIS A 76 6.48 -0.81 14.51
N PRO A 77 5.50 -1.66 14.16
CA PRO A 77 5.64 -2.63 13.07
C PRO A 77 5.69 -1.95 11.70
N PHE A 78 6.34 -2.60 10.75
CA PHE A 78 6.46 -2.07 9.39
C PHE A 78 5.60 -2.86 8.42
N TYR A 79 4.89 -2.14 7.55
CA TYR A 79 4.02 -2.79 6.56
C TYR A 79 4.67 -2.77 5.18
N VAL A 80 4.47 -3.85 4.43
CA VAL A 80 5.02 -3.96 3.08
C VAL A 80 3.95 -3.77 2.03
N LEU A 81 4.35 -3.29 0.85
CA LEU A 81 3.42 -3.06 -0.24
C LEU A 81 3.72 -3.99 -1.41
N ARG A 82 2.68 -4.60 -1.97
CA ARG A 82 2.83 -5.52 -3.09
C ARG A 82 2.90 -4.75 -4.41
N PHE A 83 3.85 -5.13 -5.27
CA PHE A 83 4.02 -4.49 -6.56
C PHE A 83 4.69 -5.42 -7.55
N ASN A 84 4.07 -5.59 -8.71
CA ASN A 84 4.61 -6.47 -9.75
C ASN A 84 6.12 -6.24 -9.91
N SER A 85 6.49 -5.02 -10.25
CA SER A 85 7.90 -4.68 -10.44
C SER A 85 8.17 -3.23 -10.03
N SER A 86 9.45 -2.91 -9.85
CA SER A 86 9.84 -1.56 -9.44
C SER A 86 9.02 -0.51 -10.18
N ASP A 87 9.00 -0.60 -11.51
CA ASP A 87 8.26 0.33 -12.33
C ASP A 87 6.91 0.67 -11.69
N HIS A 88 6.16 -0.35 -11.31
CA HIS A 88 4.86 -0.17 -10.70
C HIS A 88 4.92 0.94 -9.64
N ILE A 89 5.95 0.91 -8.81
CA ILE A 89 6.12 1.91 -7.76
C ILE A 89 6.52 3.26 -8.36
N GLU A 90 7.55 3.25 -9.19
CA GLU A 90 8.04 4.47 -9.82
C GLU A 90 6.87 5.30 -10.36
N SER A 91 5.88 4.62 -10.91
CA SER A 91 4.71 5.29 -11.47
C SER A 91 3.85 5.90 -10.37
N LYS A 92 3.59 5.12 -9.33
CA LYS A 92 2.79 5.58 -8.20
C LYS A 92 3.42 6.82 -7.56
N GLY A 93 4.74 6.85 -7.54
CA GLY A 93 5.45 7.98 -6.95
C GLY A 93 5.88 7.71 -5.52
N ILE A 94 5.68 6.48 -5.06
CA ILE A 94 6.05 6.10 -3.71
C ILE A 94 7.56 5.97 -3.56
N LYS A 95 8.10 6.50 -2.47
CA LYS A 95 9.54 6.45 -2.21
C LYS A 95 9.83 6.81 -0.76
N ILE A 96 11.12 6.74 -0.40
CA ILE A 96 11.55 7.06 0.96
C ILE A 96 11.01 8.42 1.39
N LYS A 97 10.64 8.53 2.67
CA LYS A 97 10.12 9.77 3.21
C LYS A 97 8.77 10.12 2.60
N GLU A 98 7.92 9.09 2.45
CA GLU A 98 6.60 9.29 1.87
C GLU A 98 5.52 8.73 2.80
N THR A 99 4.80 9.61 3.47
CA THR A 99 3.74 9.22 4.39
C THR A 99 2.53 8.68 3.62
N MET A 100 1.98 7.57 4.09
CA MET A 100 0.81 6.96 3.45
C MET A 100 -0.38 6.96 4.40
N TYR A 101 -1.54 6.59 3.87
CA TYR A 101 -2.77 6.55 4.67
C TYR A 101 -3.66 5.40 4.23
N PHE A 102 -4.68 5.11 5.03
CA PHE A 102 -5.62 4.03 4.73
C PHE A 102 -7.06 4.50 4.93
N ALA A 103 -8.00 3.66 4.52
CA ALA A 103 -9.41 3.97 4.65
C ALA A 103 -10.13 2.94 5.52
N GLY A 1 -21.15 1.66 -22.78
CA GLY A 1 -19.91 1.06 -22.31
C GLY A 1 -20.04 -0.43 -22.08
N SER A 2 -18.97 -1.04 -21.59
CA SER A 2 -18.97 -2.48 -21.33
C SER A 2 -17.68 -2.89 -20.60
N SER A 3 -17.78 -3.93 -19.79
CA SER A 3 -16.63 -4.42 -19.03
C SER A 3 -16.75 -5.92 -18.77
N GLY A 4 -15.63 -6.56 -18.49
CA GLY A 4 -15.63 -7.99 -18.22
C GLY A 4 -14.66 -8.75 -19.09
N SER A 5 -13.62 -9.31 -18.47
CA SER A 5 -12.62 -10.06 -19.21
C SER A 5 -12.51 -11.49 -18.68
N SER A 6 -11.65 -12.29 -19.30
CA SER A 6 -11.47 -13.68 -18.91
C SER A 6 -9.98 -14.01 -18.79
N GLY A 7 -9.26 -13.83 -19.89
CA GLY A 7 -7.83 -14.12 -19.90
C GLY A 7 -7.10 -13.41 -18.79
N GLU A 8 -6.11 -14.08 -18.21
CA GLU A 8 -5.32 -13.51 -17.13
C GLU A 8 -4.16 -12.68 -17.67
N LEU A 9 -3.63 -11.79 -16.84
CA LEU A 9 -2.52 -10.93 -17.25
C LEU A 9 -1.28 -11.21 -16.39
N PRO A 10 -0.09 -10.94 -16.96
CA PRO A 10 1.19 -11.15 -16.27
C PRO A 10 1.39 -10.15 -15.12
N SER A 11 0.83 -8.96 -15.28
CA SER A 11 0.96 -7.91 -14.27
C SER A 11 -0.14 -8.04 -13.22
N VAL A 12 0.24 -7.90 -11.95
CA VAL A 12 -0.71 -7.99 -10.85
C VAL A 12 -1.92 -7.11 -11.09
N GLU A 13 -3.07 -7.51 -10.55
CA GLU A 13 -4.29 -6.75 -10.71
C GLU A 13 -4.09 -5.29 -10.31
N GLU A 14 -3.71 -4.46 -11.28
CA GLU A 14 -3.47 -3.05 -11.03
C GLU A 14 -4.55 -2.47 -10.13
N LEU A 15 -4.26 -2.39 -8.83
CA LEU A 15 -5.21 -1.86 -7.87
C LEU A 15 -5.30 -0.34 -7.98
N THR A 16 -6.36 0.14 -8.63
CA THR A 16 -6.57 1.58 -8.81
C THR A 16 -7.93 2.00 -8.27
N ILE A 17 -7.96 2.51 -7.05
CA ILE A 17 -9.19 2.96 -6.43
C ILE A 17 -9.07 4.39 -5.92
N ILE A 18 -9.90 5.28 -6.43
CA ILE A 18 -9.89 6.67 -6.02
C ILE A 18 -10.88 6.92 -4.88
N LEU A 19 -10.39 7.59 -3.84
CA LEU A 19 -11.24 7.89 -2.68
C LEU A 19 -11.78 9.32 -2.77
N PRO A 20 -13.09 9.46 -2.51
CA PRO A 20 -13.76 10.77 -2.55
C PRO A 20 -13.34 11.68 -1.40
N GLU A 21 -13.94 12.86 -1.33
CA GLU A 21 -13.62 13.81 -0.28
C GLU A 21 -14.52 13.61 0.94
N ASP A 22 -15.14 12.43 1.01
CA ASP A 22 -16.02 12.10 2.13
C ASP A 22 -15.35 11.12 3.07
N ILE A 23 -14.23 10.54 2.63
CA ILE A 23 -13.50 9.58 3.46
C ILE A 23 -12.28 10.23 4.10
N GLU A 24 -11.97 9.80 5.32
CA GLU A 24 -10.82 10.33 6.05
C GLU A 24 -9.61 9.41 5.93
N LEU A 25 -8.45 10.00 5.66
CA LEU A 25 -7.22 9.23 5.52
C LEU A 25 -6.29 9.47 6.71
N LYS A 26 -6.06 8.41 7.48
CA LYS A 26 -5.19 8.50 8.65
C LYS A 26 -3.75 8.09 8.29
N PRO A 27 -2.77 8.79 8.88
CA PRO A 27 -1.36 8.52 8.64
C PRO A 27 -0.91 7.19 9.24
N LEU A 28 -0.74 6.18 8.39
CA LEU A 28 -0.32 4.86 8.84
C LEU A 28 1.19 4.82 9.07
N GLY A 29 1.92 5.56 8.25
CA GLY A 29 3.37 5.60 8.39
C GLY A 29 4.06 6.26 7.21
N MET A 30 5.36 6.06 7.09
CA MET A 30 6.12 6.64 5.99
C MET A 30 7.14 5.65 5.44
N VAL A 31 7.24 5.58 4.12
CA VAL A 31 8.17 4.66 3.47
C VAL A 31 9.50 4.62 4.21
N SER A 32 9.86 3.45 4.73
CA SER A 32 11.11 3.28 5.46
C SER A 32 12.17 2.65 4.57
N SER A 33 11.73 1.83 3.62
CA SER A 33 12.65 1.15 2.71
C SER A 33 11.90 0.64 1.48
N ILE A 34 12.66 0.13 0.51
CA ILE A 34 12.07 -0.40 -0.72
C ILE A 34 12.66 -1.75 -1.07
N ILE A 35 11.80 -2.74 -1.25
CA ILE A 35 12.24 -4.09 -1.61
C ILE A 35 12.41 -4.24 -3.11
N GLU A 36 13.24 -5.21 -3.51
CA GLU A 36 13.49 -5.46 -4.92
C GLU A 36 12.24 -5.18 -5.75
N GLN A 37 11.09 -5.61 -5.25
CA GLN A 37 9.82 -5.40 -5.95
C GLN A 37 8.80 -4.75 -5.03
N LEU A 38 8.84 -5.12 -3.76
CA LEU A 38 7.91 -4.57 -2.78
C LEU A 38 8.47 -3.30 -2.14
N VAL A 39 7.67 -2.67 -1.28
CA VAL A 39 8.10 -1.45 -0.60
C VAL A 39 7.82 -1.53 0.89
N ILE A 40 8.80 -1.13 1.70
CA ILE A 40 8.67 -1.16 3.15
C ILE A 40 8.16 0.18 3.68
N ILE A 41 7.20 0.12 4.60
CA ILE A 41 6.63 1.32 5.19
C ILE A 41 6.61 1.23 6.71
N GLU A 42 7.34 2.13 7.35
CA GLU A 42 7.40 2.15 8.82
C GLU A 42 6.22 2.92 9.40
N SER A 43 5.67 2.41 10.50
CA SER A 43 4.53 3.05 11.16
C SER A 43 5.01 4.07 12.18
N MET A 44 4.05 4.80 12.76
CA MET A 44 4.37 5.81 13.76
C MET A 44 3.73 5.47 15.10
N THR A 45 2.41 5.61 15.17
CA THR A 45 1.67 5.32 16.39
C THR A 45 0.17 5.47 16.17
N ASN A 46 -0.61 5.11 17.19
CA ASN A 46 -2.06 5.19 17.11
C ASN A 46 -2.59 4.45 15.88
N LEU A 47 -1.87 3.41 15.47
CA LEU A 47 -2.25 2.62 14.32
C LEU A 47 -3.32 1.59 14.68
N PRO A 48 -4.44 1.59 13.94
CA PRO A 48 -5.54 0.67 14.18
C PRO A 48 -5.19 -0.76 13.80
N PRO A 49 -5.96 -1.73 14.33
CA PRO A 49 -5.75 -3.16 14.08
C PRO A 49 -6.09 -3.53 12.63
N VAL A 50 -5.17 -3.27 11.72
CA VAL A 50 -5.38 -3.58 10.31
C VAL A 50 -4.59 -4.83 9.91
N ASN A 51 -5.22 -5.68 9.09
CA ASN A 51 -4.58 -6.90 8.63
C ASN A 51 -4.06 -6.74 7.20
N GLU A 52 -3.35 -7.75 6.73
CA GLU A 52 -2.79 -7.73 5.38
C GLU A 52 -3.85 -7.29 4.36
N GLU A 53 -4.96 -8.02 4.33
CA GLU A 53 -6.04 -7.71 3.41
C GLU A 53 -6.27 -6.20 3.32
N THR A 54 -5.88 -5.49 4.37
CA THR A 54 -6.05 -4.03 4.41
C THR A 54 -5.32 -3.36 3.25
N VAL A 55 -5.99 -2.41 2.62
CA VAL A 55 -5.40 -1.68 1.49
C VAL A 55 -4.77 -0.37 1.95
N ILE A 56 -3.64 -0.02 1.35
CA ILE A 56 -2.94 1.20 1.69
C ILE A 56 -3.15 2.27 0.63
N PHE A 57 -3.63 3.44 1.06
CA PHE A 57 -3.88 4.55 0.14
C PHE A 57 -2.74 5.55 0.17
N LYS A 58 -2.52 6.24 -0.95
CA LYS A 58 -1.46 7.22 -1.05
C LYS A 58 -1.94 8.60 -0.60
N SER A 59 -1.06 9.58 -0.63
CA SER A 59 -1.40 10.94 -0.23
C SER A 59 -2.38 11.57 -1.21
N ASP A 60 -2.29 11.15 -2.48
CA ASP A 60 -3.17 11.67 -3.52
C ASP A 60 -4.46 10.87 -3.60
N ARG A 61 -4.82 10.23 -2.49
CA ARG A 61 -6.03 9.42 -2.43
C ARG A 61 -6.04 8.37 -3.54
N GLN A 62 -4.95 7.61 -3.63
CA GLN A 62 -4.84 6.58 -4.64
C GLN A 62 -4.34 5.27 -4.04
N ALA A 63 -5.22 4.26 -4.02
CA ALA A 63 -4.86 2.96 -3.47
C ALA A 63 -3.56 2.43 -4.08
N ALA A 64 -2.45 2.66 -3.37
CA ALA A 64 -1.15 2.21 -3.85
C ALA A 64 -1.10 0.69 -3.97
N GLY A 65 -1.76 0.02 -3.04
CA GLY A 65 -1.78 -1.44 -3.05
C GLY A 65 -2.08 -2.03 -1.69
N LYS A 66 -2.30 -3.34 -1.65
CA LYS A 66 -2.61 -4.02 -0.41
C LYS A 66 -1.33 -4.45 0.31
N ILE A 67 -1.42 -4.65 1.62
CA ILE A 67 -0.27 -5.05 2.41
C ILE A 67 0.28 -6.39 1.93
N PHE A 68 1.54 -6.39 1.50
CA PHE A 68 2.19 -7.61 1.03
C PHE A 68 2.71 -8.45 2.18
N GLU A 69 3.12 -7.77 3.26
CA GLU A 69 3.64 -8.45 4.44
C GLU A 69 3.91 -7.46 5.57
N ILE A 70 3.77 -7.92 6.80
CA ILE A 70 4.00 -7.08 7.97
C ILE A 70 5.01 -7.72 8.91
N PHE A 71 6.00 -6.94 9.32
CA PHE A 71 7.04 -7.43 10.23
C PHE A 71 7.39 -6.37 11.26
N GLY A 72 8.16 -6.77 12.28
CA GLY A 72 8.56 -5.85 13.31
C GLY A 72 7.78 -6.05 14.60
N PRO A 73 7.83 -5.06 15.50
CA PRO A 73 7.13 -5.12 16.79
C PRO A 73 5.62 -5.04 16.63
N VAL A 74 4.93 -4.74 17.73
CA VAL A 74 3.48 -4.63 17.72
C VAL A 74 3.04 -3.17 17.86
N ALA A 75 3.99 -2.30 18.18
CA ALA A 75 3.70 -0.88 18.35
C ALA A 75 4.32 -0.07 17.21
N HIS A 76 5.47 -0.51 16.72
CA HIS A 76 6.16 0.18 15.64
C HIS A 76 6.55 -0.79 14.53
N PRO A 77 5.57 -1.59 14.07
CA PRO A 77 5.78 -2.58 13.01
C PRO A 77 6.03 -1.93 11.65
N PHE A 78 6.15 -2.76 10.62
CA PHE A 78 6.39 -2.27 9.27
C PHE A 78 5.51 -2.99 8.26
N TYR A 79 4.78 -2.23 7.45
CA TYR A 79 3.90 -2.80 6.45
C TYR A 79 4.54 -2.75 5.06
N VAL A 80 4.45 -3.85 4.32
CA VAL A 80 5.02 -3.93 2.99
C VAL A 80 3.94 -3.77 1.92
N LEU A 81 4.35 -3.33 0.73
CA LEU A 81 3.42 -3.15 -0.38
C LEU A 81 3.77 -4.04 -1.55
N ARG A 82 2.75 -4.65 -2.16
CA ARG A 82 2.96 -5.54 -3.29
C ARG A 82 3.12 -4.74 -4.59
N PHE A 83 3.89 -5.28 -5.52
CA PHE A 83 4.12 -4.61 -6.80
C PHE A 83 4.75 -5.57 -7.81
N ASN A 84 4.08 -5.77 -8.94
CA ASN A 84 4.56 -6.65 -9.98
C ASN A 84 6.06 -6.42 -10.24
N SER A 85 6.43 -5.15 -10.37
CA SER A 85 7.83 -4.80 -10.62
C SER A 85 8.17 -3.45 -10.00
N SER A 86 9.42 -3.03 -10.14
CA SER A 86 9.87 -1.76 -9.59
C SER A 86 9.15 -0.59 -10.25
N ASP A 87 9.17 -0.57 -11.58
CA ASP A 87 8.51 0.49 -12.34
C ASP A 87 7.13 0.79 -11.77
N HIS A 88 6.43 -0.24 -11.32
CA HIS A 88 5.10 -0.08 -10.75
C HIS A 88 5.09 1.03 -9.71
N ILE A 89 6.03 0.95 -8.77
CA ILE A 89 6.13 1.94 -7.70
C ILE A 89 6.47 3.32 -8.27
N GLU A 90 7.63 3.40 -8.93
CA GLU A 90 8.08 4.66 -9.52
C GLU A 90 6.89 5.47 -10.05
N SER A 91 6.04 4.81 -10.82
CA SER A 91 4.87 5.47 -11.39
C SER A 91 3.98 6.06 -10.30
N LYS A 92 3.71 5.24 -9.27
CA LYS A 92 2.88 5.68 -8.16
C LYS A 92 3.45 6.92 -7.50
N GLY A 93 4.77 7.04 -7.53
CA GLY A 93 5.43 8.18 -6.92
C GLY A 93 5.90 7.91 -5.51
N ILE A 94 5.58 6.72 -5.00
CA ILE A 94 5.96 6.34 -3.65
C ILE A 94 7.48 6.30 -3.52
N LYS A 95 7.98 6.73 -2.37
CA LYS A 95 9.42 6.74 -2.10
C LYS A 95 9.71 7.01 -0.63
N ILE A 96 10.98 6.96 -0.26
CA ILE A 96 11.38 7.21 1.12
C ILE A 96 10.87 8.55 1.62
N LYS A 97 10.48 8.60 2.89
CA LYS A 97 9.97 9.83 3.48
C LYS A 97 8.61 10.19 2.90
N GLU A 98 7.82 9.18 2.59
CA GLU A 98 6.49 9.40 2.02
C GLU A 98 5.40 8.91 2.98
N THR A 99 4.69 9.86 3.57
CA THR A 99 3.62 9.53 4.51
C THR A 99 2.41 8.94 3.80
N MET A 100 2.06 7.71 4.15
CA MET A 100 0.93 7.03 3.54
C MET A 100 -0.27 7.02 4.48
N TYR A 101 -1.44 6.64 3.95
CA TYR A 101 -2.66 6.59 4.75
C TYR A 101 -3.55 5.45 4.29
N PHE A 102 -4.67 5.26 5.00
CA PHE A 102 -5.61 4.20 4.67
C PHE A 102 -7.05 4.69 4.80
N ALA A 103 -7.99 3.85 4.41
CA ALA A 103 -9.41 4.19 4.48
C ALA A 103 -10.26 2.95 4.72
N GLY A 1 -28.27 -13.65 -16.37
CA GLY A 1 -27.30 -14.62 -16.84
C GLY A 1 -26.51 -15.25 -15.71
N SER A 2 -25.34 -15.77 -16.03
CA SER A 2 -24.48 -16.40 -15.04
C SER A 2 -23.05 -15.89 -15.13
N SER A 3 -22.27 -16.13 -14.09
CA SER A 3 -20.88 -15.69 -14.06
C SER A 3 -20.03 -16.49 -15.04
N GLY A 4 -19.11 -15.81 -15.71
CA GLY A 4 -18.24 -16.47 -16.67
C GLY A 4 -16.90 -16.86 -16.08
N SER A 5 -15.85 -16.76 -16.89
CA SER A 5 -14.50 -17.10 -16.44
C SER A 5 -13.59 -15.88 -16.48
N SER A 6 -13.15 -15.44 -15.30
CA SER A 6 -12.28 -14.28 -15.21
C SER A 6 -10.86 -14.62 -15.66
N GLY A 7 -10.21 -15.53 -14.94
CA GLY A 7 -8.86 -15.93 -15.29
C GLY A 7 -7.82 -15.31 -14.37
N GLU A 8 -6.78 -16.08 -14.07
CA GLU A 8 -5.72 -15.60 -13.19
C GLU A 8 -4.57 -15.00 -14.00
N LEU A 9 -3.83 -14.09 -13.39
CA LEU A 9 -2.71 -13.43 -14.05
C LEU A 9 -1.45 -13.48 -13.19
N PRO A 10 -0.28 -13.45 -13.83
CA PRO A 10 1.01 -13.48 -13.14
C PRO A 10 1.28 -12.20 -12.37
N SER A 11 0.98 -11.06 -12.99
CA SER A 11 1.20 -9.76 -12.37
C SER A 11 -0.02 -9.34 -11.54
N VAL A 12 0.23 -8.64 -10.44
CA VAL A 12 -0.83 -8.18 -9.56
C VAL A 12 -1.79 -7.26 -10.30
N GLU A 13 -3.09 -7.44 -10.08
CA GLU A 13 -4.09 -6.62 -10.72
C GLU A 13 -4.06 -5.18 -10.18
N GLU A 14 -3.46 -4.28 -10.95
CA GLU A 14 -3.36 -2.88 -10.55
C GLU A 14 -4.61 -2.44 -9.80
N LEU A 15 -4.43 -2.00 -8.57
CA LEU A 15 -5.55 -1.55 -7.74
C LEU A 15 -5.68 -0.03 -7.78
N THR A 16 -6.61 0.46 -8.60
CA THR A 16 -6.84 1.88 -8.74
C THR A 16 -8.17 2.30 -8.11
N ILE A 17 -8.11 2.78 -6.87
CA ILE A 17 -9.30 3.20 -6.16
C ILE A 17 -9.14 4.61 -5.60
N ILE A 18 -9.98 5.53 -6.06
CA ILE A 18 -9.93 6.91 -5.60
C ILE A 18 -10.89 7.14 -4.43
N LEU A 19 -10.38 7.79 -3.39
CA LEU A 19 -11.19 8.07 -2.20
C LEU A 19 -11.74 9.49 -2.25
N PRO A 20 -13.03 9.63 -1.93
CA PRO A 20 -13.71 10.93 -1.91
C PRO A 20 -13.23 11.83 -0.79
N GLU A 21 -13.87 12.99 -0.63
CA GLU A 21 -13.50 13.94 0.41
C GLU A 21 -14.38 13.75 1.65
N ASP A 22 -15.01 12.58 1.74
CA ASP A 22 -15.88 12.28 2.88
C ASP A 22 -15.22 11.28 3.82
N ILE A 23 -14.11 10.70 3.37
CA ILE A 23 -13.38 9.72 4.17
C ILE A 23 -12.21 10.37 4.89
N GLU A 24 -11.89 9.86 6.07
CA GLU A 24 -10.79 10.39 6.87
C GLU A 24 -9.54 9.53 6.72
N LEU A 25 -8.54 10.06 6.02
CA LEU A 25 -7.28 9.34 5.80
C LEU A 25 -6.32 9.56 6.97
N LYS A 26 -5.99 8.48 7.66
CA LYS A 26 -5.07 8.54 8.80
C LYS A 26 -3.65 8.20 8.36
N PRO A 27 -2.68 8.91 8.95
CA PRO A 27 -1.25 8.71 8.64
C PRO A 27 -0.73 7.37 9.17
N LEU A 28 -0.84 6.34 8.35
CA LEU A 28 -0.38 5.00 8.74
C LEU A 28 1.13 5.01 9.04
N GLY A 29 1.88 5.74 8.22
CA GLY A 29 3.31 5.82 8.42
C GLY A 29 4.03 6.43 7.22
N MET A 30 5.34 6.25 7.16
CA MET A 30 6.15 6.78 6.07
C MET A 30 7.11 5.74 5.54
N VAL A 31 7.27 5.68 4.23
CA VAL A 31 8.17 4.73 3.60
C VAL A 31 9.52 4.70 4.29
N SER A 32 9.99 3.50 4.62
CA SER A 32 11.28 3.35 5.30
C SER A 32 12.28 2.65 4.39
N SER A 33 11.79 1.70 3.60
CA SER A 33 12.65 0.94 2.68
C SER A 33 11.84 0.42 1.50
N ILE A 34 12.56 -0.12 0.51
CA ILE A 34 11.91 -0.66 -0.68
C ILE A 34 12.46 -2.03 -1.04
N ILE A 35 11.57 -3.00 -1.21
CA ILE A 35 11.98 -4.37 -1.54
C ILE A 35 12.09 -4.54 -3.05
N GLU A 36 12.87 -5.53 -3.47
CA GLU A 36 13.06 -5.81 -4.89
C GLU A 36 11.79 -5.47 -5.68
N GLN A 37 10.70 -6.14 -5.34
CA GLN A 37 9.43 -5.91 -6.02
C GLN A 37 8.42 -5.22 -5.10
N LEU A 38 8.57 -5.46 -3.80
CA LEU A 38 7.68 -4.87 -2.81
C LEU A 38 8.31 -3.62 -2.19
N VAL A 39 7.53 -2.91 -1.37
CA VAL A 39 8.01 -1.71 -0.72
C VAL A 39 7.79 -1.78 0.79
N ILE A 40 8.76 -1.29 1.55
CA ILE A 40 8.69 -1.30 3.00
C ILE A 40 8.24 0.06 3.54
N ILE A 41 7.31 0.04 4.48
CA ILE A 41 6.81 1.26 5.08
C ILE A 41 6.85 1.20 6.60
N GLU A 42 7.35 2.26 7.23
CA GLU A 42 7.45 2.32 8.68
C GLU A 42 6.26 3.09 9.27
N SER A 43 5.77 2.61 10.41
CA SER A 43 4.64 3.23 11.08
C SER A 43 5.12 4.26 12.09
N MET A 44 4.17 4.98 12.69
CA MET A 44 4.48 5.99 13.68
C MET A 44 3.85 5.65 15.04
N THR A 45 2.53 5.77 15.12
CA THR A 45 1.82 5.48 16.35
C THR A 45 0.31 5.60 16.15
N ASN A 46 -0.44 5.24 17.17
CA ASN A 46 -1.91 5.31 17.11
C ASN A 46 -2.43 4.57 15.88
N LEU A 47 -1.73 3.52 15.48
CA LEU A 47 -2.12 2.73 14.31
C LEU A 47 -3.23 1.75 14.67
N PRO A 48 -4.31 1.76 13.87
CA PRO A 48 -5.46 0.87 14.08
C PRO A 48 -5.13 -0.58 13.77
N PRO A 49 -5.92 -1.51 14.33
CA PRO A 49 -5.73 -2.95 14.12
C PRO A 49 -6.07 -3.38 12.70
N VAL A 50 -5.14 -3.16 11.78
CA VAL A 50 -5.35 -3.52 10.38
C VAL A 50 -4.49 -4.72 9.99
N ASN A 51 -5.07 -5.62 9.20
CA ASN A 51 -4.35 -6.81 8.76
C ASN A 51 -3.89 -6.67 7.32
N GLU A 52 -3.29 -7.72 6.77
CA GLU A 52 -2.80 -7.71 5.40
C GLU A 52 -3.90 -7.29 4.44
N GLU A 53 -5.03 -7.97 4.50
CA GLU A 53 -6.16 -7.67 3.63
C GLU A 53 -6.40 -6.16 3.55
N THR A 54 -5.93 -5.45 4.58
CA THR A 54 -6.09 -4.00 4.63
C THR A 54 -5.42 -3.32 3.45
N VAL A 55 -6.11 -2.36 2.84
CA VAL A 55 -5.58 -1.64 1.70
C VAL A 55 -4.86 -0.36 2.14
N ILE A 56 -3.80 0.00 1.41
CA ILE A 56 -3.04 1.20 1.73
C ILE A 56 -3.24 2.27 0.67
N PHE A 57 -3.79 3.41 1.07
CA PHE A 57 -4.04 4.52 0.16
C PHE A 57 -2.86 5.48 0.15
N LYS A 58 -2.62 6.12 -0.99
CA LYS A 58 -1.53 7.07 -1.14
C LYS A 58 -1.96 8.46 -0.69
N SER A 59 -0.98 9.35 -0.55
CA SER A 59 -1.25 10.72 -0.11
C SER A 59 -2.17 11.42 -1.10
N ASP A 60 -2.14 11.00 -2.35
CA ASP A 60 -2.98 11.58 -3.39
C ASP A 60 -4.32 10.86 -3.48
N ARG A 61 -4.68 10.16 -2.41
CA ARG A 61 -5.94 9.42 -2.36
C ARG A 61 -6.00 8.37 -3.46
N GLN A 62 -4.96 7.54 -3.55
CA GLN A 62 -4.89 6.50 -4.57
C GLN A 62 -4.46 5.17 -3.95
N ALA A 63 -5.35 4.20 -3.95
CA ALA A 63 -5.06 2.88 -3.40
C ALA A 63 -3.78 2.30 -4.01
N ALA A 64 -2.66 2.53 -3.34
CA ALA A 64 -1.37 2.03 -3.81
C ALA A 64 -1.37 0.50 -3.90
N GLY A 65 -2.12 -0.14 -3.01
CA GLY A 65 -2.19 -1.59 -3.01
C GLY A 65 -2.46 -2.15 -1.63
N LYS A 66 -2.71 -3.46 -1.57
CA LYS A 66 -2.97 -4.12 -0.30
C LYS A 66 -1.68 -4.62 0.34
N ILE A 67 -1.66 -4.65 1.68
CA ILE A 67 -0.49 -5.11 2.41
C ILE A 67 -0.10 -6.52 1.99
N PHE A 68 1.14 -6.67 1.53
CA PHE A 68 1.64 -7.98 1.11
C PHE A 68 2.22 -8.76 2.29
N GLU A 69 2.90 -8.05 3.18
CA GLU A 69 3.51 -8.66 4.36
C GLU A 69 3.80 -7.62 5.42
N ILE A 70 3.74 -8.04 6.68
CA ILE A 70 4.00 -7.15 7.80
C ILE A 70 5.04 -7.74 8.75
N PHE A 71 6.03 -6.95 9.11
CA PHE A 71 7.09 -7.39 10.01
C PHE A 71 7.48 -6.27 10.97
N GLY A 72 8.30 -6.62 11.98
CA GLY A 72 8.74 -5.64 12.95
C GLY A 72 8.11 -5.86 14.31
N PRO A 73 8.23 -4.84 15.19
CA PRO A 73 7.67 -4.91 16.54
C PRO A 73 6.15 -4.88 16.55
N VAL A 74 5.58 -4.59 17.71
CA VAL A 74 4.12 -4.53 17.86
C VAL A 74 3.65 -3.10 18.04
N ALA A 75 4.60 -2.18 18.20
CA ALA A 75 4.27 -0.77 18.38
C ALA A 75 4.74 0.06 17.18
N HIS A 76 5.84 -0.38 16.57
CA HIS A 76 6.39 0.33 15.41
C HIS A 76 6.66 -0.65 14.27
N PRO A 77 5.66 -1.50 13.96
CA PRO A 77 5.77 -2.49 12.89
C PRO A 77 5.79 -1.84 11.50
N PHE A 78 6.42 -2.51 10.55
CA PHE A 78 6.51 -2.01 9.19
C PHE A 78 5.65 -2.85 8.24
N TYR A 79 4.87 -2.18 7.40
CA TYR A 79 4.00 -2.86 6.45
C TYR A 79 4.63 -2.89 5.06
N VAL A 80 4.36 -3.96 4.31
CA VAL A 80 4.90 -4.11 2.97
C VAL A 80 3.80 -3.99 1.92
N LEU A 81 4.16 -3.46 0.76
CA LEU A 81 3.20 -3.28 -0.33
C LEU A 81 3.58 -4.15 -1.53
N ARG A 82 2.57 -4.62 -2.25
CA ARG A 82 2.79 -5.46 -3.43
C ARG A 82 2.96 -4.61 -4.68
N PHE A 83 3.81 -5.06 -5.59
CA PHE A 83 4.07 -4.34 -6.83
C PHE A 83 4.81 -5.23 -7.84
N ASN A 84 4.35 -5.22 -9.08
CA ASN A 84 4.96 -6.02 -10.13
C ASN A 84 6.48 -5.91 -10.08
N SER A 85 6.99 -4.68 -10.19
CA SER A 85 8.43 -4.45 -10.16
C SER A 85 8.73 -3.04 -9.64
N SER A 86 10.01 -2.68 -9.64
CA SER A 86 10.44 -1.37 -9.16
C SER A 86 9.66 -0.26 -9.87
N ASP A 87 9.60 -0.35 -11.20
CA ASP A 87 8.89 0.65 -12.00
C ASP A 87 7.51 0.93 -11.42
N HIS A 88 6.72 -0.13 -11.26
CA HIS A 88 5.36 0.00 -10.71
C HIS A 88 5.32 1.06 -9.62
N ILE A 89 6.35 1.07 -8.77
CA ILE A 89 6.43 2.03 -7.68
C ILE A 89 6.59 3.46 -8.21
N GLU A 90 7.69 3.71 -8.90
CA GLU A 90 7.96 5.02 -9.46
C GLU A 90 6.69 5.65 -10.01
N SER A 91 6.00 4.92 -10.88
CA SER A 91 4.76 5.41 -11.49
C SER A 91 3.79 5.87 -10.41
N LYS A 92 3.58 5.03 -9.40
CA LYS A 92 2.67 5.36 -8.31
C LYS A 92 3.15 6.59 -7.55
N GLY A 93 4.47 6.78 -7.50
CA GLY A 93 5.02 7.93 -6.81
C GLY A 93 5.52 7.58 -5.42
N ILE A 94 5.38 6.31 -5.04
CA ILE A 94 5.80 5.85 -3.72
C ILE A 94 7.33 5.82 -3.63
N LYS A 95 7.85 6.25 -2.49
CA LYS A 95 9.29 6.28 -2.27
C LYS A 95 9.61 6.63 -0.82
N ILE A 96 10.89 6.63 -0.49
CA ILE A 96 11.33 6.94 0.87
C ILE A 96 10.86 8.33 1.28
N LYS A 97 10.50 8.47 2.56
CA LYS A 97 10.03 9.74 3.09
C LYS A 97 8.66 10.11 2.50
N GLU A 98 7.82 9.10 2.31
CA GLU A 98 6.48 9.31 1.76
C GLU A 98 5.42 8.81 2.72
N THR A 99 4.71 9.75 3.35
CA THR A 99 3.66 9.39 4.30
C THR A 99 2.44 8.82 3.58
N MET A 100 1.98 7.66 4.05
CA MET A 100 0.82 7.00 3.46
C MET A 100 -0.37 7.04 4.40
N TYR A 101 -1.54 6.64 3.90
CA TYR A 101 -2.75 6.62 4.71
C TYR A 101 -3.66 5.48 4.30
N PHE A 102 -4.71 5.24 5.09
CA PHE A 102 -5.65 4.17 4.81
C PHE A 102 -7.08 4.63 5.05
N ALA A 103 -8.05 3.79 4.69
CA ALA A 103 -9.46 4.11 4.87
C ALA A 103 -10.13 3.10 5.79
N GLY A 1 -23.33 -11.01 -14.71
CA GLY A 1 -22.67 -10.68 -13.47
C GLY A 1 -21.83 -11.82 -12.93
N SER A 2 -20.97 -12.36 -13.77
CA SER A 2 -20.11 -13.47 -13.38
C SER A 2 -18.73 -12.97 -12.94
N SER A 3 -18.24 -13.48 -11.82
CA SER A 3 -16.94 -13.09 -11.30
C SER A 3 -16.11 -14.31 -10.94
N GLY A 4 -14.81 -14.09 -10.72
CA GLY A 4 -13.92 -15.19 -10.37
C GLY A 4 -14.34 -15.88 -9.09
N SER A 5 -14.11 -17.19 -9.03
CA SER A 5 -14.48 -17.97 -7.86
C SER A 5 -13.25 -18.65 -7.26
N SER A 6 -12.54 -19.43 -8.08
CA SER A 6 -11.35 -20.13 -7.63
C SER A 6 -10.27 -20.10 -8.71
N GLY A 7 -9.09 -19.64 -8.35
CA GLY A 7 -7.99 -19.57 -9.29
C GLY A 7 -7.37 -18.19 -9.36
N GLU A 8 -6.76 -17.76 -8.27
CA GLU A 8 -6.13 -16.44 -8.21
C GLU A 8 -4.95 -16.36 -9.18
N LEU A 9 -4.56 -15.14 -9.53
CA LEU A 9 -3.45 -14.93 -10.44
C LEU A 9 -2.17 -14.62 -9.69
N PRO A 10 -1.02 -14.94 -10.31
CA PRO A 10 0.30 -14.71 -9.71
C PRO A 10 0.64 -13.22 -9.63
N SER A 11 0.12 -12.45 -10.58
CA SER A 11 0.37 -11.01 -10.61
C SER A 11 -0.66 -10.26 -9.78
N VAL A 12 -0.37 -8.99 -9.49
CA VAL A 12 -1.26 -8.16 -8.70
C VAL A 12 -2.05 -7.21 -9.58
N GLU A 13 -3.38 -7.32 -9.53
CA GLU A 13 -4.25 -6.48 -10.34
C GLU A 13 -4.09 -5.01 -9.95
N GLU A 14 -3.52 -4.22 -10.86
CA GLU A 14 -3.31 -2.80 -10.62
C GLU A 14 -4.44 -2.21 -9.79
N LEU A 15 -4.25 -2.17 -8.47
CA LEU A 15 -5.25 -1.63 -7.57
C LEU A 15 -5.37 -0.12 -7.71
N THR A 16 -6.38 0.33 -8.46
CA THR A 16 -6.60 1.74 -8.68
C THR A 16 -7.96 2.19 -8.14
N ILE A 17 -7.96 2.72 -6.93
CA ILE A 17 -9.20 3.18 -6.30
C ILE A 17 -9.04 4.60 -5.76
N ILE A 18 -9.88 5.51 -6.25
CA ILE A 18 -9.84 6.90 -5.82
C ILE A 18 -10.82 7.15 -4.67
N LEU A 19 -10.33 7.77 -3.61
CA LEU A 19 -11.16 8.08 -2.45
C LEU A 19 -11.68 9.50 -2.50
N PRO A 20 -12.97 9.68 -2.19
CA PRO A 20 -13.61 11.00 -2.20
C PRO A 20 -13.12 11.89 -1.06
N GLU A 21 -13.71 13.07 -0.93
CA GLU A 21 -13.33 14.02 0.11
C GLU A 21 -14.22 13.85 1.34
N ASP A 22 -14.94 12.73 1.39
CA ASP A 22 -15.82 12.45 2.52
C ASP A 22 -15.19 11.45 3.48
N ILE A 23 -14.07 10.87 3.07
CA ILE A 23 -13.36 9.90 3.89
C ILE A 23 -12.17 10.54 4.58
N GLU A 24 -11.85 10.05 5.78
CA GLU A 24 -10.73 10.57 6.55
C GLU A 24 -9.52 9.64 6.45
N LEU A 25 -8.46 10.13 5.80
CA LEU A 25 -7.24 9.35 5.63
C LEU A 25 -6.28 9.59 6.79
N LYS A 26 -6.11 8.58 7.63
CA LYS A 26 -5.22 8.68 8.78
C LYS A 26 -3.79 8.32 8.39
N PRO A 27 -2.82 9.04 8.97
CA PRO A 27 -1.39 8.81 8.70
C PRO A 27 -0.89 7.49 9.27
N LEU A 28 -0.89 6.45 8.44
CA LEU A 28 -0.44 5.13 8.86
C LEU A 28 1.04 5.14 9.18
N GLY A 29 1.83 5.80 8.33
CA GLY A 29 3.26 5.88 8.54
C GLY A 29 3.99 6.51 7.38
N MET A 30 5.25 6.15 7.21
CA MET A 30 6.06 6.70 6.12
C MET A 30 7.03 5.64 5.59
N VAL A 31 7.30 5.70 4.29
CA VAL A 31 8.22 4.76 3.65
C VAL A 31 9.53 4.66 4.43
N SER A 32 10.02 3.44 4.59
CA SER A 32 11.26 3.20 5.32
C SER A 32 12.31 2.56 4.41
N SER A 33 11.85 1.74 3.47
CA SER A 33 12.74 1.06 2.54
C SER A 33 11.97 0.53 1.34
N ILE A 34 12.70 0.02 0.34
CA ILE A 34 12.08 -0.52 -0.85
C ILE A 34 12.65 -1.90 -1.19
N ILE A 35 11.77 -2.87 -1.36
CA ILE A 35 12.19 -4.23 -1.69
C ILE A 35 12.34 -4.41 -3.20
N GLU A 36 13.13 -5.40 -3.59
CA GLU A 36 13.36 -5.68 -5.00
C GLU A 36 12.13 -5.34 -5.83
N GLN A 37 10.96 -5.74 -5.34
CA GLN A 37 9.71 -5.48 -6.04
C GLN A 37 8.69 -4.83 -5.11
N LEU A 38 8.73 -5.22 -3.84
CA LEU A 38 7.81 -4.67 -2.85
C LEU A 38 8.38 -3.41 -2.21
N VAL A 39 7.57 -2.75 -1.38
CA VAL A 39 8.00 -1.53 -0.70
C VAL A 39 7.79 -1.63 0.79
N ILE A 40 8.76 -1.15 1.56
CA ILE A 40 8.67 -1.18 3.01
C ILE A 40 8.22 0.16 3.57
N ILE A 41 7.28 0.12 4.51
CA ILE A 41 6.76 1.33 5.12
C ILE A 41 6.77 1.23 6.65
N GLU A 42 7.34 2.24 7.29
CA GLU A 42 7.41 2.26 8.75
C GLU A 42 6.18 2.94 9.35
N SER A 43 5.84 2.53 10.58
CA SER A 43 4.67 3.09 11.26
C SER A 43 5.10 4.11 12.31
N MET A 44 4.17 4.96 12.73
CA MET A 44 4.45 5.97 13.74
C MET A 44 3.91 5.55 15.10
N THR A 45 2.59 5.60 15.25
CA THR A 45 1.94 5.22 16.49
C THR A 45 0.43 5.29 16.37
N ASN A 46 -0.27 4.84 17.42
CA ASN A 46 -1.72 4.85 17.43
C ASN A 46 -2.28 4.19 16.18
N LEU A 47 -1.57 3.18 15.69
CA LEU A 47 -1.99 2.46 14.49
C LEU A 47 -3.03 1.39 14.83
N PRO A 48 -4.16 1.40 14.10
CA PRO A 48 -5.23 0.43 14.31
C PRO A 48 -4.85 -0.97 13.86
N PRO A 49 -5.54 -1.98 14.43
CA PRO A 49 -5.28 -3.38 14.11
C PRO A 49 -5.73 -3.74 12.68
N VAL A 50 -4.89 -3.40 11.72
CA VAL A 50 -5.19 -3.69 10.31
C VAL A 50 -4.44 -4.93 9.84
N ASN A 51 -5.16 -5.82 9.16
CA ASN A 51 -4.57 -7.05 8.64
C ASN A 51 -4.04 -6.84 7.22
N GLU A 52 -3.39 -7.86 6.68
CA GLU A 52 -2.85 -7.80 5.33
C GLU A 52 -3.90 -7.34 4.34
N GLU A 53 -5.07 -8.00 4.38
CA GLU A 53 -6.16 -7.67 3.49
C GLU A 53 -6.39 -6.15 3.43
N THR A 54 -5.91 -5.46 4.47
CA THR A 54 -6.07 -4.01 4.55
C THR A 54 -5.37 -3.32 3.38
N VAL A 55 -6.08 -2.42 2.72
CA VAL A 55 -5.54 -1.69 1.59
C VAL A 55 -4.85 -0.40 2.05
N ILE A 56 -3.78 -0.03 1.36
CA ILE A 56 -3.04 1.18 1.69
C ILE A 56 -3.24 2.26 0.64
N PHE A 57 -3.67 3.43 1.07
CA PHE A 57 -3.90 4.55 0.16
C PHE A 57 -2.71 5.51 0.17
N LYS A 58 -2.54 6.23 -0.94
CA LYS A 58 -1.44 7.18 -1.05
C LYS A 58 -1.88 8.58 -0.61
N SER A 59 -0.92 9.49 -0.50
CA SER A 59 -1.22 10.86 -0.07
C SER A 59 -2.12 11.55 -1.10
N ASP A 60 -2.08 11.09 -2.34
CA ASP A 60 -2.89 11.66 -3.40
C ASP A 60 -4.23 10.97 -3.50
N ARG A 61 -4.62 10.29 -2.41
CA ARG A 61 -5.89 9.57 -2.38
C ARG A 61 -5.95 8.51 -3.47
N GLN A 62 -4.87 7.74 -3.58
CA GLN A 62 -4.80 6.68 -4.59
C GLN A 62 -4.37 5.36 -3.96
N ALA A 63 -5.26 4.37 -4.02
CA ALA A 63 -4.98 3.06 -3.46
C ALA A 63 -3.69 2.49 -4.02
N ALA A 64 -2.59 2.66 -3.27
CA ALA A 64 -1.29 2.16 -3.70
C ALA A 64 -1.30 0.65 -3.85
N GLY A 65 -1.95 -0.02 -2.90
CA GLY A 65 -2.02 -1.48 -2.95
C GLY A 65 -2.32 -2.08 -1.59
N LYS A 66 -2.51 -3.40 -1.56
CA LYS A 66 -2.80 -4.11 -0.32
C LYS A 66 -1.52 -4.57 0.36
N ILE A 67 -1.54 -4.64 1.68
CA ILE A 67 -0.38 -5.08 2.45
C ILE A 67 0.12 -6.43 1.96
N PHE A 68 1.31 -6.45 1.40
CA PHE A 68 1.91 -7.68 0.90
C PHE A 68 2.48 -8.52 2.04
N GLU A 69 2.92 -7.84 3.10
CA GLU A 69 3.49 -8.52 4.26
C GLU A 69 3.74 -7.53 5.39
N ILE A 70 3.74 -8.04 6.62
CA ILE A 70 3.96 -7.21 7.80
C ILE A 70 5.00 -7.83 8.72
N PHE A 71 5.94 -7.02 9.18
CA PHE A 71 7.00 -7.48 10.08
C PHE A 71 7.39 -6.40 11.07
N GLY A 72 8.24 -6.76 12.03
CA GLY A 72 8.67 -5.81 13.03
C GLY A 72 8.01 -6.04 14.38
N PRO A 73 8.11 -5.03 15.26
CA PRO A 73 7.51 -5.10 16.60
C PRO A 73 5.99 -5.05 16.56
N VAL A 74 5.38 -4.77 17.72
CA VAL A 74 3.94 -4.69 17.81
C VAL A 74 3.47 -3.25 17.98
N ALA A 75 4.44 -2.35 18.21
CA ALA A 75 4.12 -0.93 18.39
C ALA A 75 4.67 -0.10 17.23
N HIS A 76 5.74 -0.60 16.61
CA HIS A 76 6.35 0.11 15.49
C HIS A 76 6.63 -0.85 14.33
N PRO A 77 5.61 -1.67 14.00
CA PRO A 77 5.71 -2.65 12.91
C PRO A 77 5.75 -1.99 11.54
N PHE A 78 6.38 -2.65 10.58
CA PHE A 78 6.49 -2.12 9.23
C PHE A 78 5.64 -2.93 8.26
N TYR A 79 4.90 -2.23 7.40
CA TYR A 79 4.05 -2.88 6.42
C TYR A 79 4.70 -2.89 5.04
N VAL A 80 4.40 -3.94 4.26
CA VAL A 80 4.96 -4.06 2.92
C VAL A 80 3.87 -3.92 1.86
N LEU A 81 4.25 -3.41 0.69
CA LEU A 81 3.31 -3.22 -0.40
C LEU A 81 3.67 -4.10 -1.60
N ARG A 82 2.67 -4.67 -2.24
CA ARG A 82 2.88 -5.53 -3.40
C ARG A 82 3.02 -4.70 -4.67
N PHE A 83 3.97 -5.08 -5.52
CA PHE A 83 4.20 -4.37 -6.78
C PHE A 83 4.93 -5.26 -7.78
N ASN A 84 4.37 -5.38 -8.97
CA ASN A 84 4.96 -6.20 -10.02
C ASN A 84 6.48 -6.05 -10.03
N SER A 85 6.95 -4.83 -10.25
CA SER A 85 8.38 -4.55 -10.28
C SER A 85 8.68 -3.14 -9.79
N SER A 86 9.95 -2.76 -9.84
CA SER A 86 10.36 -1.43 -9.40
C SER A 86 9.57 -0.34 -10.10
N ASP A 87 9.50 -0.43 -11.43
CA ASP A 87 8.77 0.55 -12.22
C ASP A 87 7.37 0.79 -11.65
N HIS A 88 6.67 -0.30 -11.37
CA HIS A 88 5.33 -0.21 -10.80
C HIS A 88 5.26 0.85 -9.70
N ILE A 89 6.28 0.89 -8.87
CA ILE A 89 6.35 1.85 -7.77
C ILE A 89 6.60 3.26 -8.31
N GLU A 90 7.74 3.45 -8.97
CA GLU A 90 8.10 4.75 -9.52
C GLU A 90 6.87 5.46 -10.08
N SER A 91 6.03 4.71 -10.77
CA SER A 91 4.81 5.27 -11.36
C SER A 91 3.91 5.87 -10.29
N LYS A 92 3.55 5.06 -9.31
CA LYS A 92 2.70 5.52 -8.21
C LYS A 92 3.30 6.74 -7.53
N GLY A 93 4.63 6.80 -7.49
CA GLY A 93 5.30 7.92 -6.86
C GLY A 93 5.81 7.58 -5.47
N ILE A 94 5.48 6.38 -4.99
CA ILE A 94 5.91 5.94 -3.68
C ILE A 94 7.43 5.96 -3.56
N LYS A 95 7.93 6.52 -2.46
CA LYS A 95 9.36 6.60 -2.22
C LYS A 95 9.65 6.88 -0.75
N ILE A 96 10.94 6.87 -0.39
CA ILE A 96 11.34 7.13 0.98
C ILE A 96 10.81 8.47 1.48
N LYS A 97 10.45 8.53 2.75
CA LYS A 97 9.93 9.76 3.35
C LYS A 97 8.58 10.13 2.73
N GLU A 98 7.76 9.12 2.48
CA GLU A 98 6.44 9.34 1.90
C GLU A 98 5.34 8.89 2.86
N THR A 99 4.62 9.86 3.41
CA THR A 99 3.54 9.56 4.35
C THR A 99 2.34 8.93 3.63
N MET A 100 1.87 7.82 4.15
CA MET A 100 0.74 7.12 3.56
C MET A 100 -0.45 7.11 4.52
N TYR A 101 -1.61 6.69 4.03
CA TYR A 101 -2.82 6.64 4.83
C TYR A 101 -3.70 5.47 4.42
N PHE A 102 -4.76 5.23 5.19
CA PHE A 102 -5.69 4.15 4.90
C PHE A 102 -7.13 4.59 5.11
N ALA A 103 -8.08 3.76 4.69
CA ALA A 103 -9.49 4.06 4.83
C ALA A 103 -10.21 2.99 5.64
#